data_2JR7
#
_entry.id   2JR7
#
loop_
_entity.id
_entity.type
_entity.pdbx_description
1 polymer 'DPH3 homolog'
2 non-polymer 'ZINC ION'
#
_entity_poly.entity_id   1
_entity_poly.type   'polypeptide(L)'
_entity_poly.pdbx_seq_one_letter_code
;MAVFHDEVEIEDFQYDEDSETYFYPCPCGDNFSITKEDLENGEDVATCPSCSLIIKVIYDKDQFVSGETVPAPSANKELV
KLEHHHHHH
;
_entity_poly.pdbx_strand_id   A
#
loop_
_chem_comp.id
_chem_comp.type
_chem_comp.name
_chem_comp.formula
ZN non-polymer 'ZINC ION' 'Zn 2'
#
# COMPACT_ATOMS: atom_id res chain seq x y z
N MET A 1 13.18 4.82 -18.40
CA MET A 1 12.68 5.13 -17.03
C MET A 1 13.61 6.10 -16.31
N ALA A 2 13.04 6.93 -15.44
CA ALA A 2 13.82 7.92 -14.68
C ALA A 2 13.46 7.88 -13.20
N VAL A 3 12.16 7.95 -12.90
CA VAL A 3 11.69 7.93 -11.52
C VAL A 3 10.62 6.86 -11.31
N PHE A 4 10.96 5.81 -10.55
CA PHE A 4 10.05 4.70 -10.27
C PHE A 4 9.62 4.00 -11.56
N HIS A 5 8.85 2.92 -11.42
CA HIS A 5 8.37 2.17 -12.58
C HIS A 5 7.01 2.70 -13.02
N ASP A 6 6.00 2.57 -12.15
CA ASP A 6 4.66 3.04 -12.45
C ASP A 6 3.78 2.98 -11.20
N GLU A 7 2.98 4.04 -10.99
CA GLU A 7 2.09 4.09 -9.82
C GLU A 7 0.77 3.38 -10.13
N VAL A 8 0.33 2.53 -9.20
CA VAL A 8 -0.92 1.79 -9.37
C VAL A 8 -1.80 1.89 -8.12
N GLU A 9 -3.11 2.01 -8.35
CA GLU A 9 -4.06 2.11 -7.25
C GLU A 9 -4.14 0.81 -6.45
N ILE A 10 -4.23 0.94 -5.12
CA ILE A 10 -4.32 -0.20 -4.23
C ILE A 10 -5.49 -1.12 -4.58
N GLU A 11 -6.55 -0.55 -5.17
CA GLU A 11 -7.72 -1.33 -5.56
C GLU A 11 -7.34 -2.41 -6.57
N ASP A 12 -6.32 -2.11 -7.40
CA ASP A 12 -5.83 -3.06 -8.39
C ASP A 12 -5.05 -4.19 -7.73
N PHE A 13 -4.35 -3.85 -6.64
CA PHE A 13 -3.54 -4.82 -5.90
C PHE A 13 -4.41 -5.96 -5.34
N GLN A 14 -3.75 -6.98 -4.79
CA GLN A 14 -4.45 -8.12 -4.21
C GLN A 14 -4.29 -8.16 -2.69
N TYR A 15 -5.37 -7.84 -1.97
CA TYR A 15 -5.34 -7.84 -0.50
C TYR A 15 -5.11 -9.25 0.03
N ASP A 16 -4.22 -9.38 0.99
CA ASP A 16 -3.90 -10.67 1.61
C ASP A 16 -4.41 -10.72 3.04
N GLU A 17 -5.58 -11.34 3.22
CA GLU A 17 -6.19 -11.48 4.55
C GLU A 17 -5.26 -12.22 5.53
N ASP A 18 -4.40 -13.08 4.98
CA ASP A 18 -3.47 -13.88 5.79
C ASP A 18 -2.72 -13.00 6.81
N SER A 19 -2.14 -11.90 6.33
CA SER A 19 -1.39 -11.00 7.21
C SER A 19 -1.45 -9.56 6.71
N GLU A 20 -2.59 -9.18 6.09
CA GLU A 20 -2.79 -7.84 5.58
C GLU A 20 -1.61 -7.37 4.70
N THR A 21 -1.53 -7.93 3.49
CA THR A 21 -0.46 -7.57 2.56
C THR A 21 -1.00 -7.44 1.14
N TYR A 22 -0.45 -6.51 0.37
CA TYR A 22 -0.89 -6.28 -1.01
C TYR A 22 0.21 -6.68 -1.99
N PHE A 23 -0.19 -7.30 -3.10
CA PHE A 23 0.77 -7.73 -4.12
C PHE A 23 0.37 -7.25 -5.52
N TYR A 24 1.37 -7.07 -6.38
CA TYR A 24 1.12 -6.62 -7.75
C TYR A 24 1.79 -7.54 -8.77
N PRO A 25 1.09 -7.90 -9.86
CA PRO A 25 1.64 -8.76 -10.91
C PRO A 25 2.78 -8.11 -11.69
N CYS A 26 3.93 -8.78 -11.71
CA CYS A 26 5.10 -8.26 -12.42
C CYS A 26 5.33 -9.05 -13.71
N PRO A 27 5.75 -8.37 -14.79
CA PRO A 27 6.03 -9.00 -16.08
C PRO A 27 7.25 -9.92 -16.04
N CYS A 28 8.09 -9.77 -15.02
CA CYS A 28 9.29 -10.59 -14.89
C CYS A 28 8.93 -12.04 -14.54
N GLY A 29 7.83 -12.22 -13.81
CA GLY A 29 7.40 -13.55 -13.42
C GLY A 29 6.80 -13.59 -12.02
N ASP A 30 7.39 -12.85 -11.09
CA ASP A 30 6.93 -12.79 -9.71
C ASP A 30 5.93 -11.66 -9.51
N ASN A 31 5.58 -11.38 -8.26
CA ASN A 31 4.62 -10.32 -7.94
C ASN A 31 5.13 -9.46 -6.78
N PHE A 32 4.97 -8.13 -6.93
CA PHE A 32 5.39 -7.19 -5.89
C PHE A 32 4.64 -7.45 -4.57
N SER A 33 5.15 -6.88 -3.48
CA SER A 33 4.52 -7.07 -2.17
C SER A 33 4.67 -5.83 -1.28
N ILE A 34 3.61 -5.49 -0.56
CA ILE A 34 3.61 -4.34 0.33
C ILE A 34 2.62 -4.54 1.49
N THR A 35 3.11 -4.42 2.73
CA THR A 35 2.28 -4.61 3.91
C THR A 35 1.32 -3.43 4.10
N LYS A 36 0.16 -3.70 4.71
CA LYS A 36 -0.85 -2.66 4.96
C LYS A 36 -0.27 -1.55 5.85
N GLU A 37 0.55 -1.95 6.83
CA GLU A 37 1.17 -1.00 7.74
C GLU A 37 2.06 -0.02 6.99
N ASP A 38 2.75 -0.51 5.96
CA ASP A 38 3.64 0.33 5.16
C ASP A 38 2.86 1.49 4.54
N LEU A 39 1.70 1.18 3.95
CA LEU A 39 0.86 2.19 3.34
C LEU A 39 0.31 3.16 4.39
N GLU A 40 0.01 2.65 5.58
CA GLU A 40 -0.51 3.48 6.67
C GLU A 40 0.54 4.49 7.14
N ASN A 41 1.82 4.14 7.00
CA ASN A 41 2.91 5.03 7.42
C ASN A 41 3.39 5.94 6.29
N GLY A 42 3.37 5.41 5.07
CA GLY A 42 3.82 6.17 3.92
C GLY A 42 4.60 5.33 2.92
N GLU A 43 5.00 4.12 3.33
CA GLU A 43 5.75 3.22 2.47
C GLU A 43 4.87 2.72 1.32
N ASP A 44 4.70 3.57 0.32
CA ASP A 44 3.89 3.23 -0.86
C ASP A 44 4.77 2.71 -2.00
N VAL A 45 5.77 1.90 -1.63
CA VAL A 45 6.68 1.33 -2.62
C VAL A 45 6.77 -0.18 -2.48
N ALA A 46 6.69 -0.87 -3.62
CA ALA A 46 6.76 -2.31 -3.65
C ALA A 46 8.05 -2.76 -4.35
N THR A 47 8.73 -3.75 -3.77
CA THR A 47 9.97 -4.26 -4.34
C THR A 47 9.83 -5.74 -4.68
N CYS A 48 10.25 -6.11 -5.89
CA CYS A 48 10.18 -7.49 -6.35
C CYS A 48 11.45 -8.26 -5.93
N PRO A 49 11.28 -9.50 -5.45
CA PRO A 49 12.42 -10.33 -5.03
C PRO A 49 13.21 -10.91 -6.20
N SER A 50 12.73 -10.69 -7.43
CA SER A 50 13.40 -11.19 -8.62
C SER A 50 14.03 -10.06 -9.42
N CYS A 51 13.20 -9.20 -10.02
CA CYS A 51 13.69 -8.07 -10.81
C CYS A 51 14.27 -6.97 -9.93
N SER A 52 13.78 -6.88 -8.68
CA SER A 52 14.23 -5.85 -7.74
C SER A 52 13.88 -4.45 -8.24
N LEU A 53 12.67 -4.31 -8.79
CA LEU A 53 12.19 -3.03 -9.29
C LEU A 53 11.40 -2.29 -8.22
N ILE A 54 10.90 -1.10 -8.58
CA ILE A 54 10.12 -0.30 -7.64
C ILE A 54 8.80 0.16 -8.28
N ILE A 55 7.74 0.20 -7.48
CA ILE A 55 6.44 0.63 -7.96
C ILE A 55 5.68 1.43 -6.89
N LYS A 56 4.95 2.44 -7.32
CA LYS A 56 4.19 3.28 -6.40
C LYS A 56 2.78 2.76 -6.19
N VAL A 57 2.37 2.75 -4.93
CA VAL A 57 1.05 2.27 -4.56
C VAL A 57 0.16 3.43 -4.11
N ILE A 58 -0.90 3.69 -4.89
CA ILE A 58 -1.82 4.77 -4.58
C ILE A 58 -2.99 4.26 -3.76
N TYR A 59 -3.36 5.00 -2.71
CA TYR A 59 -4.46 4.61 -1.83
C TYR A 59 -5.04 5.81 -1.10
N ASP A 60 -6.08 5.58 -0.30
CA ASP A 60 -6.71 6.63 0.47
C ASP A 60 -6.06 6.76 1.85
N LYS A 61 -5.23 7.79 2.02
CA LYS A 61 -4.55 8.03 3.29
C LYS A 61 -5.57 8.24 4.42
N ASP A 62 -6.72 8.83 4.08
CA ASP A 62 -7.77 9.09 5.06
C ASP A 62 -8.34 7.77 5.60
N GLN A 63 -8.41 6.75 4.72
CA GLN A 63 -8.92 5.44 5.11
C GLN A 63 -7.85 4.63 5.84
N PHE A 64 -6.63 4.61 5.30
CA PHE A 64 -5.52 3.87 5.91
C PHE A 64 -5.16 4.44 7.28
N VAL A 65 -5.12 5.77 7.39
CA VAL A 65 -4.81 6.43 8.64
C VAL A 65 -6.06 6.56 9.51
N SER A 66 -6.38 5.48 10.23
CA SER A 66 -7.56 5.47 11.10
C SER A 66 -7.16 5.38 12.56
N GLY A 67 -7.05 6.54 13.21
CA GLY A 67 -6.67 6.57 14.62
C GLY A 67 -7.76 6.05 15.54
N GLU A 68 -8.92 6.73 15.53
CA GLU A 68 -10.05 6.33 16.37
C GLU A 68 -11.31 6.12 15.54
N THR A 69 -11.14 5.60 14.32
CA THR A 69 -12.26 5.34 13.43
C THR A 69 -12.08 4.01 12.68
N VAL A 70 -12.80 2.98 13.12
CA VAL A 70 -12.69 1.66 12.49
C VAL A 70 -13.65 1.56 11.29
N PRO A 71 -13.10 1.38 10.07
CA PRO A 71 -13.89 1.27 8.84
C PRO A 71 -14.85 0.08 8.87
N ALA A 72 -15.69 -0.03 7.83
CA ALA A 72 -16.67 -1.11 7.74
C ALA A 72 -16.50 -1.94 6.46
N PRO A 73 -16.97 -3.20 6.49
CA PRO A 73 -16.89 -4.12 5.33
C PRO A 73 -17.82 -3.74 4.19
N SER A 74 -17.46 -4.13 2.97
CA SER A 74 -18.28 -3.83 1.80
C SER A 74 -18.16 -4.93 0.75
N ALA A 75 -19.06 -5.92 0.83
CA ALA A 75 -19.07 -7.05 -0.10
C ALA A 75 -17.77 -7.87 -0.02
N ASN A 76 -17.68 -8.92 -0.84
CA ASN A 76 -16.50 -9.78 -0.86
C ASN A 76 -16.04 -10.05 -2.30
N LYS A 77 -14.75 -10.36 -2.46
CA LYS A 77 -14.18 -10.63 -3.77
C LYS A 77 -13.35 -11.91 -3.76
N GLU A 78 -13.66 -12.83 -4.68
CA GLU A 78 -12.94 -14.09 -4.77
C GLU A 78 -12.54 -14.38 -6.22
N LEU A 79 -11.39 -13.83 -6.63
CA LEU A 79 -10.89 -14.03 -7.99
C LEU A 79 -9.40 -14.41 -7.97
N VAL A 80 -8.98 -15.14 -6.94
CA VAL A 80 -7.60 -15.57 -6.81
C VAL A 80 -7.33 -16.82 -7.64
N LYS A 81 -7.08 -16.62 -8.93
CA LYS A 81 -6.80 -17.74 -9.84
C LYS A 81 -5.72 -17.36 -10.86
N LEU A 82 -4.75 -16.56 -10.41
CA LEU A 82 -3.66 -16.12 -11.28
C LEU A 82 -2.45 -17.05 -11.16
N GLU A 83 -2.32 -17.97 -12.12
CA GLU A 83 -1.23 -18.93 -12.13
C GLU A 83 -0.17 -18.53 -13.16
N HIS A 84 1.09 -18.73 -12.80
CA HIS A 84 2.21 -18.41 -13.68
C HIS A 84 2.85 -19.68 -14.23
ZN ZN B . 9.20 -8.12 -10.70
N MET A 1 16.47 1.66 -10.34
CA MET A 1 17.33 1.85 -9.14
C MET A 1 16.84 3.03 -8.29
N ALA A 2 16.38 4.10 -8.93
CA ALA A 2 15.89 5.28 -8.22
C ALA A 2 14.50 5.67 -8.69
N VAL A 3 14.36 5.96 -9.98
CA VAL A 3 13.06 6.36 -10.56
C VAL A 3 12.03 5.23 -10.45
N PHE A 4 10.79 5.59 -10.13
CA PHE A 4 9.72 4.62 -10.01
C PHE A 4 9.24 4.16 -11.38
N HIS A 5 8.96 2.86 -11.50
CA HIS A 5 8.49 2.30 -12.76
C HIS A 5 7.14 2.89 -13.15
N ASP A 6 6.10 2.59 -12.36
CA ASP A 6 4.75 3.10 -12.62
C ASP A 6 3.89 2.98 -11.37
N GLU A 7 3.05 3.99 -11.13
CA GLU A 7 2.16 4.00 -9.97
C GLU A 7 0.85 3.30 -10.30
N VAL A 8 0.40 2.44 -9.38
CA VAL A 8 -0.85 1.70 -9.58
C VAL A 8 -1.76 1.82 -8.37
N GLU A 9 -3.07 1.93 -8.63
CA GLU A 9 -4.06 2.05 -7.57
C GLU A 9 -4.14 0.76 -6.75
N ILE A 10 -4.28 0.92 -5.43
CA ILE A 10 -4.37 -0.21 -4.53
C ILE A 10 -5.54 -1.14 -4.90
N GLU A 11 -6.58 -0.58 -5.52
CA GLU A 11 -7.74 -1.36 -5.94
C GLU A 11 -7.32 -2.48 -6.89
N ASP A 12 -6.30 -2.22 -7.71
CA ASP A 12 -5.79 -3.21 -8.65
C ASP A 12 -5.00 -4.31 -7.94
N PHE A 13 -4.38 -3.95 -6.81
CA PHE A 13 -3.60 -4.92 -6.03
C PHE A 13 -4.49 -6.02 -5.46
N GLN A 14 -3.86 -7.01 -4.83
CA GLN A 14 -4.59 -8.14 -4.24
C GLN A 14 -4.40 -8.16 -2.73
N TYR A 15 -5.49 -7.89 -2.00
CA TYR A 15 -5.43 -7.89 -0.53
C TYR A 15 -5.16 -9.30 -0.01
N ASP A 16 -4.08 -9.43 0.77
CA ASP A 16 -3.68 -10.71 1.33
C ASP A 16 -4.11 -10.80 2.79
N GLU A 17 -5.30 -11.36 3.02
CA GLU A 17 -5.83 -11.52 4.38
C GLU A 17 -4.88 -12.32 5.27
N ASP A 18 -4.08 -13.19 4.65
CA ASP A 18 -3.11 -14.02 5.37
C ASP A 18 -2.31 -13.21 6.39
N SER A 19 -1.71 -12.11 5.92
CA SER A 19 -0.90 -11.26 6.79
C SER A 19 -1.07 -9.77 6.43
N GLU A 20 -2.23 -9.41 5.88
CA GLU A 20 -2.52 -8.02 5.50
C GLU A 20 -1.41 -7.45 4.61
N THR A 21 -1.30 -7.97 3.39
CA THR A 21 -0.29 -7.51 2.44
C THR A 21 -0.89 -7.39 1.04
N TYR A 22 -0.37 -6.47 0.23
CA TYR A 22 -0.84 -6.28 -1.13
C TYR A 22 0.23 -6.64 -2.15
N PHE A 23 -0.17 -7.30 -3.23
CA PHE A 23 0.78 -7.71 -4.26
C PHE A 23 0.34 -7.23 -5.64
N TYR A 24 1.32 -7.06 -6.55
CA TYR A 24 1.04 -6.61 -7.91
C TYR A 24 1.76 -7.49 -8.94
N PRO A 25 1.05 -7.95 -9.98
CA PRO A 25 1.63 -8.80 -11.03
C PRO A 25 2.79 -8.12 -11.75
N CYS A 26 3.94 -8.79 -11.77
CA CYS A 26 5.13 -8.26 -12.42
C CYS A 26 5.42 -9.00 -13.72
N PRO A 27 5.86 -8.29 -14.76
CA PRO A 27 6.17 -8.89 -16.06
C PRO A 27 7.39 -9.82 -16.01
N CYS A 28 8.20 -9.69 -14.96
CA CYS A 28 9.39 -10.53 -14.80
C CYS A 28 9.01 -11.98 -14.52
N GLY A 29 7.89 -12.18 -13.81
CA GLY A 29 7.44 -13.51 -13.47
C GLY A 29 6.79 -13.56 -12.08
N ASP A 30 7.41 -12.88 -11.12
CA ASP A 30 6.90 -12.82 -9.75
C ASP A 30 5.88 -11.70 -9.59
N ASN A 31 5.56 -11.38 -8.33
CA ASN A 31 4.59 -10.32 -8.04
C ASN A 31 5.09 -9.46 -6.88
N PHE A 32 4.91 -8.14 -7.01
CA PHE A 32 5.34 -7.19 -5.97
C PHE A 32 4.63 -7.47 -4.66
N SER A 33 5.13 -6.88 -3.57
CA SER A 33 4.55 -7.07 -2.24
C SER A 33 4.70 -5.83 -1.37
N ILE A 34 3.63 -5.50 -0.63
CA ILE A 34 3.63 -4.35 0.26
C ILE A 34 2.67 -4.57 1.44
N THR A 35 3.18 -4.44 2.66
CA THR A 35 2.36 -4.64 3.86
C THR A 35 1.37 -3.49 4.05
N LYS A 36 0.21 -3.80 4.63
CA LYS A 36 -0.82 -2.79 4.88
C LYS A 36 -0.32 -1.72 5.85
N GLU A 37 0.48 -2.14 6.84
CA GLU A 37 1.04 -1.21 7.82
C GLU A 37 1.91 -0.15 7.15
N ASP A 38 2.66 -0.57 6.13
CA ASP A 38 3.54 0.34 5.38
C ASP A 38 2.73 1.51 4.84
N LEU A 39 1.55 1.21 4.30
CA LEU A 39 0.67 2.23 3.73
C LEU A 39 0.28 3.25 4.80
N GLU A 40 -0.14 2.77 5.97
CA GLU A 40 -0.53 3.66 7.06
C GLU A 40 0.61 4.60 7.48
N ASN A 41 1.86 4.18 7.23
CA ASN A 41 3.02 4.99 7.58
C ASN A 41 3.45 5.89 6.43
N GLY A 42 3.33 5.39 5.20
CA GLY A 42 3.72 6.16 4.02
C GLY A 42 4.56 5.35 3.03
N GLU A 43 4.86 4.09 3.37
CA GLU A 43 5.64 3.22 2.51
C GLU A 43 4.79 2.72 1.34
N ASP A 44 4.58 3.59 0.36
CA ASP A 44 3.79 3.28 -0.83
C ASP A 44 4.68 2.69 -1.92
N VAL A 45 5.70 1.91 -1.52
CA VAL A 45 6.63 1.32 -2.49
C VAL A 45 6.73 -0.20 -2.33
N ALA A 46 6.65 -0.90 -3.46
CA ALA A 46 6.74 -2.36 -3.47
C ALA A 46 8.02 -2.81 -4.16
N THR A 47 8.66 -3.84 -3.62
CA THR A 47 9.89 -4.36 -4.18
C THR A 47 9.75 -5.84 -4.53
N CYS A 48 10.17 -6.19 -5.74
CA CYS A 48 10.09 -7.58 -6.21
C CYS A 48 11.33 -8.36 -5.78
N PRO A 49 11.15 -9.62 -5.32
CA PRO A 49 12.26 -10.47 -4.89
C PRO A 49 13.08 -11.03 -6.06
N SER A 50 12.63 -10.77 -7.29
CA SER A 50 13.32 -11.26 -8.49
C SER A 50 13.99 -10.11 -9.25
N CYS A 51 13.16 -9.25 -9.86
CA CYS A 51 13.68 -8.12 -10.62
C CYS A 51 14.25 -7.03 -9.71
N SER A 52 13.74 -6.94 -8.49
CA SER A 52 14.18 -5.94 -7.52
C SER A 52 13.87 -4.52 -8.02
N LEU A 53 12.67 -4.35 -8.57
CA LEU A 53 12.24 -3.06 -9.08
C LEU A 53 11.40 -2.32 -8.03
N ILE A 54 10.91 -1.14 -8.40
CA ILE A 54 10.10 -0.33 -7.48
C ILE A 54 8.79 0.10 -8.14
N ILE A 55 7.72 0.13 -7.35
CA ILE A 55 6.41 0.54 -7.85
C ILE A 55 5.66 1.37 -6.79
N LYS A 56 4.89 2.35 -7.25
CA LYS A 56 4.12 3.21 -6.34
C LYS A 56 2.71 2.68 -6.13
N VAL A 57 2.29 2.67 -4.88
CA VAL A 57 0.98 2.19 -4.52
C VAL A 57 0.05 3.34 -4.11
N ILE A 58 -0.97 3.60 -4.92
CA ILE A 58 -1.92 4.67 -4.66
C ILE A 58 -3.14 4.15 -3.90
N TYR A 59 -3.56 4.89 -2.88
CA TYR A 59 -4.70 4.50 -2.06
C TYR A 59 -5.27 5.71 -1.32
N ASP A 60 -6.30 5.50 -0.49
CA ASP A 60 -6.91 6.58 0.27
C ASP A 60 -6.20 6.79 1.60
N LYS A 61 -5.24 7.71 1.61
CA LYS A 61 -4.47 8.01 2.83
C LYS A 61 -5.40 8.45 3.96
N ASP A 62 -6.52 9.06 3.61
CA ASP A 62 -7.49 9.51 4.62
C ASP A 62 -8.09 8.32 5.36
N GLN A 63 -8.31 7.23 4.63
CA GLN A 63 -8.89 6.02 5.23
C GLN A 63 -7.82 5.21 5.99
N PHE A 64 -6.59 5.22 5.48
CA PHE A 64 -5.49 4.50 6.12
C PHE A 64 -4.99 5.20 7.38
N VAL A 65 -4.84 6.53 7.29
CA VAL A 65 -4.36 7.32 8.43
C VAL A 65 -5.50 7.60 9.41
N SER A 66 -5.79 6.62 10.26
CA SER A 66 -6.86 6.75 11.26
C SER A 66 -6.36 6.35 12.64
N GLY A 67 -5.06 6.56 12.91
CA GLY A 67 -4.49 6.22 14.20
C GLY A 67 -4.97 7.15 15.31
N GLU A 68 -5.03 8.45 15.00
CA GLU A 68 -5.48 9.44 15.96
C GLU A 68 -6.94 9.83 15.74
N THR A 69 -7.74 8.87 15.26
CA THR A 69 -9.15 9.10 15.01
C THR A 69 -9.99 7.90 15.43
N VAL A 70 -10.68 8.03 16.57
CA VAL A 70 -11.54 6.96 17.11
C VAL A 70 -10.71 5.76 17.58
N PRO A 71 -11.11 5.12 18.70
CA PRO A 71 -10.40 3.96 19.25
C PRO A 71 -10.30 2.79 18.26
N ALA A 72 -9.29 1.94 18.45
CA ALA A 72 -9.09 0.80 17.56
C ALA A 72 -8.17 -0.24 18.21
N PRO A 73 -8.36 -1.54 17.85
CA PRO A 73 -7.53 -2.64 18.39
C PRO A 73 -6.09 -2.58 17.88
N SER A 74 -5.20 -3.24 18.62
CA SER A 74 -3.78 -3.27 18.24
C SER A 74 -3.45 -4.58 17.52
N ALA A 75 -3.89 -4.69 16.26
CA ALA A 75 -3.63 -5.87 15.44
C ALA A 75 -4.38 -7.09 15.97
N ASN A 76 -4.56 -8.09 15.11
CA ASN A 76 -5.26 -9.31 15.48
C ASN A 76 -4.32 -10.52 15.44
N LYS A 77 -4.56 -11.48 16.33
CA LYS A 77 -3.74 -12.68 16.41
C LYS A 77 -4.62 -13.94 16.37
N GLU A 78 -4.87 -14.44 15.17
CA GLU A 78 -5.69 -15.65 15.00
C GLU A 78 -5.28 -16.41 13.74
N LEU A 79 -4.79 -17.64 13.94
CA LEU A 79 -4.37 -18.48 12.82
C LEU A 79 -4.55 -19.97 13.15
N VAL A 80 -5.60 -20.28 13.91
CA VAL A 80 -5.89 -21.66 14.29
C VAL A 80 -7.12 -22.19 13.57
N LYS A 81 -6.98 -23.36 12.93
CA LYS A 81 -8.07 -23.99 12.19
C LYS A 81 -8.57 -23.07 11.07
N LEU A 82 -7.91 -23.15 9.91
CA LEU A 82 -8.28 -22.33 8.76
C LEU A 82 -9.19 -23.11 7.81
N GLU A 83 -10.34 -22.51 7.47
CA GLU A 83 -11.31 -23.12 6.57
C GLU A 83 -11.26 -22.48 5.18
N HIS A 84 -11.96 -23.10 4.22
CA HIS A 84 -12.01 -22.59 2.86
C HIS A 84 -13.39 -22.78 2.25
ZN ZN B . 9.18 -8.13 -10.56
N MET A 1 15.59 5.73 -15.41
CA MET A 1 16.78 5.48 -14.54
C MET A 1 16.56 6.04 -13.14
N ALA A 2 16.69 5.17 -12.14
CA ALA A 2 16.50 5.56 -10.73
C ALA A 2 15.14 6.22 -10.51
N VAL A 3 14.12 5.71 -11.22
CA VAL A 3 12.76 6.25 -11.09
C VAL A 3 11.75 5.11 -10.91
N PHE A 4 10.61 5.43 -10.30
CA PHE A 4 9.57 4.44 -10.06
C PHE A 4 9.02 3.89 -11.38
N HIS A 5 8.79 2.58 -11.44
CA HIS A 5 8.27 1.94 -12.65
C HIS A 5 6.93 2.56 -13.06
N ASP A 6 5.92 2.39 -12.20
CA ASP A 6 4.59 2.92 -12.47
C ASP A 6 3.75 2.99 -11.20
N GLU A 7 2.70 3.81 -11.21
CA GLU A 7 1.82 3.95 -10.06
C GLU A 7 0.51 3.23 -10.29
N VAL A 8 0.05 2.47 -9.30
CA VAL A 8 -1.19 1.72 -9.42
C VAL A 8 -2.00 1.79 -8.12
N GLU A 9 -3.33 1.90 -8.27
CA GLU A 9 -4.23 1.97 -7.12
C GLU A 9 -4.23 0.66 -6.34
N ILE A 10 -4.26 0.77 -5.01
CA ILE A 10 -4.26 -0.39 -4.13
C ILE A 10 -5.41 -1.34 -4.46
N GLU A 11 -6.53 -0.80 -4.97
CA GLU A 11 -7.68 -1.61 -5.32
C GLU A 11 -7.31 -2.66 -6.38
N ASP A 12 -6.37 -2.30 -7.26
CA ASP A 12 -5.92 -3.22 -8.31
C ASP A 12 -5.06 -4.35 -7.72
N PHE A 13 -4.36 -4.05 -6.62
CA PHE A 13 -3.51 -5.04 -5.96
C PHE A 13 -4.34 -6.18 -5.38
N GLN A 14 -3.65 -7.23 -4.91
CA GLN A 14 -4.31 -8.39 -4.33
C GLN A 14 -4.20 -8.37 -2.80
N TYR A 15 -5.30 -8.02 -2.13
CA TYR A 15 -5.33 -7.96 -0.67
C TYR A 15 -5.17 -9.36 -0.07
N ASP A 16 -4.58 -9.43 1.12
CA ASP A 16 -4.38 -10.70 1.81
C ASP A 16 -4.97 -10.69 3.21
N GLU A 17 -5.50 -11.84 3.63
CA GLU A 17 -6.10 -11.97 4.96
C GLU A 17 -5.10 -12.55 5.96
N ASP A 18 -4.16 -13.36 5.48
CA ASP A 18 -3.15 -13.98 6.34
C ASP A 18 -2.49 -12.95 7.25
N SER A 19 -1.99 -11.87 6.67
CA SER A 19 -1.33 -10.80 7.44
C SER A 19 -1.51 -9.43 6.79
N GLU A 20 -2.61 -9.26 6.03
CA GLU A 20 -2.89 -7.99 5.36
C GLU A 20 -1.71 -7.55 4.49
N THR A 21 -1.65 -8.10 3.28
CA THR A 21 -0.56 -7.76 2.35
C THR A 21 -1.11 -7.58 0.92
N TYR A 22 -0.53 -6.63 0.19
CA TYR A 22 -0.96 -6.37 -1.19
C TYR A 22 0.12 -6.80 -2.17
N PHE A 23 -0.30 -7.49 -3.24
CA PHE A 23 0.64 -7.96 -4.26
C PHE A 23 0.26 -7.44 -5.65
N TYR A 24 1.22 -7.46 -6.57
CA TYR A 24 0.97 -6.99 -7.94
C TYR A 24 1.75 -7.84 -8.95
N PRO A 25 1.12 -8.18 -10.09
CA PRO A 25 1.77 -8.99 -11.14
C PRO A 25 2.90 -8.25 -11.84
N CYS A 26 4.09 -8.84 -11.84
CA CYS A 26 5.25 -8.24 -12.48
C CYS A 26 5.48 -8.85 -13.87
N PRO A 27 5.94 -8.03 -14.83
CA PRO A 27 6.20 -8.48 -16.20
C PRO A 27 7.38 -9.47 -16.28
N CYS A 28 8.22 -9.50 -15.24
CA CYS A 28 9.36 -10.39 -15.22
C CYS A 28 8.92 -11.83 -14.91
N GLY A 29 7.95 -11.97 -14.00
CA GLY A 29 7.46 -13.30 -13.61
C GLY A 29 6.97 -13.35 -12.18
N ASP A 30 7.73 -12.72 -11.27
CA ASP A 30 7.36 -12.69 -9.85
C ASP A 30 6.25 -11.66 -9.60
N ASN A 31 5.87 -11.49 -8.33
CA ASN A 31 4.82 -10.54 -7.98
C ASN A 31 5.27 -9.63 -6.84
N PHE A 32 4.99 -8.32 -6.99
CA PHE A 32 5.35 -7.33 -5.97
C PHE A 32 4.61 -7.60 -4.66
N SER A 33 5.07 -6.99 -3.57
CA SER A 33 4.44 -7.16 -2.27
C SER A 33 4.61 -5.93 -1.38
N ILE A 34 3.55 -5.57 -0.66
CA ILE A 34 3.56 -4.41 0.25
C ILE A 34 2.58 -4.61 1.40
N THR A 35 3.08 -4.49 2.62
CA THR A 35 2.26 -4.68 3.83
C THR A 35 1.32 -3.49 4.04
N LYS A 36 0.14 -3.76 4.61
CA LYS A 36 -0.85 -2.71 4.89
C LYS A 36 -0.28 -1.65 5.83
N GLU A 37 0.52 -2.10 6.80
CA GLU A 37 1.14 -1.18 7.77
C GLU A 37 2.06 -0.18 7.06
N ASP A 38 2.77 -0.65 6.03
CA ASP A 38 3.68 0.21 5.27
C ASP A 38 2.94 1.42 4.72
N LEU A 39 1.79 1.17 4.11
CA LEU A 39 0.97 2.24 3.53
C LEU A 39 0.55 3.25 4.59
N GLU A 40 0.09 2.73 5.74
CA GLU A 40 -0.34 3.59 6.84
C GLU A 40 0.81 4.48 7.33
N ASN A 41 2.05 3.96 7.25
CA ASN A 41 3.22 4.70 7.69
C ASN A 41 3.73 5.66 6.60
N GLY A 42 3.66 5.22 5.34
CA GLY A 42 4.11 6.04 4.24
C GLY A 42 4.84 5.24 3.17
N GLU A 43 5.18 3.98 3.50
CA GLU A 43 5.88 3.10 2.57
C GLU A 43 4.95 2.67 1.42
N ASP A 44 4.80 3.55 0.45
CA ASP A 44 3.95 3.27 -0.71
C ASP A 44 4.80 2.78 -1.89
N VAL A 45 5.76 1.91 -1.59
CA VAL A 45 6.64 1.35 -2.60
C VAL A 45 6.75 -0.16 -2.47
N ALA A 46 6.67 -0.86 -3.60
CA ALA A 46 6.77 -2.31 -3.61
C ALA A 46 8.04 -2.75 -4.32
N THR A 47 8.73 -3.73 -3.75
CA THR A 47 9.96 -4.24 -4.33
C THR A 47 9.82 -5.71 -4.71
N CYS A 48 10.23 -6.04 -5.94
CA CYS A 48 10.15 -7.40 -6.44
C CYS A 48 11.50 -8.13 -6.25
N PRO A 49 11.53 -9.19 -5.43
CA PRO A 49 12.76 -9.95 -5.15
C PRO A 49 13.44 -10.48 -6.41
N SER A 50 12.70 -10.57 -7.52
CA SER A 50 13.25 -11.07 -8.78
C SER A 50 13.99 -9.97 -9.54
N CYS A 51 13.24 -9.06 -10.17
CA CYS A 51 13.83 -7.96 -10.93
C CYS A 51 14.43 -6.88 -10.03
N SER A 52 13.94 -6.81 -8.79
CA SER A 52 14.42 -5.81 -7.83
C SER A 52 14.09 -4.40 -8.31
N LEU A 53 12.86 -4.22 -8.76
CA LEU A 53 12.40 -2.91 -9.25
C LEU A 53 11.55 -2.20 -8.19
N ILE A 54 11.09 -1.00 -8.52
CA ILE A 54 10.26 -0.22 -7.60
C ILE A 54 8.96 0.22 -8.27
N ILE A 55 7.88 0.24 -7.48
CA ILE A 55 6.56 0.66 -7.98
C ILE A 55 5.84 1.53 -6.96
N LYS A 56 4.88 2.32 -7.43
CA LYS A 56 4.12 3.21 -6.55
C LYS A 56 2.74 2.65 -6.25
N VAL A 57 2.40 2.65 -4.97
CA VAL A 57 1.11 2.15 -4.51
C VAL A 57 0.20 3.29 -4.05
N ILE A 58 -0.89 3.52 -4.80
CA ILE A 58 -1.83 4.57 -4.47
C ILE A 58 -2.98 4.04 -3.63
N TYR A 59 -3.35 4.77 -2.57
CA TYR A 59 -4.42 4.37 -1.68
C TYR A 59 -5.03 5.59 -1.00
N ASP A 60 -6.05 5.37 -0.16
CA ASP A 60 -6.71 6.46 0.56
C ASP A 60 -6.05 6.69 1.92
N LYS A 61 -5.17 7.68 1.99
CA LYS A 61 -4.48 8.01 3.24
C LYS A 61 -5.48 8.36 4.34
N ASP A 62 -6.64 8.91 3.96
CA ASP A 62 -7.66 9.28 4.92
C ASP A 62 -8.24 8.04 5.61
N GLN A 63 -8.42 6.97 4.84
CA GLN A 63 -8.95 5.72 5.39
C GLN A 63 -7.89 5.01 6.24
N PHE A 64 -6.66 4.99 5.75
CA PHE A 64 -5.55 4.34 6.46
C PHE A 64 -5.22 5.09 7.75
N VAL A 65 -5.15 6.42 7.66
CA VAL A 65 -4.83 7.26 8.81
C VAL A 65 -6.10 7.88 9.39
N SER A 66 -6.82 7.11 10.21
CA SER A 66 -8.06 7.59 10.82
C SER A 66 -7.90 7.74 12.33
N GLY A 67 -7.51 8.93 12.78
CA GLY A 67 -7.34 9.18 14.19
C GLY A 67 -8.52 9.90 14.81
N GLU A 68 -8.98 10.97 14.15
CA GLU A 68 -10.11 11.75 14.64
C GLU A 68 -11.38 11.48 13.84
N THR A 69 -11.53 10.24 13.36
CA THR A 69 -12.70 9.84 12.58
C THR A 69 -12.98 8.35 12.75
N VAL A 70 -14.23 8.03 13.12
CA VAL A 70 -14.64 6.64 13.30
C VAL A 70 -15.52 6.18 12.14
N PRO A 71 -15.32 4.94 11.65
CA PRO A 71 -16.09 4.39 10.55
C PRO A 71 -17.39 3.73 11.02
N ALA A 72 -18.18 4.46 11.82
CA ALA A 72 -19.44 3.95 12.34
C ALA A 72 -20.62 4.83 11.91
N PRO A 73 -21.61 4.25 11.18
CA PRO A 73 -22.79 4.97 10.70
C PRO A 73 -23.60 5.62 11.82
N SER A 74 -24.60 6.42 11.44
CA SER A 74 -25.47 7.09 12.40
C SER A 74 -26.39 6.11 13.12
N ALA A 75 -26.85 5.08 12.40
CA ALA A 75 -27.74 4.08 12.97
C ALA A 75 -27.22 2.67 12.72
N ASN A 76 -27.13 1.87 13.78
CA ASN A 76 -26.65 0.49 13.68
C ASN A 76 -27.62 -0.37 12.89
N LYS A 77 -27.09 -1.37 12.17
CA LYS A 77 -27.91 -2.28 11.36
C LYS A 77 -28.01 -3.66 12.01
N GLU A 78 -29.12 -4.36 11.72
CA GLU A 78 -29.34 -5.70 12.27
C GLU A 78 -30.12 -6.57 11.28
N LEU A 79 -29.40 -7.41 10.54
CA LEU A 79 -30.01 -8.31 9.56
C LEU A 79 -28.99 -9.28 8.97
N VAL A 80 -29.32 -10.57 9.01
CA VAL A 80 -28.43 -11.61 8.47
C VAL A 80 -29.04 -12.25 7.23
N LYS A 81 -28.73 -11.69 6.06
CA LYS A 81 -29.25 -12.20 4.80
C LYS A 81 -28.15 -12.90 4.00
N LEU A 82 -28.17 -14.24 4.01
CA LEU A 82 -27.17 -15.02 3.28
C LEU A 82 -27.84 -16.09 2.40
N GLU A 83 -28.99 -15.74 1.83
CA GLU A 83 -29.73 -16.65 0.95
C GLU A 83 -29.20 -16.60 -0.47
N HIS A 84 -29.73 -17.47 -1.33
CA HIS A 84 -29.30 -17.53 -2.73
C HIS A 84 -30.51 -17.46 -3.68
ZN ZN B . 9.50 -8.12 -10.85
N MET A 1 8.12 11.96 -7.79
CA MET A 1 8.64 10.96 -8.76
C MET A 1 10.16 11.03 -8.87
N ALA A 2 10.80 9.85 -8.87
CA ALA A 2 12.25 9.76 -8.98
C ALA A 2 12.66 8.75 -10.05
N VAL A 3 12.43 7.47 -9.78
CA VAL A 3 12.78 6.40 -10.73
C VAL A 3 11.78 5.23 -10.66
N PHE A 4 10.55 5.51 -10.23
CA PHE A 4 9.53 4.46 -10.11
C PHE A 4 9.00 4.04 -11.48
N HIS A 5 8.68 2.76 -11.61
CA HIS A 5 8.15 2.23 -12.87
C HIS A 5 6.80 2.86 -13.20
N ASP A 6 5.81 2.61 -12.35
CA ASP A 6 4.48 3.17 -12.54
C ASP A 6 3.65 3.07 -11.25
N GLU A 7 2.80 4.07 -11.02
CA GLU A 7 1.96 4.10 -9.81
C GLU A 7 0.62 3.44 -10.10
N VAL A 8 0.17 2.58 -9.18
CA VAL A 8 -1.09 1.87 -9.33
C VAL A 8 -1.91 1.94 -8.05
N GLU A 9 -3.23 2.09 -8.21
CA GLU A 9 -4.14 2.17 -7.06
C GLU A 9 -4.20 0.84 -6.31
N ILE A 10 -4.25 0.92 -4.98
CA ILE A 10 -4.31 -0.27 -4.14
C ILE A 10 -5.51 -1.15 -4.50
N GLU A 11 -6.57 -0.54 -5.03
CA GLU A 11 -7.77 -1.28 -5.42
C GLU A 11 -7.43 -2.36 -6.46
N ASP A 12 -6.44 -2.07 -7.31
CA ASP A 12 -6.00 -3.01 -8.34
C ASP A 12 -5.18 -4.15 -7.74
N PHE A 13 -4.50 -3.87 -6.62
CA PHE A 13 -3.67 -4.87 -5.95
C PHE A 13 -4.53 -6.01 -5.40
N GLN A 14 -3.87 -7.06 -4.89
CA GLN A 14 -4.57 -8.21 -4.33
C GLN A 14 -4.37 -8.28 -2.82
N TYR A 15 -5.46 -8.10 -2.07
CA TYR A 15 -5.40 -8.14 -0.61
C TYR A 15 -5.03 -9.55 -0.13
N ASP A 16 -3.99 -9.65 0.68
CA ASP A 16 -3.53 -10.92 1.20
C ASP A 16 -3.93 -11.07 2.67
N GLU A 17 -5.11 -11.65 2.90
CA GLU A 17 -5.62 -11.85 4.26
C GLU A 17 -4.61 -12.64 5.11
N ASP A 18 -3.80 -13.47 4.46
CA ASP A 18 -2.79 -14.27 5.14
C ASP A 18 -2.02 -13.46 6.19
N SER A 19 -1.54 -12.29 5.78
CA SER A 19 -0.80 -11.42 6.69
C SER A 19 -0.96 -9.94 6.33
N GLU A 20 -2.14 -9.58 5.78
CA GLU A 20 -2.41 -8.19 5.38
C GLU A 20 -1.31 -7.62 4.48
N THR A 21 -1.24 -8.13 3.26
CA THR A 21 -0.24 -7.68 2.29
C THR A 21 -0.86 -7.50 0.90
N TYR A 22 -0.27 -6.63 0.09
CA TYR A 22 -0.77 -6.36 -1.26
C TYR A 22 0.31 -6.68 -2.30
N PHE A 23 -0.05 -7.43 -3.33
CA PHE A 23 0.88 -7.81 -4.38
C PHE A 23 0.43 -7.28 -5.74
N TYR A 24 1.39 -7.04 -6.63
CA TYR A 24 1.11 -6.55 -7.98
C TYR A 24 1.77 -7.42 -9.04
N PRO A 25 1.05 -7.74 -10.13
CA PRO A 25 1.60 -8.58 -11.22
C PRO A 25 2.86 -7.97 -11.85
N CYS A 26 3.94 -8.73 -11.85
CA CYS A 26 5.21 -8.28 -12.42
C CYS A 26 5.57 -9.10 -13.66
N PRO A 27 6.24 -8.47 -14.65
CA PRO A 27 6.65 -9.14 -15.89
C PRO A 27 7.48 -10.40 -15.63
N CYS A 28 8.24 -10.41 -14.54
CA CYS A 28 9.08 -11.56 -14.20
C CYS A 28 8.23 -12.73 -13.69
N GLY A 29 7.24 -12.43 -12.85
CA GLY A 29 6.37 -13.47 -12.31
C GLY A 29 6.35 -13.50 -10.79
N ASP A 30 7.38 -12.95 -10.15
CA ASP A 30 7.47 -12.91 -8.69
C ASP A 30 6.34 -12.06 -8.09
N ASN A 31 5.98 -10.99 -8.79
CA ASN A 31 4.93 -10.08 -8.35
C ASN A 31 5.36 -9.22 -7.16
N PHE A 32 5.12 -7.91 -7.28
CA PHE A 32 5.47 -6.95 -6.23
C PHE A 32 4.75 -7.28 -4.94
N SER A 33 5.22 -6.70 -3.83
CA SER A 33 4.61 -6.94 -2.51
C SER A 33 4.74 -5.70 -1.61
N ILE A 34 3.67 -5.40 -0.88
CA ILE A 34 3.65 -4.26 0.04
C ILE A 34 2.71 -4.53 1.22
N THR A 35 3.24 -4.43 2.43
CA THR A 35 2.46 -4.67 3.64
C THR A 35 1.45 -3.54 3.89
N LYS A 36 0.32 -3.88 4.48
CA LYS A 36 -0.73 -2.90 4.77
C LYS A 36 -0.21 -1.82 5.72
N GLU A 37 0.60 -2.24 6.70
CA GLU A 37 1.18 -1.31 7.67
C GLU A 37 2.04 -0.25 6.98
N ASP A 38 2.78 -0.66 5.96
CA ASP A 38 3.65 0.26 5.21
C ASP A 38 2.85 1.42 4.65
N LEU A 39 1.72 1.11 4.03
CA LEU A 39 0.84 2.12 3.45
C LEU A 39 0.33 3.08 4.53
N GLU A 40 -0.06 2.53 5.67
CA GLU A 40 -0.57 3.34 6.79
C GLU A 40 0.49 4.35 7.26
N ASN A 41 1.76 3.98 7.15
CA ASN A 41 2.86 4.85 7.58
C ASN A 41 3.28 5.81 6.47
N GLY A 42 3.26 5.33 5.22
CA GLY A 42 3.66 6.15 4.10
C GLY A 42 4.44 5.36 3.05
N GLU A 43 4.90 4.15 3.41
CA GLU A 43 5.64 3.30 2.51
C GLU A 43 4.77 2.78 1.37
N ASP A 44 4.57 3.63 0.37
CA ASP A 44 3.75 3.28 -0.79
C ASP A 44 4.63 2.74 -1.93
N VAL A 45 5.65 1.96 -1.57
CA VAL A 45 6.55 1.39 -2.56
C VAL A 45 6.67 -0.12 -2.39
N ALA A 46 6.54 -0.85 -3.50
CA ALA A 46 6.64 -2.31 -3.48
C ALA A 46 7.87 -2.78 -4.23
N THR A 47 8.69 -3.60 -3.57
CA THR A 47 9.91 -4.13 -4.17
C THR A 47 9.78 -5.63 -4.42
N CYS A 48 9.96 -6.04 -5.67
CA CYS A 48 9.87 -7.46 -6.04
C CYS A 48 11.07 -8.23 -5.50
N PRO A 49 10.84 -9.47 -5.01
CA PRO A 49 11.90 -10.31 -4.46
C PRO A 49 12.67 -11.11 -5.53
N SER A 50 12.89 -10.49 -6.69
CA SER A 50 13.62 -11.14 -7.78
C SER A 50 14.25 -10.09 -8.70
N CYS A 51 13.39 -9.29 -9.36
CA CYS A 51 13.86 -8.24 -10.26
C CYS A 51 14.36 -7.02 -9.48
N SER A 52 13.86 -6.85 -8.26
CA SER A 52 14.24 -5.72 -7.41
C SER A 52 13.76 -4.40 -8.02
N LEU A 53 12.54 -4.40 -8.54
CA LEU A 53 11.95 -3.21 -9.16
C LEU A 53 11.21 -2.38 -8.11
N ILE A 54 10.62 -1.27 -8.56
CA ILE A 54 9.88 -0.38 -7.67
C ILE A 54 8.56 0.07 -8.29
N ILE A 55 7.52 0.19 -7.46
CA ILE A 55 6.20 0.62 -7.90
C ILE A 55 5.50 1.43 -6.83
N LYS A 56 4.74 2.44 -7.24
CA LYS A 56 4.01 3.29 -6.30
C LYS A 56 2.60 2.78 -6.08
N VAL A 57 2.20 2.78 -4.82
CA VAL A 57 0.87 2.31 -4.43
C VAL A 57 -0.02 3.47 -3.99
N ILE A 58 -1.07 3.73 -4.76
CA ILE A 58 -1.99 4.81 -4.45
C ILE A 58 -3.17 4.30 -3.62
N TYR A 59 -3.51 5.04 -2.57
CA TYR A 59 -4.62 4.66 -1.69
C TYR A 59 -5.18 5.87 -0.95
N ASP A 60 -6.22 5.64 -0.13
CA ASP A 60 -6.83 6.71 0.64
C ASP A 60 -6.13 6.86 1.99
N LYS A 61 -5.12 7.73 2.03
CA LYS A 61 -4.38 7.97 3.26
C LYS A 61 -5.31 8.44 4.38
N ASP A 62 -6.33 9.22 4.02
CA ASP A 62 -7.29 9.73 4.99
C ASP A 62 -8.08 8.59 5.62
N GLN A 63 -8.36 7.55 4.84
CA GLN A 63 -9.10 6.39 5.34
C GLN A 63 -8.18 5.39 6.01
N PHE A 64 -6.96 5.25 5.47
CA PHE A 64 -5.97 4.31 6.02
C PHE A 64 -5.63 4.65 7.47
N VAL A 65 -5.21 5.89 7.72
CA VAL A 65 -4.85 6.32 9.07
C VAL A 65 -5.97 7.16 9.70
N SER A 66 -6.88 6.47 10.39
CA SER A 66 -8.01 7.13 11.04
C SER A 66 -8.32 6.50 12.39
N GLY A 67 -7.30 5.94 13.04
CA GLY A 67 -7.50 5.32 14.34
C GLY A 67 -6.99 6.18 15.48
N GLU A 68 -5.67 6.16 15.68
CA GLU A 68 -5.06 6.96 16.75
C GLU A 68 -4.74 8.37 16.25
N THR A 69 -5.77 9.22 16.22
CA THR A 69 -5.60 10.60 15.78
C THR A 69 -6.24 11.57 16.77
N VAL A 70 -5.41 12.22 17.58
CA VAL A 70 -5.88 13.16 18.60
C VAL A 70 -5.07 14.46 18.56
N PRO A 71 -5.72 15.63 18.73
CA PRO A 71 -5.06 16.94 18.72
C PRO A 71 -3.96 17.05 19.79
N ALA A 72 -3.20 18.15 19.74
CA ALA A 72 -2.11 18.37 20.69
C ALA A 72 -2.19 19.77 21.34
N PRO A 73 -1.71 19.89 22.59
CA PRO A 73 -1.71 21.16 23.34
C PRO A 73 -0.72 22.18 22.77
N SER A 74 -0.63 23.34 23.43
CA SER A 74 0.27 24.40 22.99
C SER A 74 1.72 24.12 23.42
N ALA A 75 2.62 24.08 22.44
CA ALA A 75 4.04 23.82 22.70
C ALA A 75 4.28 22.41 23.22
N ASN A 76 4.73 21.53 22.33
CA ASN A 76 5.00 20.14 22.69
C ASN A 76 6.48 19.93 23.03
N LYS A 77 7.08 20.91 23.72
CA LYS A 77 8.48 20.84 24.10
C LYS A 77 8.70 21.47 25.48
N GLU A 78 8.89 20.63 26.50
CA GLU A 78 9.12 21.11 27.85
C GLU A 78 10.61 21.16 28.17
N LEU A 79 11.14 22.36 28.37
CA LEU A 79 12.56 22.54 28.67
C LEU A 79 12.82 23.83 29.45
N VAL A 80 12.26 23.92 30.66
CA VAL A 80 12.43 25.10 31.50
C VAL A 80 12.60 24.72 32.98
N LYS A 81 13.72 25.15 33.57
CA LYS A 81 14.04 24.86 34.97
C LYS A 81 14.13 23.35 35.24
N LEU A 82 15.35 22.82 35.14
CA LEU A 82 15.59 21.39 35.35
C LEU A 82 15.83 21.09 36.83
N GLU A 83 14.83 20.54 37.50
CA GLU A 83 14.92 20.20 38.92
C GLU A 83 15.19 18.70 39.12
N HIS A 84 14.62 17.88 38.24
CA HIS A 84 14.78 16.42 38.32
C HIS A 84 14.23 15.88 39.64
ZN ZN B . 9.18 -8.32 -10.39
N MET A 1 16.20 3.64 -13.33
CA MET A 1 17.25 3.26 -12.35
C MET A 1 16.84 3.64 -10.94
N ALA A 2 16.74 4.95 -10.68
CA ALA A 2 16.37 5.46 -9.37
C ALA A 2 14.89 5.81 -9.31
N VAL A 3 14.39 6.47 -10.35
CA VAL A 3 12.98 6.87 -10.42
C VAL A 3 12.06 5.65 -10.48
N PHE A 4 10.79 5.85 -10.11
CA PHE A 4 9.81 4.78 -10.12
C PHE A 4 9.42 4.39 -11.54
N HIS A 5 8.81 3.22 -11.69
CA HIS A 5 8.39 2.72 -13.00
C HIS A 5 6.97 3.18 -13.33
N ASP A 6 5.98 2.67 -12.59
CA ASP A 6 4.58 3.03 -12.81
C ASP A 6 3.80 3.06 -11.50
N GLU A 7 2.63 3.70 -11.51
CA GLU A 7 1.78 3.81 -10.33
C GLU A 7 0.48 3.06 -10.53
N VAL A 8 0.08 2.27 -9.53
CA VAL A 8 -1.16 1.49 -9.59
C VAL A 8 -1.99 1.65 -8.32
N GLU A 9 -3.30 1.74 -8.49
CA GLU A 9 -4.21 1.88 -7.36
C GLU A 9 -4.22 0.63 -6.48
N ILE A 10 -4.25 0.84 -5.17
CA ILE A 10 -4.25 -0.26 -4.21
C ILE A 10 -5.42 -1.21 -4.44
N GLU A 11 -6.54 -0.68 -4.96
CA GLU A 11 -7.72 -1.50 -5.23
C GLU A 11 -7.39 -2.59 -6.25
N ASP A 12 -6.46 -2.30 -7.16
CA ASP A 12 -6.06 -3.25 -8.19
C ASP A 12 -5.20 -4.38 -7.60
N PHE A 13 -4.48 -4.06 -6.53
CA PHE A 13 -3.61 -5.04 -5.87
C PHE A 13 -4.43 -6.20 -5.30
N GLN A 14 -3.76 -7.32 -5.04
CA GLN A 14 -4.42 -8.50 -4.49
C GLN A 14 -4.27 -8.55 -2.98
N TYR A 15 -5.12 -7.81 -2.27
CA TYR A 15 -5.08 -7.77 -0.82
C TYR A 15 -5.48 -9.11 -0.22
N ASP A 16 -4.96 -9.39 0.98
CA ASP A 16 -5.27 -10.63 1.68
C ASP A 16 -5.36 -10.39 3.19
N GLU A 17 -6.50 -10.74 3.78
CA GLU A 17 -6.70 -10.56 5.22
C GLU A 17 -5.76 -11.47 6.03
N ASP A 18 -5.40 -12.61 5.44
CA ASP A 18 -4.52 -13.58 6.08
C ASP A 18 -3.18 -12.95 6.47
N SER A 19 -2.45 -12.47 5.48
CA SER A 19 -1.14 -11.85 5.71
C SER A 19 -1.23 -10.33 5.85
N GLU A 20 -2.32 -9.75 5.35
CA GLU A 20 -2.54 -8.30 5.42
C GLU A 20 -1.48 -7.56 4.60
N THR A 21 -1.26 -8.03 3.36
CA THR A 21 -0.29 -7.42 2.46
C THR A 21 -0.83 -7.37 1.04
N TYR A 22 -0.47 -6.32 0.30
CA TYR A 22 -0.91 -6.16 -1.09
C TYR A 22 0.16 -6.64 -2.06
N PHE A 23 -0.26 -7.29 -3.15
CA PHE A 23 0.67 -7.80 -4.14
C PHE A 23 0.30 -7.33 -5.56
N TYR A 24 1.28 -7.31 -6.45
CA TYR A 24 1.06 -6.90 -7.84
C TYR A 24 1.84 -7.79 -8.81
N PRO A 25 1.21 -8.19 -9.94
CA PRO A 25 1.86 -9.03 -10.95
C PRO A 25 3.00 -8.33 -11.67
N CYS A 26 4.19 -8.94 -11.64
CA CYS A 26 5.35 -8.37 -12.29
C CYS A 26 5.57 -9.00 -13.67
N PRO A 27 6.04 -8.20 -14.65
CA PRO A 27 6.28 -8.68 -16.01
C PRO A 27 7.48 -9.63 -16.10
N CYS A 28 8.32 -9.65 -15.06
CA CYS A 28 9.49 -10.53 -15.04
C CYS A 28 9.10 -11.98 -14.72
N GLY A 29 8.14 -12.15 -13.80
CA GLY A 29 7.69 -13.47 -13.42
C GLY A 29 7.05 -13.52 -12.04
N ASP A 30 7.74 -12.93 -11.06
CA ASP A 30 7.24 -12.89 -9.68
C ASP A 30 6.18 -11.79 -9.51
N ASN A 31 5.84 -11.48 -8.26
CA ASN A 31 4.85 -10.46 -7.96
C ASN A 31 5.32 -9.53 -6.83
N PHE A 32 5.04 -8.24 -6.98
CA PHE A 32 5.42 -7.24 -5.97
C PHE A 32 4.70 -7.51 -4.64
N SER A 33 5.18 -6.87 -3.58
CA SER A 33 4.57 -7.04 -2.26
C SER A 33 4.73 -5.79 -1.40
N ILE A 34 3.68 -5.43 -0.66
CA ILE A 34 3.70 -4.26 0.21
C ILE A 34 2.73 -4.46 1.38
N THR A 35 3.24 -4.34 2.60
CA THR A 35 2.41 -4.52 3.79
C THR A 35 1.44 -3.36 3.99
N LYS A 36 0.28 -3.67 4.56
CA LYS A 36 -0.76 -2.66 4.81
C LYS A 36 -0.24 -1.56 5.75
N GLU A 37 0.55 -1.97 6.74
CA GLU A 37 1.11 -1.03 7.71
C GLU A 37 2.01 -0.01 7.02
N ASP A 38 2.77 -0.47 6.01
CA ASP A 38 3.67 0.40 5.27
C ASP A 38 2.91 1.58 4.68
N LEU A 39 1.77 1.28 4.05
CA LEU A 39 0.94 2.30 3.44
C LEU A 39 0.47 3.33 4.47
N GLU A 40 0.01 2.84 5.63
CA GLU A 40 -0.45 3.72 6.70
C GLU A 40 0.67 4.66 7.16
N ASN A 41 1.91 4.17 7.12
CA ASN A 41 3.07 4.98 7.53
C ASN A 41 3.55 5.90 6.42
N GLY A 42 3.51 5.43 5.17
CA GLY A 42 3.96 6.23 4.05
C GLY A 42 4.73 5.40 3.02
N GLU A 43 5.10 4.17 3.39
CA GLU A 43 5.83 3.28 2.50
C GLU A 43 4.95 2.79 1.36
N ASP A 44 4.80 3.64 0.34
CA ASP A 44 4.00 3.31 -0.83
C ASP A 44 4.88 2.81 -1.97
N VAL A 45 5.86 1.97 -1.62
CA VAL A 45 6.78 1.41 -2.60
C VAL A 45 6.87 -0.11 -2.47
N ALA A 46 6.77 -0.81 -3.60
CA ALA A 46 6.84 -2.27 -3.60
C ALA A 46 8.11 -2.74 -4.32
N THR A 47 8.80 -3.70 -3.72
CA THR A 47 10.03 -4.23 -4.29
C THR A 47 9.88 -5.72 -4.64
N CYS A 48 10.31 -6.08 -5.85
CA CYS A 48 10.23 -7.47 -6.31
C CYS A 48 11.52 -8.22 -5.98
N PRO A 49 11.42 -9.44 -5.44
CA PRO A 49 12.59 -10.26 -5.08
C PRO A 49 13.22 -10.96 -6.28
N SER A 50 12.68 -10.72 -7.48
CA SER A 50 13.21 -11.33 -8.70
C SER A 50 13.96 -10.30 -9.54
N CYS A 51 13.32 -9.16 -9.81
CA CYS A 51 13.94 -8.11 -10.62
C CYS A 51 14.47 -6.96 -9.75
N SER A 52 13.91 -6.80 -8.55
CA SER A 52 14.32 -5.73 -7.64
C SER A 52 13.90 -4.36 -8.18
N LEU A 53 12.70 -4.29 -8.72
CA LEU A 53 12.17 -3.04 -9.27
C LEU A 53 11.30 -2.32 -8.24
N ILE A 54 11.05 -1.04 -8.49
CA ILE A 54 10.23 -0.23 -7.58
C ILE A 54 8.92 0.18 -8.24
N ILE A 55 7.84 0.22 -7.44
CA ILE A 55 6.53 0.61 -7.94
C ILE A 55 5.77 1.43 -6.90
N LYS A 56 4.99 2.40 -7.36
CA LYS A 56 4.23 3.27 -6.46
C LYS A 56 2.83 2.72 -6.22
N VAL A 57 2.43 2.72 -4.96
CA VAL A 57 1.13 2.22 -4.54
C VAL A 57 0.21 3.37 -4.14
N ILE A 58 -0.85 3.58 -4.93
CA ILE A 58 -1.81 4.65 -4.67
C ILE A 58 -2.98 4.14 -3.84
N TYR A 59 -3.35 4.89 -2.81
CA TYR A 59 -4.45 4.51 -1.92
C TYR A 59 -5.04 5.74 -1.23
N ASP A 60 -6.10 5.52 -0.44
CA ASP A 60 -6.74 6.61 0.28
C ASP A 60 -6.12 6.80 1.66
N LYS A 61 -5.30 7.85 1.79
CA LYS A 61 -4.64 8.16 3.06
C LYS A 61 -5.66 8.41 4.16
N ASP A 62 -6.83 8.95 3.78
CA ASP A 62 -7.88 9.24 4.76
C ASP A 62 -8.40 7.95 5.38
N GLN A 63 -8.53 6.90 4.56
CA GLN A 63 -9.01 5.60 5.04
C GLN A 63 -7.92 4.86 5.80
N PHE A 64 -6.72 4.80 5.22
CA PHE A 64 -5.60 4.10 5.86
C PHE A 64 -5.26 4.71 7.21
N VAL A 65 -5.25 6.05 7.28
CA VAL A 65 -4.95 6.76 8.53
C VAL A 65 -6.23 6.99 9.32
N SER A 66 -6.64 5.98 10.09
CA SER A 66 -7.85 6.08 10.90
C SER A 66 -7.58 5.66 12.35
N GLY A 67 -7.20 6.63 13.18
CA GLY A 67 -6.93 6.35 14.58
C GLY A 67 -8.16 6.48 15.46
N GLU A 68 -9.01 7.47 15.15
CA GLU A 68 -10.23 7.70 15.92
C GLU A 68 -11.46 7.16 15.17
N THR A 69 -11.30 6.02 14.51
CA THR A 69 -12.39 5.40 13.76
C THR A 69 -13.17 4.42 14.64
N VAL A 70 -14.30 3.92 14.12
CA VAL A 70 -15.13 2.98 14.85
C VAL A 70 -15.50 1.77 13.99
N PRO A 71 -15.42 0.54 14.56
CA PRO A 71 -15.74 -0.69 13.84
C PRO A 71 -17.25 -0.90 13.69
N ALA A 72 -17.64 -2.05 13.13
CA ALA A 72 -19.05 -2.36 12.92
C ALA A 72 -19.35 -3.84 13.16
N PRO A 73 -20.59 -4.18 13.57
CA PRO A 73 -21.00 -5.56 13.84
C PRO A 73 -20.74 -6.50 12.66
N SER A 74 -20.33 -7.73 12.98
CA SER A 74 -20.04 -8.73 11.95
C SER A 74 -20.08 -10.14 12.54
N ALA A 75 -20.73 -11.06 11.80
CA ALA A 75 -20.84 -12.45 12.24
C ALA A 75 -19.93 -13.36 11.41
N ASN A 76 -18.92 -13.94 12.06
CA ASN A 76 -17.99 -14.83 11.39
C ASN A 76 -18.56 -16.25 11.30
N LYS A 77 -19.00 -16.63 10.11
CA LYS A 77 -19.58 -17.95 9.89
C LYS A 77 -18.52 -19.05 10.04
N GLU A 78 -18.93 -20.17 10.64
CA GLU A 78 -18.00 -21.29 10.85
C GLU A 78 -18.76 -22.61 10.96
N LEU A 79 -18.76 -23.39 9.89
CA LEU A 79 -19.44 -24.68 9.86
C LEU A 79 -18.95 -25.54 8.69
N VAL A 80 -17.65 -25.50 8.44
CA VAL A 80 -17.05 -26.28 7.35
C VAL A 80 -16.92 -27.75 7.72
N LYS A 81 -17.61 -28.62 6.98
CA LYS A 81 -17.58 -30.07 7.24
C LYS A 81 -17.68 -30.87 5.94
N LEU A 82 -17.28 -30.27 4.82
CA LEU A 82 -17.33 -30.94 3.51
C LEU A 82 -18.77 -31.12 3.04
N GLU A 83 -18.95 -31.17 1.71
CA GLU A 83 -20.28 -31.34 1.13
C GLU A 83 -20.83 -32.73 1.42
N HIS A 84 -22.16 -32.83 1.57
CA HIS A 84 -22.82 -34.09 1.86
C HIS A 84 -24.18 -34.17 1.19
ZN ZN B . 9.65 -8.26 -10.70
N MET A 1 16.87 2.81 -9.10
CA MET A 1 15.96 3.91 -8.70
C MET A 1 16.25 5.18 -9.50
N ALA A 2 15.19 5.87 -9.92
CA ALA A 2 15.33 7.12 -10.70
C ALA A 2 13.97 7.84 -10.80
N VAL A 3 13.02 7.21 -11.51
CA VAL A 3 11.69 7.79 -11.68
C VAL A 3 10.59 6.74 -11.47
N PHE A 4 10.90 5.69 -10.68
CA PHE A 4 9.95 4.63 -10.39
C PHE A 4 9.50 3.92 -11.68
N HIS A 5 8.63 2.92 -11.53
CA HIS A 5 8.13 2.18 -12.68
C HIS A 5 6.77 2.72 -13.13
N ASP A 6 5.78 2.64 -12.24
CA ASP A 6 4.43 3.13 -12.52
C ASP A 6 3.61 3.23 -11.23
N GLU A 7 2.54 4.03 -11.28
CA GLU A 7 1.67 4.21 -10.13
C GLU A 7 0.33 3.49 -10.34
N VAL A 8 0.02 2.55 -9.45
CA VAL A 8 -1.22 1.78 -9.54
C VAL A 8 -2.02 1.87 -8.26
N GLU A 9 -3.35 1.95 -8.38
CA GLU A 9 -4.24 2.03 -7.23
C GLU A 9 -4.22 0.74 -6.42
N ILE A 10 -4.23 0.88 -5.09
CA ILE A 10 -4.21 -0.27 -4.19
C ILE A 10 -5.38 -1.23 -4.48
N GLU A 11 -6.49 -0.68 -4.97
CA GLU A 11 -7.67 -1.48 -5.29
C GLU A 11 -7.33 -2.56 -6.32
N ASP A 12 -6.42 -2.23 -7.25
CA ASP A 12 -5.99 -3.18 -8.28
C ASP A 12 -5.10 -4.28 -7.70
N PHE A 13 -4.38 -3.95 -6.62
CA PHE A 13 -3.48 -4.90 -5.96
C PHE A 13 -4.26 -6.08 -5.38
N GLN A 14 -3.55 -7.16 -5.11
CA GLN A 14 -4.16 -8.36 -4.53
C GLN A 14 -4.00 -8.36 -3.01
N TYR A 15 -5.05 -7.96 -2.30
CA TYR A 15 -5.03 -7.91 -0.85
C TYR A 15 -4.98 -9.32 -0.27
N ASP A 16 -4.13 -9.50 0.74
CA ASP A 16 -3.97 -10.79 1.40
C ASP A 16 -4.33 -10.69 2.88
N GLU A 17 -5.60 -10.92 3.19
CA GLU A 17 -6.08 -10.86 4.57
C GLU A 17 -5.29 -11.81 5.48
N ASP A 18 -4.78 -12.89 4.88
CA ASP A 18 -3.98 -13.87 5.62
C ASP A 18 -2.91 -13.20 6.47
N SER A 19 -2.22 -12.22 5.89
CA SER A 19 -1.16 -11.49 6.62
C SER A 19 -1.20 -9.99 6.35
N GLU A 20 -2.37 -9.47 5.97
CA GLU A 20 -2.55 -8.04 5.68
C GLU A 20 -1.43 -7.50 4.77
N THR A 21 -1.32 -8.07 3.58
CA THR A 21 -0.30 -7.66 2.61
C THR A 21 -0.88 -7.60 1.19
N TYR A 22 -0.42 -6.63 0.39
CA TYR A 22 -0.89 -6.47 -0.98
C TYR A 22 0.18 -6.93 -1.98
N PHE A 23 -0.26 -7.58 -3.05
CA PHE A 23 0.65 -8.07 -4.08
C PHE A 23 0.28 -7.55 -5.47
N TYR A 24 1.24 -7.59 -6.40
CA TYR A 24 1.01 -7.11 -7.77
C TYR A 24 1.83 -7.91 -8.78
N PRO A 25 1.24 -8.27 -9.94
CA PRO A 25 1.94 -9.04 -10.97
C PRO A 25 3.01 -8.23 -11.69
N CYS A 26 4.24 -8.78 -11.71
CA CYS A 26 5.35 -8.11 -12.37
C CYS A 26 5.64 -8.72 -13.74
N PRO A 27 6.03 -7.88 -14.72
CA PRO A 27 6.33 -8.34 -16.08
C PRO A 27 7.41 -9.43 -16.12
N CYS A 28 8.28 -9.45 -15.12
CA CYS A 28 9.35 -10.44 -15.05
C CYS A 28 8.80 -11.84 -14.78
N GLY A 29 7.78 -11.92 -13.92
CA GLY A 29 7.18 -13.21 -13.58
C GLY A 29 6.73 -13.28 -12.14
N ASP A 30 7.53 -12.72 -11.24
CA ASP A 30 7.21 -12.70 -9.81
C ASP A 30 6.11 -11.67 -9.51
N ASN A 31 5.78 -11.52 -8.23
CA ASN A 31 4.74 -10.57 -7.82
C ASN A 31 5.22 -9.66 -6.69
N PHE A 32 4.98 -8.35 -6.83
CA PHE A 32 5.37 -7.37 -5.82
C PHE A 32 4.64 -7.63 -4.50
N SER A 33 5.14 -7.04 -3.41
CA SER A 33 4.52 -7.21 -2.10
C SER A 33 4.69 -5.96 -1.23
N ILE A 34 3.62 -5.61 -0.51
CA ILE A 34 3.63 -4.43 0.36
C ILE A 34 2.66 -4.63 1.54
N THR A 35 3.18 -4.55 2.76
CA THR A 35 2.36 -4.72 3.96
C THR A 35 1.45 -3.51 4.19
N LYS A 36 0.28 -3.76 4.79
CA LYS A 36 -0.68 -2.69 5.07
C LYS A 36 -0.06 -1.63 5.98
N GLU A 37 0.76 -2.08 6.93
CA GLU A 37 1.43 -1.17 7.86
C GLU A 37 2.33 -0.19 7.12
N ASP A 38 3.01 -0.68 6.07
CA ASP A 38 3.90 0.17 5.27
C ASP A 38 3.13 1.38 4.73
N LEU A 39 1.96 1.13 4.17
CA LEU A 39 1.13 2.19 3.61
C LEU A 39 0.73 3.21 4.69
N GLU A 40 0.28 2.72 5.85
CA GLU A 40 -0.11 3.58 6.95
C GLU A 40 1.05 4.46 7.42
N ASN A 41 2.28 3.93 7.30
CA ASN A 41 3.47 4.67 7.72
C ASN A 41 3.96 5.64 6.63
N GLY A 42 3.85 5.22 5.37
CA GLY A 42 4.29 6.05 4.26
C GLY A 42 5.00 5.24 3.16
N GLU A 43 5.34 3.98 3.47
CA GLU A 43 6.01 3.10 2.52
C GLU A 43 5.05 2.66 1.41
N ASP A 44 4.87 3.53 0.43
CA ASP A 44 4.00 3.25 -0.70
C ASP A 44 4.80 2.75 -1.90
N VAL A 45 5.77 1.86 -1.62
CA VAL A 45 6.63 1.29 -2.65
C VAL A 45 6.73 -0.23 -2.52
N ALA A 46 6.65 -0.93 -3.67
CA ALA A 46 6.75 -2.39 -3.68
C ALA A 46 8.03 -2.84 -4.38
N THR A 47 8.76 -3.74 -3.74
CA THR A 47 10.02 -4.26 -4.28
C THR A 47 9.90 -5.73 -4.67
N CYS A 48 10.36 -6.06 -5.87
CA CYS A 48 10.31 -7.44 -6.36
C CYS A 48 11.51 -8.23 -5.86
N PRO A 49 11.29 -9.50 -5.44
CA PRO A 49 12.37 -10.36 -4.94
C PRO A 49 13.20 -11.01 -6.05
N SER A 50 12.89 -10.68 -7.31
CA SER A 50 13.61 -11.25 -8.46
C SER A 50 14.32 -10.15 -9.25
N CYS A 51 13.54 -9.24 -9.85
CA CYS A 51 14.10 -8.14 -10.64
C CYS A 51 14.50 -6.95 -9.76
N SER A 52 13.92 -6.86 -8.56
CA SER A 52 14.20 -5.76 -7.63
C SER A 52 13.71 -4.42 -8.19
N LEU A 53 12.55 -4.45 -8.84
CA LEU A 53 11.95 -3.25 -9.44
C LEU A 53 11.15 -2.48 -8.39
N ILE A 54 10.94 -1.19 -8.64
CA ILE A 54 10.18 -0.34 -7.72
C ILE A 54 8.86 0.09 -8.34
N ILE A 55 7.80 0.16 -7.53
CA ILE A 55 6.48 0.58 -8.01
C ILE A 55 5.74 1.39 -6.93
N LYS A 56 4.96 2.38 -7.38
CA LYS A 56 4.21 3.22 -6.45
C LYS A 56 2.82 2.68 -6.18
N VAL A 57 2.45 2.66 -4.91
CA VAL A 57 1.16 2.17 -4.49
C VAL A 57 0.26 3.32 -4.05
N ILE A 58 -0.81 3.56 -4.80
CA ILE A 58 -1.75 4.63 -4.49
C ILE A 58 -2.92 4.10 -3.66
N TYR A 59 -3.28 4.84 -2.61
CA TYR A 59 -4.37 4.45 -1.71
C TYR A 59 -4.96 5.66 -1.01
N ASP A 60 -6.12 5.47 -0.35
CA ASP A 60 -6.77 6.56 0.36
C ASP A 60 -6.21 6.69 1.78
N LYS A 61 -5.27 7.62 1.95
CA LYS A 61 -4.65 7.86 3.25
C LYS A 61 -5.70 8.22 4.31
N ASP A 62 -6.78 8.86 3.87
CA ASP A 62 -7.86 9.25 4.77
C ASP A 62 -8.53 8.02 5.37
N GLN A 63 -8.66 6.97 4.57
CA GLN A 63 -9.28 5.72 5.02
C GLN A 63 -8.29 4.90 5.85
N PHE A 64 -7.03 4.89 5.45
CA PHE A 64 -5.99 4.14 6.16
C PHE A 64 -5.84 4.64 7.60
N VAL A 65 -5.49 5.92 7.75
CA VAL A 65 -5.30 6.51 9.07
C VAL A 65 -6.41 7.55 9.36
N SER A 66 -7.45 7.10 10.05
CA SER A 66 -8.58 7.97 10.40
C SER A 66 -8.43 8.52 11.80
N GLY A 67 -7.72 9.65 11.92
CA GLY A 67 -7.53 10.27 13.22
C GLY A 67 -8.82 10.78 13.84
N GLU A 68 -9.63 11.46 13.04
CA GLU A 68 -10.91 11.99 13.51
C GLU A 68 -12.07 11.40 12.71
N THR A 69 -12.51 10.20 13.12
CA THR A 69 -13.62 9.51 12.45
C THR A 69 -14.69 9.09 13.45
N VAL A 70 -15.90 8.80 12.93
CA VAL A 70 -17.02 8.39 13.77
C VAL A 70 -17.33 6.90 13.60
N PRO A 71 -17.62 6.19 14.70
CA PRO A 71 -17.93 4.76 14.67
C PRO A 71 -19.09 4.41 13.74
N ALA A 72 -18.83 3.49 12.79
CA ALA A 72 -19.83 3.06 11.82
C ALA A 72 -20.11 4.14 10.77
N PRO A 73 -20.65 3.74 9.59
CA PRO A 73 -20.96 4.70 8.51
C PRO A 73 -22.18 5.55 8.81
N SER A 74 -22.37 6.61 8.02
CA SER A 74 -23.49 7.52 8.20
C SER A 74 -23.94 8.10 6.86
N ALA A 75 -23.02 8.80 6.18
CA ALA A 75 -23.33 9.42 4.89
C ALA A 75 -22.83 8.55 3.73
N ASN A 76 -23.21 8.94 2.51
CA ASN A 76 -22.80 8.19 1.31
C ASN A 76 -22.57 9.15 0.13
N LYS A 77 -22.01 10.32 0.41
CA LYS A 77 -21.73 11.31 -0.62
C LYS A 77 -20.34 11.93 -0.44
N GLU A 78 -19.38 11.12 0.01
CA GLU A 78 -18.01 11.58 0.21
C GLU A 78 -17.34 11.90 -1.12
N LEU A 79 -17.41 13.16 -1.53
CA LEU A 79 -16.84 13.62 -2.79
C LEU A 79 -15.82 14.74 -2.55
N VAL A 80 -15.72 15.67 -3.49
CA VAL A 80 -14.79 16.79 -3.37
C VAL A 80 -15.48 18.02 -2.78
N LYS A 81 -15.24 18.26 -1.49
CA LYS A 81 -15.83 19.40 -0.77
C LYS A 81 -17.36 19.31 -0.76
N LEU A 82 -17.90 18.47 0.13
CA LEU A 82 -19.34 18.30 0.26
C LEU A 82 -19.77 18.26 1.73
N GLU A 83 -21.05 18.59 1.97
CA GLU A 83 -21.63 18.62 3.33
C GLU A 83 -21.12 19.83 4.11
N HIS A 84 -19.82 19.86 4.39
CA HIS A 84 -19.21 20.97 5.13
C HIS A 84 -19.30 22.27 4.35
ZN ZN B . 9.55 -8.15 -10.87
N MET A 1 11.98 13.18 -12.28
CA MET A 1 11.75 13.42 -10.83
C MET A 1 11.91 12.14 -10.01
N ALA A 2 11.42 11.01 -10.54
CA ALA A 2 11.52 9.73 -9.85
C ALA A 2 11.93 8.60 -10.80
N VAL A 3 12.58 7.57 -10.26
CA VAL A 3 13.02 6.42 -11.06
C VAL A 3 12.10 5.21 -10.84
N PHE A 4 10.82 5.47 -10.56
CA PHE A 4 9.83 4.42 -10.33
C PHE A 4 9.41 3.76 -11.66
N HIS A 5 8.62 2.70 -11.55
CA HIS A 5 8.14 1.98 -12.72
C HIS A 5 6.75 2.49 -13.14
N ASP A 6 5.76 2.27 -12.27
CA ASP A 6 4.38 2.71 -12.54
C ASP A 6 3.56 2.71 -11.24
N GLU A 7 2.74 3.75 -11.08
CA GLU A 7 1.88 3.88 -9.89
C GLU A 7 0.52 3.22 -10.14
N VAL A 8 0.06 2.41 -9.18
CA VAL A 8 -1.21 1.72 -9.31
C VAL A 8 -2.01 1.79 -8.00
N GLU A 9 -3.33 1.94 -8.13
CA GLU A 9 -4.22 2.02 -6.98
C GLU A 9 -4.27 0.68 -6.24
N ILE A 10 -4.29 0.76 -4.91
CA ILE A 10 -4.34 -0.43 -4.06
C ILE A 10 -5.53 -1.33 -4.41
N GLU A 11 -6.61 -0.72 -4.92
CA GLU A 11 -7.81 -1.48 -5.31
C GLU A 11 -7.46 -2.54 -6.35
N ASP A 12 -6.49 -2.23 -7.21
CA ASP A 12 -6.04 -3.16 -8.25
C ASP A 12 -5.22 -4.31 -7.66
N PHE A 13 -4.54 -4.04 -6.54
CA PHE A 13 -3.71 -5.04 -5.87
C PHE A 13 -4.57 -6.17 -5.29
N GLN A 14 -3.91 -7.24 -4.82
CA GLN A 14 -4.61 -8.38 -4.24
C GLN A 14 -4.47 -8.38 -2.72
N TYR A 15 -5.56 -8.09 -2.02
CA TYR A 15 -5.56 -8.07 -0.56
C TYR A 15 -5.33 -9.47 0.01
N ASP A 16 -4.16 -9.67 0.62
CA ASP A 16 -3.81 -10.95 1.21
C ASP A 16 -4.28 -11.05 2.66
N GLU A 17 -5.46 -11.64 2.85
CA GLU A 17 -6.03 -11.80 4.20
C GLU A 17 -5.12 -12.61 5.11
N ASP A 18 -4.28 -13.46 4.50
CA ASP A 18 -3.34 -14.31 5.25
C ASP A 18 -2.55 -13.50 6.28
N SER A 19 -1.93 -12.40 5.84
CA SER A 19 -1.14 -11.56 6.73
C SER A 19 -1.29 -10.07 6.39
N GLU A 20 -2.44 -9.69 5.82
CA GLU A 20 -2.71 -8.30 5.46
C GLU A 20 -1.58 -7.71 4.59
N THR A 21 -1.46 -8.23 3.37
CA THR A 21 -0.43 -7.76 2.44
C THR A 21 -0.99 -7.61 1.03
N TYR A 22 -0.45 -6.67 0.26
CA TYR A 22 -0.91 -6.44 -1.12
C TYR A 22 0.19 -6.79 -2.12
N PHE A 23 -0.20 -7.44 -3.21
CA PHE A 23 0.77 -7.86 -4.24
C PHE A 23 0.36 -7.36 -5.64
N TYR A 24 1.35 -7.25 -6.53
CA TYR A 24 1.10 -6.79 -7.91
C TYR A 24 1.85 -7.66 -8.92
N PRO A 25 1.18 -8.04 -10.03
CA PRO A 25 1.79 -8.87 -11.08
C PRO A 25 2.94 -8.16 -11.80
N CYS A 26 4.11 -8.80 -11.82
CA CYS A 26 5.27 -8.22 -12.48
C CYS A 26 5.49 -8.87 -13.86
N PRO A 27 5.97 -8.09 -14.83
CA PRO A 27 6.23 -8.58 -16.19
C PRO A 27 7.41 -9.57 -16.25
N CYS A 28 8.24 -9.58 -15.21
CA CYS A 28 9.38 -10.48 -15.15
C CYS A 28 8.94 -11.91 -14.83
N GLY A 29 7.93 -12.05 -13.96
CA GLY A 29 7.45 -13.36 -13.58
C GLY A 29 6.85 -13.38 -12.19
N ASP A 30 7.59 -12.84 -11.21
CA ASP A 30 7.13 -12.80 -9.83
C ASP A 30 6.10 -11.69 -9.63
N ASN A 31 5.77 -11.38 -8.37
CA ASN A 31 4.79 -10.34 -8.07
C ASN A 31 5.25 -9.47 -6.91
N PHE A 32 5.03 -8.16 -7.04
CA PHE A 32 5.40 -7.19 -6.00
C PHE A 32 4.66 -7.48 -4.69
N SER A 33 5.16 -6.92 -3.58
CA SER A 33 4.53 -7.13 -2.28
C SER A 33 4.67 -5.89 -1.38
N ILE A 34 3.59 -5.57 -0.67
CA ILE A 34 3.57 -4.42 0.25
C ILE A 34 2.59 -4.68 1.40
N THR A 35 3.08 -4.56 2.63
CA THR A 35 2.25 -4.77 3.82
C THR A 35 1.26 -3.63 4.01
N LYS A 36 0.10 -3.95 4.59
CA LYS A 36 -0.93 -2.95 4.85
C LYS A 36 -0.43 -1.87 5.80
N GLU A 37 0.37 -2.27 6.80
CA GLU A 37 0.93 -1.34 7.77
C GLU A 37 1.84 -0.32 7.08
N ASP A 38 2.60 -0.79 6.08
CA ASP A 38 3.51 0.09 5.32
C ASP A 38 2.75 1.27 4.73
N LEU A 39 1.62 0.98 4.09
CA LEU A 39 0.80 2.02 3.48
C LEU A 39 0.26 2.98 4.53
N GLU A 40 -0.16 2.44 5.68
CA GLU A 40 -0.68 3.26 6.77
C GLU A 40 0.39 4.22 7.31
N ASN A 41 1.65 3.81 7.25
CA ASN A 41 2.76 4.62 7.74
C ASN A 41 3.28 5.59 6.68
N GLY A 42 3.28 5.15 5.42
CA GLY A 42 3.76 5.98 4.34
C GLY A 42 4.54 5.19 3.30
N GLU A 43 4.94 3.95 3.65
CA GLU A 43 5.68 3.09 2.75
C GLU A 43 4.78 2.63 1.59
N ASP A 44 4.64 3.49 0.60
CA ASP A 44 3.82 3.21 -0.57
C ASP A 44 4.71 2.75 -1.73
N VAL A 45 5.68 1.90 -1.41
CA VAL A 45 6.60 1.36 -2.40
C VAL A 45 6.72 -0.15 -2.30
N ALA A 46 6.61 -0.83 -3.43
CA ALA A 46 6.72 -2.29 -3.47
C ALA A 46 7.97 -2.70 -4.23
N THR A 47 8.68 -3.69 -3.69
CA THR A 47 9.90 -4.19 -4.32
C THR A 47 9.75 -5.66 -4.69
N CYS A 48 10.12 -6.00 -5.92
CA CYS A 48 10.03 -7.37 -6.42
C CYS A 48 11.35 -8.10 -6.18
N PRO A 49 11.33 -9.18 -5.35
CA PRO A 49 12.54 -9.96 -5.05
C PRO A 49 13.24 -10.50 -6.30
N SER A 50 12.52 -10.57 -7.43
CA SER A 50 13.09 -11.09 -8.67
C SER A 50 13.88 -10.01 -9.41
N CYS A 51 13.18 -9.05 -10.02
CA CYS A 51 13.84 -7.98 -10.77
C CYS A 51 14.42 -6.90 -9.85
N SER A 52 13.86 -6.78 -8.64
CA SER A 52 14.31 -5.80 -7.66
C SER A 52 13.99 -4.38 -8.13
N LEU A 53 12.82 -4.23 -8.73
CA LEU A 53 12.37 -2.93 -9.23
C LEU A 53 11.53 -2.20 -8.17
N ILE A 54 11.10 -0.98 -8.49
CA ILE A 54 10.30 -0.19 -7.56
C ILE A 54 8.99 0.26 -8.19
N ILE A 55 7.92 0.29 -7.40
CA ILE A 55 6.61 0.72 -7.87
C ILE A 55 5.89 1.57 -6.81
N LYS A 56 4.91 2.36 -7.26
CA LYS A 56 4.15 3.21 -6.35
C LYS A 56 2.75 2.65 -6.09
N VAL A 57 2.37 2.64 -4.83
CA VAL A 57 1.07 2.14 -4.42
C VAL A 57 0.16 3.27 -3.96
N ILE A 58 -0.91 3.52 -4.72
CA ILE A 58 -1.85 4.58 -4.38
C ILE A 58 -3.01 4.03 -3.55
N TYR A 59 -3.37 4.75 -2.49
CA TYR A 59 -4.46 4.34 -1.60
C TYR A 59 -5.13 5.56 -0.96
N ASP A 60 -6.17 5.30 -0.15
CA ASP A 60 -6.88 6.37 0.53
C ASP A 60 -6.20 6.71 1.85
N LYS A 61 -5.42 7.79 1.86
CA LYS A 61 -4.71 8.22 3.07
C LYS A 61 -5.71 8.58 4.18
N ASP A 62 -6.88 9.09 3.79
CA ASP A 62 -7.91 9.46 4.76
C ASP A 62 -8.44 8.22 5.49
N GLN A 63 -8.51 7.09 4.79
CA GLN A 63 -8.98 5.84 5.38
C GLN A 63 -7.86 5.16 6.17
N PHE A 64 -6.65 5.16 5.61
CA PHE A 64 -5.49 4.54 6.26
C PHE A 64 -5.02 5.37 7.46
N VAL A 65 -4.40 6.52 7.18
CA VAL A 65 -3.89 7.39 8.24
C VAL A 65 -4.63 8.73 8.27
N SER A 66 -5.69 8.79 9.07
CA SER A 66 -6.47 10.02 9.21
C SER A 66 -5.76 11.02 10.11
N GLY A 67 -4.89 11.85 9.51
CA GLY A 67 -4.16 12.83 10.29
C GLY A 67 -5.05 13.93 10.83
N GLU A 68 -5.05 15.07 10.15
CA GLU A 68 -5.88 16.21 10.55
C GLU A 68 -7.08 16.38 9.62
N THR A 69 -7.58 15.26 9.10
CA THR A 69 -8.73 15.28 8.20
C THR A 69 -10.03 15.36 8.99
N VAL A 70 -10.84 16.35 8.67
CA VAL A 70 -12.12 16.56 9.34
C VAL A 70 -13.26 15.94 8.53
N PRO A 71 -14.23 15.29 9.21
CA PRO A 71 -15.38 14.65 8.53
C PRO A 71 -16.17 15.62 7.65
N ALA A 72 -15.72 15.76 6.40
CA ALA A 72 -16.37 16.65 5.44
C ALA A 72 -15.75 16.52 4.04
N PRO A 73 -16.54 16.71 2.98
CA PRO A 73 -16.07 16.61 1.59
C PRO A 73 -15.21 17.79 1.16
N SER A 74 -14.09 17.50 0.50
CA SER A 74 -13.18 18.54 0.03
C SER A 74 -12.21 17.99 -1.03
N ALA A 75 -11.50 16.91 -0.66
CA ALA A 75 -10.54 16.29 -1.57
C ALA A 75 -11.20 15.81 -2.86
N ASN A 76 -12.37 15.20 -2.73
CA ASN A 76 -13.10 14.67 -3.88
C ASN A 76 -14.59 14.50 -3.57
N LYS A 77 -15.41 14.38 -4.63
CA LYS A 77 -16.85 14.22 -4.47
C LYS A 77 -17.43 13.33 -5.57
N GLU A 78 -17.29 12.01 -5.41
CA GLU A 78 -17.81 11.07 -6.40
C GLU A 78 -18.54 9.92 -5.72
N LEU A 79 -19.87 10.03 -5.63
CA LEU A 79 -20.69 9.00 -5.03
C LEU A 79 -22.09 8.96 -5.64
N VAL A 80 -22.19 9.30 -6.92
CA VAL A 80 -23.47 9.30 -7.62
C VAL A 80 -23.54 8.20 -8.68
N LYS A 81 -24.41 7.22 -8.45
CA LYS A 81 -24.60 6.10 -9.38
C LYS A 81 -25.80 5.25 -8.99
N LEU A 82 -26.92 5.44 -9.69
CA LEU A 82 -28.15 4.70 -9.41
C LEU A 82 -28.07 3.27 -9.97
N GLU A 83 -28.80 2.35 -9.34
CA GLU A 83 -28.81 0.95 -9.76
C GLU A 83 -30.12 0.26 -9.39
N HIS A 84 -30.33 -0.92 -9.96
CA HIS A 84 -31.54 -1.71 -9.69
C HIS A 84 -31.19 -3.15 -9.35
ZN ZN B . 9.49 -8.13 -10.82
N MET A 1 10.23 9.72 -6.45
CA MET A 1 11.43 10.03 -5.60
C MET A 1 12.71 10.01 -6.43
N ALA A 2 12.98 8.88 -7.09
CA ALA A 2 14.17 8.74 -7.92
C ALA A 2 13.82 8.28 -9.34
N VAL A 3 13.43 7.00 -9.48
CA VAL A 3 13.06 6.44 -10.77
C VAL A 3 12.05 5.30 -10.62
N PHE A 4 10.79 5.67 -10.37
CA PHE A 4 9.71 4.68 -10.19
C PHE A 4 9.36 4.01 -11.53
N HIS A 5 8.67 2.87 -11.44
CA HIS A 5 8.26 2.13 -12.62
C HIS A 5 6.85 2.55 -13.05
N ASP A 6 5.86 2.27 -12.20
CA ASP A 6 4.46 2.62 -12.48
C ASP A 6 3.64 2.64 -11.20
N GLU A 7 2.79 3.66 -11.05
CA GLU A 7 1.93 3.78 -9.87
C GLU A 7 0.57 3.13 -10.12
N VAL A 8 0.11 2.35 -9.15
CA VAL A 8 -1.18 1.66 -9.26
C VAL A 8 -1.97 1.75 -7.97
N GLU A 9 -3.29 1.91 -8.10
CA GLU A 9 -4.18 2.02 -6.95
C GLU A 9 -4.24 0.69 -6.20
N ILE A 10 -4.26 0.77 -4.86
CA ILE A 10 -4.32 -0.40 -4.00
C ILE A 10 -5.52 -1.29 -4.35
N GLU A 11 -6.60 -0.68 -4.86
CA GLU A 11 -7.80 -1.43 -5.23
C GLU A 11 -7.47 -2.51 -6.27
N ASP A 12 -6.48 -2.24 -7.12
CA ASP A 12 -6.07 -3.18 -8.16
C ASP A 12 -5.24 -4.33 -7.55
N PHE A 13 -4.52 -4.04 -6.47
CA PHE A 13 -3.70 -5.03 -5.80
C PHE A 13 -4.56 -6.15 -5.20
N GLN A 14 -3.92 -7.23 -4.76
CA GLN A 14 -4.62 -8.36 -4.17
C GLN A 14 -4.50 -8.34 -2.64
N TYR A 15 -5.62 -8.06 -1.96
CA TYR A 15 -5.64 -8.02 -0.50
C TYR A 15 -5.37 -9.40 0.08
N ASP A 16 -4.38 -9.47 0.99
CA ASP A 16 -4.01 -10.72 1.63
C ASP A 16 -4.58 -10.79 3.04
N GLU A 17 -5.71 -11.46 3.19
CA GLU A 17 -6.37 -11.61 4.49
C GLU A 17 -5.47 -12.30 5.50
N ASP A 18 -4.53 -13.12 5.00
CA ASP A 18 -3.60 -13.86 5.85
C ASP A 18 -2.93 -12.95 6.90
N SER A 19 -2.38 -11.82 6.44
CA SER A 19 -1.71 -10.88 7.34
C SER A 19 -1.75 -9.45 6.78
N GLU A 20 -2.84 -9.11 6.09
CA GLU A 20 -3.01 -7.77 5.51
C GLU A 20 -1.81 -7.37 4.65
N THR A 21 -1.75 -7.92 3.43
CA THR A 21 -0.67 -7.62 2.49
C THR A 21 -1.21 -7.44 1.09
N TYR A 22 -0.52 -6.63 0.28
CA TYR A 22 -0.94 -6.38 -1.10
C TYR A 22 0.17 -6.76 -2.08
N PHE A 23 -0.22 -7.37 -3.21
CA PHE A 23 0.76 -7.79 -4.22
C PHE A 23 0.35 -7.34 -5.62
N TYR A 24 1.33 -7.24 -6.51
CA TYR A 24 1.09 -6.82 -7.90
C TYR A 24 1.84 -7.71 -8.89
N PRO A 25 1.18 -8.09 -10.01
CA PRO A 25 1.80 -8.95 -11.03
C PRO A 25 2.92 -8.24 -11.78
N CYS A 26 4.10 -8.85 -11.79
CA CYS A 26 5.25 -8.28 -12.48
C CYS A 26 5.52 -9.02 -13.79
N PRO A 27 5.94 -8.28 -14.84
CA PRO A 27 6.24 -8.88 -16.15
C PRO A 27 7.48 -9.78 -16.13
N CYS A 28 8.30 -9.65 -15.09
CA CYS A 28 9.51 -10.47 -14.95
C CYS A 28 9.15 -11.92 -14.62
N GLY A 29 8.05 -12.11 -13.88
CA GLY A 29 7.63 -13.44 -13.49
C GLY A 29 7.07 -13.47 -12.07
N ASP A 30 7.71 -12.75 -11.16
CA ASP A 30 7.29 -12.69 -9.77
C ASP A 30 6.21 -11.64 -9.57
N ASN A 31 5.84 -11.37 -8.31
CA ASN A 31 4.82 -10.39 -8.00
C ASN A 31 5.25 -9.50 -6.82
N PHE A 32 5.08 -8.19 -6.97
CA PHE A 32 5.44 -7.22 -5.94
C PHE A 32 4.68 -7.50 -4.64
N SER A 33 5.15 -6.93 -3.53
CA SER A 33 4.50 -7.12 -2.24
C SER A 33 4.64 -5.88 -1.34
N ILE A 34 3.57 -5.54 -0.64
CA ILE A 34 3.56 -4.38 0.27
C ILE A 34 2.55 -4.59 1.40
N THR A 35 3.03 -4.49 2.65
CA THR A 35 2.15 -4.68 3.81
C THR A 35 1.20 -3.49 3.99
N LYS A 36 0.03 -3.77 4.54
CA LYS A 36 -0.98 -2.73 4.77
C LYS A 36 -0.45 -1.67 5.72
N GLU A 37 0.33 -2.10 6.72
CA GLU A 37 0.91 -1.19 7.71
C GLU A 37 1.83 -0.17 7.02
N ASP A 38 2.60 -0.64 6.03
CA ASP A 38 3.52 0.23 5.30
C ASP A 38 2.77 1.41 4.70
N LEU A 39 1.65 1.12 4.03
CA LEU A 39 0.85 2.16 3.40
C LEU A 39 0.30 3.15 4.44
N GLU A 40 -0.18 2.62 5.56
CA GLU A 40 -0.72 3.46 6.64
C GLU A 40 0.35 4.41 7.18
N ASN A 41 1.62 3.99 7.12
CA ASN A 41 2.72 4.81 7.61
C ASN A 41 3.25 5.76 6.53
N GLY A 42 3.27 5.28 5.29
CA GLY A 42 3.77 6.09 4.18
C GLY A 42 4.55 5.27 3.16
N GLU A 43 4.93 4.05 3.54
CA GLU A 43 5.68 3.17 2.66
C GLU A 43 4.82 2.68 1.50
N ASP A 44 4.67 3.53 0.48
CA ASP A 44 3.88 3.20 -0.70
C ASP A 44 4.78 2.69 -1.82
N VAL A 45 5.77 1.87 -1.46
CA VAL A 45 6.70 1.32 -2.42
C VAL A 45 6.80 -0.20 -2.30
N ALA A 46 6.74 -0.89 -3.43
CA ALA A 46 6.84 -2.34 -3.46
C ALA A 46 8.14 -2.77 -4.13
N THR A 47 8.79 -3.79 -3.59
CA THR A 47 10.04 -4.29 -4.14
C THR A 47 9.90 -5.74 -4.56
N CYS A 48 10.37 -6.05 -5.78
CA CYS A 48 10.29 -7.41 -6.32
C CYS A 48 11.56 -8.18 -5.99
N PRO A 49 11.42 -9.45 -5.55
CA PRO A 49 12.57 -10.30 -5.22
C PRO A 49 13.27 -10.89 -6.44
N SER A 50 12.76 -10.59 -7.64
CA SER A 50 13.35 -11.09 -8.87
C SER A 50 14.01 -9.97 -9.67
N CYS A 51 13.22 -9.02 -10.15
CA CYS A 51 13.74 -7.90 -10.93
C CYS A 51 14.34 -6.82 -10.03
N SER A 52 13.89 -6.76 -8.77
CA SER A 52 14.38 -5.76 -7.81
C SER A 52 14.01 -4.34 -8.25
N LEU A 53 12.79 -4.19 -8.78
CA LEU A 53 12.30 -2.89 -9.24
C LEU A 53 11.46 -2.22 -8.15
N ILE A 54 10.95 -1.02 -8.45
CA ILE A 54 10.13 -0.28 -7.50
C ILE A 54 8.81 0.17 -8.13
N ILE A 55 7.74 0.16 -7.34
CA ILE A 55 6.42 0.56 -7.81
C ILE A 55 5.67 1.37 -6.75
N LYS A 56 4.91 2.37 -7.19
CA LYS A 56 4.16 3.22 -6.27
C LYS A 56 2.75 2.68 -6.05
N VAL A 57 2.37 2.63 -4.78
CA VAL A 57 1.05 2.15 -4.40
C VAL A 57 0.15 3.30 -3.96
N ILE A 58 -0.92 3.53 -4.70
CA ILE A 58 -1.86 4.61 -4.39
C ILE A 58 -3.02 4.08 -3.55
N TYR A 59 -3.38 4.83 -2.50
CA TYR A 59 -4.46 4.43 -1.60
C TYR A 59 -5.08 5.66 -0.92
N ASP A 60 -6.11 5.42 -0.11
CA ASP A 60 -6.76 6.50 0.61
C ASP A 60 -6.07 6.76 1.94
N LYS A 61 -5.23 7.80 1.97
CA LYS A 61 -4.51 8.16 3.19
C LYS A 61 -5.48 8.51 4.32
N ASP A 62 -6.64 9.05 3.97
CA ASP A 62 -7.65 9.42 4.96
C ASP A 62 -8.18 8.19 5.69
N GLN A 63 -8.26 7.06 4.97
CA GLN A 63 -8.74 5.81 5.54
C GLN A 63 -7.59 5.02 6.17
N PHE A 64 -6.48 4.92 5.45
CA PHE A 64 -5.31 4.17 5.92
C PHE A 64 -4.68 4.87 7.14
N VAL A 65 -4.32 6.15 6.97
CA VAL A 65 -3.71 6.92 8.05
C VAL A 65 -4.78 7.43 9.01
N SER A 66 -5.18 6.58 9.94
CA SER A 66 -6.20 6.94 10.93
C SER A 66 -5.55 7.42 12.24
N GLY A 67 -5.28 8.72 12.32
CA GLY A 67 -4.67 9.28 13.52
C GLY A 67 -5.69 9.91 14.46
N GLU A 68 -6.41 10.92 13.97
CA GLU A 68 -7.41 11.60 14.78
C GLU A 68 -8.83 11.09 14.48
N THR A 69 -8.93 9.86 13.95
CA THR A 69 -10.23 9.27 13.62
C THR A 69 -10.14 7.74 13.68
N VAL A 70 -10.92 7.14 14.58
CA VAL A 70 -10.95 5.69 14.72
C VAL A 70 -12.37 5.15 14.82
N PRO A 71 -12.69 4.06 14.11
CA PRO A 71 -14.02 3.45 14.11
C PRO A 71 -14.30 2.64 15.38
N ALA A 72 -15.57 2.26 15.57
CA ALA A 72 -15.98 1.49 16.75
C ALA A 72 -17.28 0.71 16.50
N PRO A 73 -17.44 -0.45 17.18
CA PRO A 73 -18.64 -1.31 17.05
C PRO A 73 -19.95 -0.58 17.31
N SER A 74 -20.94 -0.82 16.45
CA SER A 74 -22.26 -0.19 16.60
C SER A 74 -23.37 -1.13 16.10
N ALA A 75 -23.86 -1.99 16.99
CA ALA A 75 -24.92 -2.94 16.65
C ALA A 75 -26.13 -2.77 17.58
N ASN A 76 -27.30 -3.19 17.09
CA ASN A 76 -28.54 -3.11 17.86
C ASN A 76 -28.89 -1.66 18.22
N LYS A 77 -28.41 -0.71 17.42
CA LYS A 77 -28.68 0.71 17.66
C LYS A 77 -28.29 1.56 16.45
N GLU A 78 -29.10 1.49 15.39
CA GLU A 78 -28.83 2.26 14.18
C GLU A 78 -30.13 2.72 13.53
N LEU A 79 -30.62 3.89 13.96
CA LEU A 79 -31.85 4.45 13.42
C LEU A 79 -31.67 5.94 13.09
N VAL A 80 -30.47 6.31 12.65
CA VAL A 80 -30.18 7.70 12.30
C VAL A 80 -30.25 7.91 10.79
N LYS A 81 -31.01 7.06 10.11
CA LYS A 81 -31.17 7.15 8.66
C LYS A 81 -32.66 7.17 8.27
N LEU A 82 -33.50 7.73 9.14
CA LEU A 82 -34.94 7.82 8.90
C LEU A 82 -35.42 9.27 8.95
N GLU A 83 -34.55 10.19 8.54
CA GLU A 83 -34.89 11.62 8.54
C GLU A 83 -35.53 12.02 7.21
N HIS A 84 -34.82 11.75 6.11
CA HIS A 84 -35.31 12.07 4.77
C HIS A 84 -35.58 13.57 4.64
ZN ZN B . 9.36 -7.98 -10.74
N MET A 1 16.55 10.09 -4.37
CA MET A 1 15.31 9.36 -4.74
C MET A 1 15.51 8.55 -6.03
N ALA A 2 14.73 7.47 -6.17
CA ALA A 2 14.82 6.61 -7.35
C ALA A 2 13.62 6.81 -8.28
N VAL A 3 13.84 6.59 -9.58
CA VAL A 3 12.78 6.75 -10.57
C VAL A 3 11.80 5.57 -10.50
N PHE A 4 10.59 5.84 -10.00
CA PHE A 4 9.57 4.80 -9.87
C PHE A 4 9.15 4.27 -11.24
N HIS A 5 8.89 2.96 -11.32
CA HIS A 5 8.47 2.34 -12.57
C HIS A 5 7.08 2.81 -12.98
N ASP A 6 6.08 2.46 -12.16
CA ASP A 6 4.70 2.86 -12.42
C ASP A 6 3.87 2.86 -11.13
N GLU A 7 2.87 3.72 -11.06
CA GLU A 7 2.00 3.82 -9.89
C GLU A 7 0.67 3.12 -10.15
N VAL A 8 0.22 2.31 -9.19
CA VAL A 8 -1.04 1.57 -9.32
C VAL A 8 -1.89 1.71 -8.07
N GLU A 9 -3.20 1.84 -8.26
CA GLU A 9 -4.15 1.98 -7.15
C GLU A 9 -4.21 0.69 -6.33
N ILE A 10 -4.28 0.85 -5.01
CA ILE A 10 -4.35 -0.29 -4.10
C ILE A 10 -5.55 -1.20 -4.42
N GLU A 11 -6.62 -0.62 -4.97
CA GLU A 11 -7.81 -1.39 -5.35
C GLU A 11 -7.45 -2.49 -6.37
N ASP A 12 -6.48 -2.19 -7.23
CA ASP A 12 -6.04 -3.15 -8.25
C ASP A 12 -5.21 -4.28 -7.62
N PHE A 13 -4.50 -3.96 -6.53
CA PHE A 13 -3.66 -4.93 -5.83
C PHE A 13 -4.51 -6.07 -5.26
N GLN A 14 -3.85 -7.17 -4.89
CA GLN A 14 -4.54 -8.32 -4.31
C GLN A 14 -4.43 -8.31 -2.79
N TYR A 15 -5.55 -8.07 -2.10
CA TYR A 15 -5.57 -8.05 -0.64
C TYR A 15 -5.29 -9.43 -0.08
N ASP A 16 -4.23 -9.54 0.72
CA ASP A 16 -3.84 -10.80 1.33
C ASP A 16 -4.27 -10.85 2.79
N GLU A 17 -5.51 -11.25 3.02
CA GLU A 17 -6.07 -11.35 4.37
C GLU A 17 -5.22 -12.25 5.28
N ASP A 18 -4.54 -13.24 4.67
CA ASP A 18 -3.69 -14.18 5.41
C ASP A 18 -2.77 -13.44 6.38
N SER A 19 -2.19 -12.31 5.94
CA SER A 19 -1.30 -11.52 6.79
C SER A 19 -1.36 -10.02 6.47
N GLU A 20 -2.53 -9.56 5.98
CA GLU A 20 -2.74 -8.14 5.65
C GLU A 20 -1.59 -7.59 4.78
N THR A 21 -1.49 -8.11 3.55
CA THR A 21 -0.45 -7.67 2.62
C THR A 21 -1.03 -7.51 1.21
N TYR A 22 -0.41 -6.66 0.39
CA TYR A 22 -0.87 -6.43 -0.98
C TYR A 22 0.22 -6.81 -1.98
N PHE A 23 -0.18 -7.46 -3.08
CA PHE A 23 0.77 -7.89 -4.10
C PHE A 23 0.34 -7.43 -5.50
N TYR A 24 1.32 -7.34 -6.41
CA TYR A 24 1.04 -6.91 -7.78
C TYR A 24 1.81 -7.77 -8.79
N PRO A 25 1.14 -8.19 -9.89
CA PRO A 25 1.77 -9.01 -10.92
C PRO A 25 2.88 -8.28 -11.68
N CYS A 26 4.08 -8.86 -11.68
CA CYS A 26 5.22 -8.26 -12.37
C CYS A 26 5.42 -8.91 -13.75
N PRO A 27 5.82 -8.10 -14.75
CA PRO A 27 6.06 -8.60 -16.12
C PRO A 27 7.25 -9.55 -16.20
N CYS A 28 8.13 -9.52 -15.18
CA CYS A 28 9.31 -10.39 -15.16
C CYS A 28 8.92 -11.83 -14.84
N GLY A 29 7.97 -12.01 -13.92
CA GLY A 29 7.54 -13.34 -13.53
C GLY A 29 6.96 -13.39 -12.12
N ASP A 30 7.69 -12.79 -11.18
CA ASP A 30 7.26 -12.75 -9.78
C ASP A 30 6.22 -11.64 -9.57
N ASN A 31 5.83 -11.41 -8.31
CA ASN A 31 4.85 -10.38 -7.98
C ASN A 31 5.33 -9.52 -6.82
N PHE A 32 5.07 -8.20 -6.92
CA PHE A 32 5.46 -7.24 -5.89
C PHE A 32 4.72 -7.52 -4.57
N SER A 33 5.18 -6.92 -3.49
CA SER A 33 4.54 -7.11 -2.17
C SER A 33 4.69 -5.87 -1.29
N ILE A 34 3.61 -5.54 -0.57
CA ILE A 34 3.61 -4.39 0.34
C ILE A 34 2.62 -4.61 1.48
N THR A 35 3.11 -4.48 2.71
CA THR A 35 2.28 -4.68 3.91
C THR A 35 1.30 -3.52 4.10
N LYS A 36 0.15 -3.81 4.71
CA LYS A 36 -0.87 -2.79 4.97
C LYS A 36 -0.31 -1.68 5.85
N GLU A 37 0.52 -2.06 6.83
CA GLU A 37 1.14 -1.10 7.75
C GLU A 37 2.02 -0.09 6.99
N ASP A 38 2.73 -0.58 5.96
CA ASP A 38 3.59 0.28 5.16
C ASP A 38 2.79 1.42 4.55
N LEU A 39 1.65 1.09 3.94
CA LEU A 39 0.78 2.09 3.33
C LEU A 39 0.22 3.05 4.38
N GLU A 40 -0.12 2.53 5.56
CA GLU A 40 -0.64 3.35 6.65
C GLU A 40 0.39 4.36 7.14
N ASN A 41 1.67 4.02 7.03
CA ASN A 41 2.76 4.90 7.47
C ASN A 41 3.24 5.83 6.36
N GLY A 42 3.26 5.33 5.13
CA GLY A 42 3.72 6.13 4.00
C GLY A 42 4.50 5.31 2.98
N GLU A 43 4.94 4.11 3.38
CA GLU A 43 5.69 3.22 2.50
C GLU A 43 4.80 2.71 1.35
N ASP A 44 4.63 3.55 0.34
CA ASP A 44 3.81 3.22 -0.82
C ASP A 44 4.70 2.70 -1.96
N VAL A 45 5.70 1.91 -1.60
CA VAL A 45 6.62 1.35 -2.58
C VAL A 45 6.74 -0.17 -2.43
N ALA A 46 6.68 -0.86 -3.56
CA ALA A 46 6.79 -2.31 -3.57
C ALA A 46 8.09 -2.74 -4.24
N THR A 47 8.75 -3.74 -3.67
CA THR A 47 10.01 -4.24 -4.21
C THR A 47 9.86 -5.69 -4.64
N CYS A 48 10.31 -5.98 -5.86
CA CYS A 48 10.23 -7.34 -6.40
C CYS A 48 11.60 -8.04 -6.26
N PRO A 49 11.66 -9.12 -5.44
CA PRO A 49 12.90 -9.86 -5.23
C PRO A 49 13.52 -10.41 -6.52
N SER A 50 12.72 -10.50 -7.59
CA SER A 50 13.19 -11.01 -8.87
C SER A 50 13.94 -9.95 -9.66
N CYS A 51 13.20 -8.97 -10.21
CA CYS A 51 13.81 -7.90 -11.01
C CYS A 51 14.42 -6.81 -10.13
N SER A 52 13.93 -6.68 -8.89
CA SER A 52 14.41 -5.67 -7.94
C SER A 52 14.01 -4.26 -8.40
N LEU A 53 12.77 -4.12 -8.86
CA LEU A 53 12.25 -2.83 -9.33
C LEU A 53 11.42 -2.16 -8.23
N ILE A 54 10.89 -0.98 -8.55
CA ILE A 54 10.06 -0.23 -7.59
C ILE A 54 8.74 0.20 -8.23
N ILE A 55 7.67 0.19 -7.44
CA ILE A 55 6.35 0.59 -7.91
C ILE A 55 5.61 1.39 -6.84
N LYS A 56 4.86 2.40 -7.28
CA LYS A 56 4.11 3.24 -6.36
C LYS A 56 2.70 2.72 -6.14
N VAL A 57 2.30 2.68 -4.87
CA VAL A 57 0.99 2.20 -4.50
C VAL A 57 0.10 3.36 -4.04
N ILE A 58 -0.96 3.62 -4.81
CA ILE A 58 -1.90 4.70 -4.49
C ILE A 58 -3.07 4.17 -3.68
N TYR A 59 -3.42 4.90 -2.62
CA TYR A 59 -4.52 4.50 -1.73
C TYR A 59 -5.14 5.70 -1.02
N ASP A 60 -6.18 5.45 -0.23
CA ASP A 60 -6.85 6.51 0.51
C ASP A 60 -6.15 6.76 1.84
N LYS A 61 -5.36 7.83 1.91
CA LYS A 61 -4.63 8.18 3.13
C LYS A 61 -5.59 8.42 4.30
N ASP A 62 -6.80 8.92 4.00
CA ASP A 62 -7.79 9.19 5.04
C ASP A 62 -8.24 7.90 5.73
N GLN A 63 -8.28 6.81 4.97
CA GLN A 63 -8.68 5.51 5.49
C GLN A 63 -7.48 4.76 6.08
N PHE A 64 -6.34 4.82 5.39
CA PHE A 64 -5.11 4.16 5.85
C PHE A 64 -4.52 4.86 7.07
N VAL A 65 -4.64 6.19 7.12
CA VAL A 65 -4.12 6.98 8.23
C VAL A 65 -5.24 7.36 9.19
N SER A 66 -5.43 6.54 10.23
CA SER A 66 -6.46 6.76 11.23
C SER A 66 -7.86 6.75 10.60
N GLY A 67 -8.33 5.56 10.25
CA GLY A 67 -9.63 5.40 9.63
C GLY A 67 -10.13 3.97 9.68
N GLU A 68 -9.32 3.05 9.16
CA GLU A 68 -9.67 1.63 9.14
C GLU A 68 -8.68 0.80 9.97
N THR A 69 -8.29 1.34 11.13
CA THR A 69 -7.34 0.65 12.02
C THR A 69 -7.94 -0.64 12.60
N VAL A 70 -7.06 -1.59 12.95
CA VAL A 70 -7.49 -2.87 13.51
C VAL A 70 -7.87 -2.74 14.99
N PRO A 71 -8.98 -3.38 15.41
CA PRO A 71 -9.45 -3.34 16.81
C PRO A 71 -8.37 -3.76 17.81
N ALA A 72 -8.13 -2.91 18.81
CA ALA A 72 -7.12 -3.17 19.84
C ALA A 72 -5.70 -2.99 19.29
N PRO A 73 -4.73 -2.64 20.15
CA PRO A 73 -3.33 -2.45 19.73
C PRO A 73 -2.66 -3.77 19.36
N SER A 74 -2.92 -4.23 18.14
CA SER A 74 -2.34 -5.49 17.65
C SER A 74 -1.32 -5.24 16.54
N ALA A 75 -0.05 -5.55 16.82
CA ALA A 75 1.02 -5.37 15.85
C ALA A 75 2.21 -6.30 16.15
N ASN A 76 1.91 -7.51 16.61
CA ASN A 76 2.95 -8.48 16.94
C ASN A 76 3.06 -9.54 15.84
N LYS A 77 4.29 -9.73 15.33
CA LYS A 77 4.53 -10.71 14.27
C LYS A 77 5.81 -11.49 14.53
N GLU A 78 5.74 -12.46 15.46
CA GLU A 78 6.89 -13.29 15.80
C GLU A 78 6.72 -14.71 15.25
N LEU A 79 6.15 -14.81 14.04
CA LEU A 79 5.94 -16.10 13.39
C LEU A 79 7.21 -16.59 12.70
N VAL A 80 8.20 -16.99 13.50
CA VAL A 80 9.47 -17.48 12.98
C VAL A 80 9.84 -18.83 13.61
N LYS A 81 9.75 -19.90 12.82
CA LYS A 81 10.07 -21.25 13.29
C LYS A 81 11.58 -21.42 13.43
N LEU A 82 12.06 -21.50 14.69
CA LEU A 82 13.48 -21.67 14.99
C LEU A 82 14.26 -20.39 14.65
N GLU A 83 15.36 -20.16 15.38
CA GLU A 83 16.19 -18.98 15.16
C GLU A 83 17.60 -19.18 15.72
N HIS A 84 17.70 -19.38 17.03
CA HIS A 84 18.99 -19.59 17.69
C HIS A 84 18.89 -20.68 18.76
ZN ZN B . 9.48 -8.07 -10.85
N MET A 1 8.54 10.22 -5.07
CA MET A 1 9.75 11.07 -4.92
C MET A 1 10.88 10.60 -5.84
N ALA A 2 11.25 9.33 -5.74
CA ALA A 2 12.33 8.77 -6.57
C ALA A 2 11.81 8.37 -7.95
N VAL A 3 12.72 7.90 -8.81
CA VAL A 3 12.35 7.47 -10.17
C VAL A 3 11.64 6.12 -10.16
N PHE A 4 10.35 6.15 -9.85
CA PHE A 4 9.54 4.94 -9.80
C PHE A 4 9.16 4.46 -11.20
N HIS A 5 8.78 3.18 -11.30
CA HIS A 5 8.39 2.59 -12.58
C HIS A 5 6.97 3.04 -12.96
N ASP A 6 5.99 2.67 -12.13
CA ASP A 6 4.60 3.04 -12.36
C ASP A 6 3.80 2.99 -11.06
N GLU A 7 2.88 3.94 -10.90
CA GLU A 7 2.03 4.01 -9.71
C GLU A 7 0.70 3.31 -9.96
N VAL A 8 0.29 2.46 -9.02
CA VAL A 8 -0.97 1.72 -9.14
C VAL A 8 -1.79 1.84 -7.87
N GLU A 9 -3.11 1.96 -8.03
CA GLU A 9 -4.03 2.07 -6.90
C GLU A 9 -4.12 0.75 -6.13
N ILE A 10 -4.17 0.86 -4.81
CA ILE A 10 -4.27 -0.31 -3.93
C ILE A 10 -5.48 -1.19 -4.30
N GLU A 11 -6.53 -0.57 -4.84
CA GLU A 11 -7.73 -1.30 -5.24
C GLU A 11 -7.39 -2.37 -6.28
N ASP A 12 -6.40 -2.09 -7.12
CA ASP A 12 -5.97 -3.03 -8.15
C ASP A 12 -5.18 -4.19 -7.53
N PHE A 13 -4.48 -3.92 -6.43
CA PHE A 13 -3.68 -4.92 -5.73
C PHE A 13 -4.56 -6.03 -5.16
N GLN A 14 -3.93 -7.10 -4.67
CA GLN A 14 -4.64 -8.23 -4.09
C GLN A 14 -4.46 -8.28 -2.57
N TYR A 15 -5.54 -8.03 -1.84
CA TYR A 15 -5.49 -8.06 -0.38
C TYR A 15 -5.19 -9.47 0.12
N ASP A 16 -4.13 -9.60 0.91
CA ASP A 16 -3.73 -10.90 1.46
C ASP A 16 -4.19 -11.04 2.90
N GLU A 17 -5.36 -11.65 3.09
CA GLU A 17 -5.92 -11.87 4.43
C GLU A 17 -4.96 -12.64 5.33
N ASP A 18 -4.10 -13.45 4.72
CA ASP A 18 -3.12 -14.25 5.45
C ASP A 18 -2.39 -13.43 6.50
N SER A 19 -1.81 -12.30 6.08
CA SER A 19 -1.07 -11.42 7.00
C SER A 19 -1.23 -9.94 6.62
N GLU A 20 -2.39 -9.59 6.02
CA GLU A 20 -2.67 -8.22 5.62
C GLU A 20 -1.54 -7.63 4.77
N THR A 21 -1.41 -8.13 3.55
CA THR A 21 -0.37 -7.67 2.62
C THR A 21 -0.94 -7.52 1.20
N TYR A 22 -0.31 -6.66 0.40
CA TYR A 22 -0.76 -6.44 -0.98
C TYR A 22 0.36 -6.79 -1.96
N PHE A 23 -0.02 -7.41 -3.09
CA PHE A 23 0.96 -7.81 -4.09
C PHE A 23 0.52 -7.39 -5.50
N TYR A 24 1.50 -7.20 -6.39
CA TYR A 24 1.22 -6.80 -7.78
C TYR A 24 1.93 -7.70 -8.77
N PRO A 25 1.25 -8.10 -9.86
CA PRO A 25 1.83 -8.98 -10.89
C PRO A 25 2.90 -8.26 -11.72
N CYS A 26 4.11 -8.84 -11.75
CA CYS A 26 5.21 -8.28 -12.52
C CYS A 26 5.39 -8.99 -13.85
N PRO A 27 5.75 -8.24 -14.91
CA PRO A 27 5.95 -8.82 -16.25
C PRO A 27 7.18 -9.73 -16.32
N CYS A 28 8.07 -9.63 -15.33
CA CYS A 28 9.27 -10.46 -15.31
C CYS A 28 8.94 -11.90 -14.91
N GLY A 29 8.06 -12.07 -13.93
CA GLY A 29 7.67 -13.39 -13.48
C GLY A 29 7.11 -13.40 -12.06
N ASP A 30 7.85 -12.82 -11.12
CA ASP A 30 7.42 -12.76 -9.72
C ASP A 30 6.37 -11.66 -9.52
N ASN A 31 6.05 -11.36 -8.25
CA ASN A 31 5.05 -10.34 -7.93
C ASN A 31 5.50 -9.42 -6.79
N PHE A 32 5.17 -8.13 -6.93
CA PHE A 32 5.52 -7.12 -5.92
C PHE A 32 4.82 -7.41 -4.58
N SER A 33 5.32 -6.80 -3.50
CA SER A 33 4.74 -7.01 -2.17
C SER A 33 4.82 -5.74 -1.30
N ILE A 34 3.74 -5.45 -0.57
CA ILE A 34 3.68 -4.29 0.31
C ILE A 34 2.73 -4.54 1.49
N THR A 35 3.24 -4.38 2.71
CA THR A 35 2.45 -4.60 3.92
C THR A 35 1.44 -3.47 4.13
N LYS A 36 0.30 -3.80 4.74
CA LYS A 36 -0.76 -2.82 5.02
C LYS A 36 -0.22 -1.70 5.91
N GLU A 37 0.61 -2.06 6.88
CA GLU A 37 1.21 -1.09 7.80
C GLU A 37 2.07 -0.07 7.05
N ASP A 38 2.81 -0.54 6.03
CA ASP A 38 3.67 0.34 5.24
C ASP A 38 2.85 1.46 4.62
N LEU A 39 1.72 1.09 4.01
CA LEU A 39 0.84 2.06 3.37
C LEU A 39 0.24 3.02 4.41
N GLU A 40 -0.11 2.48 5.59
CA GLU A 40 -0.69 3.30 6.66
C GLU A 40 0.32 4.33 7.18
N ASN A 41 1.62 4.04 7.04
CA ASN A 41 2.66 4.96 7.51
C ASN A 41 3.13 5.89 6.41
N GLY A 42 3.18 5.40 5.17
CA GLY A 42 3.62 6.20 4.05
C GLY A 42 4.42 5.40 3.03
N GLU A 43 4.90 4.22 3.43
CA GLU A 43 5.67 3.34 2.55
C GLU A 43 4.79 2.79 1.43
N ASP A 44 4.61 3.60 0.40
CA ASP A 44 3.80 3.22 -0.75
C ASP A 44 4.68 2.67 -1.87
N VAL A 45 5.70 1.89 -1.49
CA VAL A 45 6.62 1.31 -2.45
C VAL A 45 6.71 -0.20 -2.29
N ALA A 46 6.59 -0.92 -3.40
CA ALA A 46 6.67 -2.37 -3.39
C ALA A 46 7.88 -2.83 -4.18
N THR A 47 8.62 -3.79 -3.61
CA THR A 47 9.80 -4.33 -4.26
C THR A 47 9.56 -5.79 -4.69
N CYS A 48 9.79 -6.07 -5.97
CA CYS A 48 9.61 -7.41 -6.51
C CYS A 48 10.77 -8.31 -6.15
N PRO A 49 10.49 -9.55 -5.67
CA PRO A 49 11.51 -10.52 -5.28
C PRO A 49 12.13 -11.26 -6.48
N SER A 50 12.48 -10.52 -7.53
CA SER A 50 13.09 -11.09 -8.72
C SER A 50 13.86 -10.02 -9.48
N CYS A 51 13.13 -9.05 -10.06
CA CYS A 51 13.76 -7.98 -10.82
C CYS A 51 14.30 -6.88 -9.89
N SER A 52 13.72 -6.77 -8.69
CA SER A 52 14.13 -5.77 -7.71
C SER A 52 13.75 -4.36 -8.18
N LEU A 53 12.59 -4.24 -8.80
CA LEU A 53 12.09 -2.96 -9.29
C LEU A 53 11.29 -2.24 -8.22
N ILE A 54 10.79 -1.05 -8.54
CA ILE A 54 9.99 -0.26 -7.60
C ILE A 54 8.66 0.17 -8.21
N ILE A 55 7.62 0.18 -7.38
CA ILE A 55 6.29 0.60 -7.82
C ILE A 55 5.56 1.38 -6.73
N LYS A 56 4.83 2.41 -7.14
CA LYS A 56 4.10 3.24 -6.20
C LYS A 56 2.68 2.73 -5.99
N VAL A 57 2.27 2.70 -4.72
CA VAL A 57 0.95 2.23 -4.37
C VAL A 57 0.07 3.38 -3.90
N ILE A 58 -0.97 3.67 -4.68
CA ILE A 58 -1.91 4.76 -4.36
C ILE A 58 -3.07 4.23 -3.51
N TYR A 59 -3.40 4.96 -2.46
CA TYR A 59 -4.49 4.58 -1.56
C TYR A 59 -5.08 5.80 -0.85
N ASP A 60 -6.16 5.59 -0.11
CA ASP A 60 -6.79 6.68 0.62
C ASP A 60 -6.08 6.93 1.96
N LYS A 61 -5.27 7.98 2.00
CA LYS A 61 -4.53 8.34 3.21
C LYS A 61 -5.49 8.62 4.37
N ASP A 62 -6.69 9.13 4.05
CA ASP A 62 -7.70 9.43 5.06
C ASP A 62 -8.20 8.15 5.73
N GLN A 63 -8.39 7.09 4.94
CA GLN A 63 -8.87 5.82 5.47
C GLN A 63 -7.73 5.05 6.15
N PHE A 64 -6.57 5.02 5.49
CA PHE A 64 -5.40 4.33 6.04
C PHE A 64 -4.87 5.02 7.30
N VAL A 65 -4.88 6.36 7.31
CA VAL A 65 -4.39 7.13 8.44
C VAL A 65 -5.51 7.92 9.11
N SER A 66 -6.15 7.32 10.11
CA SER A 66 -7.24 7.98 10.83
C SER A 66 -7.55 7.25 12.14
N GLY A 67 -6.73 7.50 13.16
CA GLY A 67 -6.94 6.88 14.45
C GLY A 67 -7.52 7.84 15.47
N GLU A 68 -6.89 9.01 15.59
CA GLU A 68 -7.34 10.04 16.54
C GLU A 68 -8.13 11.14 15.83
N THR A 69 -8.88 10.77 14.77
CA THR A 69 -9.67 11.73 14.01
C THR A 69 -11.08 11.19 13.76
N VAL A 70 -12.03 12.12 13.55
CA VAL A 70 -13.43 11.76 13.33
C VAL A 70 -14.06 12.64 12.24
N PRO A 71 -14.92 12.05 11.37
CA PRO A 71 -15.59 12.79 10.29
C PRO A 71 -16.47 13.94 10.82
N ALA A 72 -17.05 14.71 9.89
CA ALA A 72 -17.89 15.84 10.27
C ALA A 72 -19.13 15.95 9.38
N PRO A 73 -20.33 15.75 9.96
CA PRO A 73 -21.60 15.84 9.21
C PRO A 73 -21.89 17.27 8.77
N SER A 74 -21.57 17.59 7.51
CA SER A 74 -21.79 18.93 6.96
C SER A 74 -21.05 19.99 7.77
N ALA A 75 -19.85 19.64 8.25
CA ALA A 75 -19.03 20.55 9.04
C ALA A 75 -17.54 20.33 8.78
N ASN A 76 -16.69 21.21 9.32
CA ASN A 76 -15.25 21.10 9.15
C ASN A 76 -14.52 21.32 10.48
N LYS A 77 -13.26 20.88 10.54
CA LYS A 77 -12.46 21.03 11.76
C LYS A 77 -11.74 22.37 11.80
N GLU A 78 -12.26 23.30 12.60
CA GLU A 78 -11.66 24.62 12.74
C GLU A 78 -11.71 25.10 14.20
N LEU A 79 -11.50 24.17 15.14
CA LEU A 79 -11.51 24.49 16.56
C LEU A 79 -10.12 24.30 17.18
N VAL A 80 -9.08 24.61 16.40
CA VAL A 80 -7.70 24.48 16.87
C VAL A 80 -7.06 25.85 17.06
N LYS A 81 -6.29 25.99 18.16
CA LYS A 81 -5.63 27.26 18.47
C LYS A 81 -4.28 27.36 17.76
N LEU A 82 -4.15 28.32 16.85
CA LEU A 82 -2.92 28.54 16.10
C LEU A 82 -2.50 30.01 16.14
N GLU A 83 -2.78 30.68 17.26
CA GLU A 83 -2.42 32.09 17.42
C GLU A 83 -1.72 32.33 18.76
N HIS A 84 -2.36 31.87 19.85
CA HIS A 84 -1.80 32.03 21.18
C HIS A 84 -1.98 30.75 22.01
ZN ZN B . 9.41 -8.05 -11.01
N MET A 1 11.13 12.87 -14.14
CA MET A 1 10.98 13.38 -12.75
C MET A 1 11.00 12.24 -11.73
N ALA A 2 10.04 11.31 -11.87
CA ALA A 2 9.95 10.17 -10.96
C ALA A 2 10.96 9.08 -11.33
N VAL A 3 11.30 8.24 -10.36
CA VAL A 3 12.24 7.15 -10.58
C VAL A 3 11.61 5.78 -10.29
N PHE A 4 10.30 5.67 -10.52
CA PHE A 4 9.56 4.43 -10.28
C PHE A 4 9.11 3.80 -11.60
N HIS A 5 8.51 2.60 -11.52
CA HIS A 5 8.03 1.89 -12.70
C HIS A 5 6.66 2.38 -13.11
N ASP A 6 5.67 2.21 -12.22
CA ASP A 6 4.29 2.64 -12.50
C ASP A 6 3.46 2.66 -11.21
N GLU A 7 2.63 3.69 -11.05
CA GLU A 7 1.77 3.81 -9.87
C GLU A 7 0.43 3.13 -10.10
N VAL A 8 -0.01 2.33 -9.12
CA VAL A 8 -1.27 1.60 -9.23
C VAL A 8 -2.09 1.73 -7.93
N GLU A 9 -3.41 1.87 -8.08
CA GLU A 9 -4.30 2.00 -6.93
C GLU A 9 -4.34 0.69 -6.13
N ILE A 10 -4.37 0.81 -4.81
CA ILE A 10 -4.41 -0.34 -3.91
C ILE A 10 -5.58 -1.26 -4.25
N GLU A 11 -6.68 -0.69 -4.75
CA GLU A 11 -7.85 -1.48 -5.13
C GLU A 11 -7.50 -2.52 -6.19
N ASP A 12 -6.57 -2.17 -7.08
CA ASP A 12 -6.15 -3.06 -8.15
C ASP A 12 -5.28 -4.20 -7.60
N PHE A 13 -4.58 -3.93 -6.50
CA PHE A 13 -3.71 -4.93 -5.87
C PHE A 13 -4.53 -6.09 -5.31
N GLN A 14 -3.84 -7.16 -4.92
CA GLN A 14 -4.50 -8.33 -4.36
C GLN A 14 -4.35 -8.37 -2.83
N TYR A 15 -5.44 -8.12 -2.12
CA TYR A 15 -5.43 -8.13 -0.66
C TYR A 15 -5.14 -9.53 -0.13
N ASP A 16 -4.15 -9.64 0.75
CA ASP A 16 -3.76 -10.91 1.33
C ASP A 16 -4.27 -11.03 2.76
N GLU A 17 -5.44 -11.67 2.92
CA GLU A 17 -6.04 -11.85 4.24
C GLU A 17 -5.10 -12.60 5.19
N ASP A 18 -4.20 -13.40 4.62
CA ASP A 18 -3.23 -14.18 5.39
C ASP A 18 -2.54 -13.32 6.46
N SER A 19 -2.00 -12.18 6.03
CA SER A 19 -1.31 -11.28 6.96
C SER A 19 -1.37 -9.83 6.50
N GLU A 20 -2.48 -9.46 5.85
CA GLU A 20 -2.68 -8.09 5.36
C GLU A 20 -1.51 -7.62 4.48
N THR A 21 -1.44 -8.14 3.26
CA THR A 21 -0.37 -7.76 2.32
C THR A 21 -0.94 -7.58 0.91
N TYR A 22 -0.30 -6.72 0.12
CA TYR A 22 -0.73 -6.45 -1.25
C TYR A 22 0.39 -6.76 -2.25
N PHE A 23 0.05 -7.40 -3.36
CA PHE A 23 1.04 -7.76 -4.37
C PHE A 23 0.59 -7.33 -5.77
N TYR A 24 1.55 -7.16 -6.69
CA TYR A 24 1.26 -6.75 -8.06
C TYR A 24 2.16 -7.49 -9.06
N PRO A 25 1.58 -8.01 -10.15
CA PRO A 25 2.33 -8.75 -11.19
C PRO A 25 3.45 -7.92 -11.81
N CYS A 26 4.66 -8.48 -11.81
CA CYS A 26 5.82 -7.80 -12.38
C CYS A 26 6.16 -8.37 -13.75
N PRO A 27 6.49 -7.51 -14.74
CA PRO A 27 6.84 -7.95 -16.10
C PRO A 27 8.22 -8.61 -16.18
N CYS A 28 8.38 -9.71 -15.43
CA CYS A 28 9.63 -10.46 -15.42
C CYS A 28 9.41 -11.90 -14.99
N GLY A 29 8.65 -12.09 -13.91
CA GLY A 29 8.37 -13.43 -13.41
C GLY A 29 7.68 -13.41 -12.05
N ASP A 30 8.27 -12.70 -11.09
CA ASP A 30 7.72 -12.60 -9.74
C ASP A 30 6.73 -11.44 -9.63
N ASN A 31 6.17 -11.23 -8.44
CA ASN A 31 5.20 -10.16 -8.20
C ASN A 31 5.60 -9.28 -7.02
N PHE A 32 5.35 -7.97 -7.14
CA PHE A 32 5.67 -7.01 -6.07
C PHE A 32 4.94 -7.35 -4.78
N SER A 33 5.35 -6.71 -3.68
CA SER A 33 4.73 -6.96 -2.37
C SER A 33 4.82 -5.72 -1.47
N ILE A 34 3.73 -5.44 -0.76
CA ILE A 34 3.67 -4.30 0.15
C ILE A 34 2.68 -4.57 1.29
N THR A 35 3.15 -4.46 2.54
CA THR A 35 2.31 -4.69 3.71
C THR A 35 1.29 -3.56 3.91
N LYS A 36 0.13 -3.90 4.46
CA LYS A 36 -0.93 -2.92 4.71
C LYS A 36 -0.43 -1.82 5.66
N GLU A 37 0.35 -2.21 6.67
CA GLU A 37 0.88 -1.27 7.64
C GLU A 37 1.78 -0.23 6.97
N ASP A 38 2.55 -0.67 5.98
CA ASP A 38 3.45 0.24 5.26
C ASP A 38 2.67 1.40 4.66
N LEU A 39 1.52 1.09 4.07
CA LEU A 39 0.66 2.11 3.47
C LEU A 39 0.18 3.10 4.52
N GLU A 40 -0.19 2.61 5.70
CA GLU A 40 -0.66 3.48 6.78
C GLU A 40 0.47 4.36 7.33
N ASN A 41 1.71 3.88 7.22
CA ASN A 41 2.87 4.63 7.71
C ASN A 41 3.38 5.62 6.67
N GLY A 42 3.40 5.20 5.40
CA GLY A 42 3.88 6.05 4.33
C GLY A 42 4.66 5.27 3.27
N GLU A 43 5.02 4.02 3.59
CA GLU A 43 5.77 3.17 2.66
C GLU A 43 4.87 2.73 1.50
N ASP A 44 4.72 3.61 0.51
CA ASP A 44 3.90 3.32 -0.67
C ASP A 44 4.77 2.81 -1.83
N VAL A 45 5.75 1.97 -1.50
CA VAL A 45 6.65 1.41 -2.50
C VAL A 45 6.76 -0.10 -2.37
N ALA A 46 6.56 -0.82 -3.47
CA ALA A 46 6.65 -2.27 -3.47
C ALA A 46 7.84 -2.75 -4.29
N THR A 47 8.50 -3.80 -3.80
CA THR A 47 9.68 -4.36 -4.49
C THR A 47 9.44 -5.83 -4.87
N CYS A 48 9.76 -6.15 -6.12
CA CYS A 48 9.59 -7.52 -6.62
C CYS A 48 10.67 -8.45 -6.05
N PRO A 49 10.26 -9.65 -5.56
CA PRO A 49 11.20 -10.62 -4.97
C PRO A 49 11.95 -11.42 -6.04
N SER A 50 12.58 -10.72 -6.96
CA SER A 50 13.35 -11.34 -8.04
C SER A 50 14.27 -10.31 -8.71
N CYS A 51 13.67 -9.24 -9.21
CA CYS A 51 14.42 -8.18 -9.88
C CYS A 51 14.69 -7.01 -8.94
N SER A 52 13.87 -6.87 -7.89
CA SER A 52 14.02 -5.78 -6.92
C SER A 52 13.58 -4.45 -7.54
N LEU A 53 12.48 -4.49 -8.29
CA LEU A 53 11.95 -3.30 -8.94
C LEU A 53 11.21 -2.42 -7.94
N ILE A 54 10.60 -1.34 -8.42
CA ILE A 54 9.86 -0.44 -7.55
C ILE A 54 8.55 0.03 -8.19
N ILE A 55 7.51 0.18 -7.35
CA ILE A 55 6.20 0.62 -7.82
C ILE A 55 5.49 1.46 -6.75
N LYS A 56 4.69 2.43 -7.19
CA LYS A 56 3.96 3.30 -6.27
C LYS A 56 2.56 2.76 -5.99
N VAL A 57 2.21 2.75 -4.72
CA VAL A 57 0.92 2.25 -4.28
C VAL A 57 0.02 3.41 -3.85
N ILE A 58 -1.07 3.63 -4.60
CA ILE A 58 -2.01 4.69 -4.30
C ILE A 58 -3.19 4.16 -3.48
N TYR A 59 -3.56 4.90 -2.44
CA TYR A 59 -4.66 4.49 -1.55
C TYR A 59 -5.26 5.70 -0.84
N ASP A 60 -6.30 5.45 -0.04
CA ASP A 60 -6.95 6.52 0.71
C ASP A 60 -6.15 6.85 1.97
N LYS A 61 -5.34 7.90 1.89
CA LYS A 61 -4.53 8.33 3.03
C LYS A 61 -5.42 8.73 4.21
N ASP A 62 -6.62 9.24 3.90
CA ASP A 62 -7.56 9.65 4.95
C ASP A 62 -8.09 8.43 5.70
N GLN A 63 -8.23 7.31 5.01
CA GLN A 63 -8.72 6.08 5.64
C GLN A 63 -7.60 5.35 6.36
N PHE A 64 -6.45 5.23 5.69
CA PHE A 64 -5.29 4.54 6.27
C PHE A 64 -4.64 5.38 7.37
N VAL A 65 -4.51 6.69 7.14
CA VAL A 65 -3.90 7.59 8.12
C VAL A 65 -4.95 8.45 8.82
N SER A 66 -5.55 7.90 9.86
CA SER A 66 -6.57 8.61 10.63
C SER A 66 -6.89 7.86 11.93
N GLY A 67 -5.85 7.39 12.61
CA GLY A 67 -6.03 6.66 13.85
C GLY A 67 -4.97 7.00 14.87
N GLU A 68 -3.70 6.92 14.45
CA GLU A 68 -2.58 7.22 15.32
C GLU A 68 -1.97 8.59 15.00
N THR A 69 -2.82 9.53 14.59
CA THR A 69 -2.37 10.88 14.26
C THR A 69 -2.92 11.89 15.27
N VAL A 70 -2.26 11.97 16.43
CA VAL A 70 -2.68 12.89 17.48
C VAL A 70 -1.62 12.99 18.58
N PRO A 71 -1.31 14.21 19.05
CA PRO A 71 -0.32 14.43 20.11
C PRO A 71 -0.83 14.05 21.50
N ALA A 72 0.08 13.64 22.38
CA ALA A 72 -0.29 13.26 23.74
C ALA A 72 -0.62 14.48 24.58
N PRO A 73 -1.52 14.33 25.58
CA PRO A 73 -1.95 15.42 26.45
C PRO A 73 -0.76 16.11 27.17
N SER A 74 -0.20 17.11 26.49
CA SER A 74 0.93 17.88 27.02
C SER A 74 2.18 17.00 27.22
N ALA A 75 3.11 17.08 26.27
CA ALA A 75 4.35 16.30 26.32
C ALA A 75 5.58 17.21 26.40
N ASN A 76 6.67 16.67 26.96
CA ASN A 76 7.93 17.40 27.11
C ASN A 76 7.79 18.60 28.05
N LYS A 77 8.88 19.35 28.24
CA LYS A 77 8.88 20.52 29.12
C LYS A 77 9.52 21.72 28.45
N GLU A 78 8.76 22.80 28.32
CA GLU A 78 9.25 24.03 27.69
C GLU A 78 8.80 25.26 28.48
N LEU A 79 9.65 25.70 29.42
CA LEU A 79 9.33 26.87 30.24
C LEU A 79 10.59 27.67 30.56
N VAL A 80 11.16 28.30 29.54
CA VAL A 80 12.37 29.11 29.71
C VAL A 80 12.11 30.57 29.35
N LYS A 81 11.64 31.35 30.32
CA LYS A 81 11.36 32.76 30.12
C LYS A 81 12.61 33.62 30.36
N LEU A 82 13.33 33.93 29.28
CA LEU A 82 14.55 34.74 29.38
C LEU A 82 14.24 36.19 29.73
N GLU A 83 14.97 36.73 30.71
CA GLU A 83 14.77 38.11 31.15
C GLU A 83 15.06 39.11 30.03
N HIS A 84 14.40 40.27 30.08
CA HIS A 84 14.58 41.31 29.08
C HIS A 84 15.46 42.43 29.62
ZN ZN B . 9.93 -8.12 -10.98
N MET A 1 18.43 1.53 -8.39
CA MET A 1 16.96 1.70 -8.49
C MET A 1 16.51 3.01 -7.84
N ALA A 2 16.01 3.94 -8.65
CA ALA A 2 15.55 5.23 -8.14
C ALA A 2 14.19 5.60 -8.73
N VAL A 3 14.15 5.84 -10.05
CA VAL A 3 12.90 6.21 -10.72
C VAL A 3 11.89 5.06 -10.65
N PHE A 4 10.71 5.36 -10.10
CA PHE A 4 9.65 4.36 -9.96
C PHE A 4 9.11 3.95 -11.32
N HIS A 5 8.70 2.69 -11.44
CA HIS A 5 8.17 2.17 -12.69
C HIS A 5 6.84 2.86 -13.03
N ASP A 6 5.85 2.71 -12.16
CA ASP A 6 4.53 3.33 -12.36
C ASP A 6 3.71 3.26 -11.07
N GLU A 7 2.74 4.17 -10.95
CA GLU A 7 1.86 4.21 -9.78
C GLU A 7 0.54 3.53 -10.08
N VAL A 8 0.07 2.71 -9.14
CA VAL A 8 -1.19 1.99 -9.30
C VAL A 8 -2.03 2.03 -8.02
N GLU A 9 -3.35 2.17 -8.18
CA GLU A 9 -4.26 2.22 -7.04
C GLU A 9 -4.31 0.89 -6.31
N ILE A 10 -4.35 0.95 -4.98
CA ILE A 10 -4.40 -0.25 -4.14
C ILE A 10 -5.58 -1.15 -4.53
N GLU A 11 -6.65 -0.54 -5.04
CA GLU A 11 -7.83 -1.30 -5.47
C GLU A 11 -7.45 -2.34 -6.51
N ASP A 12 -6.45 -2.04 -7.34
CA ASP A 12 -5.99 -2.98 -8.37
C ASP A 12 -5.17 -4.11 -7.77
N PHE A 13 -4.48 -3.82 -6.66
CA PHE A 13 -3.64 -4.82 -5.98
C PHE A 13 -4.50 -5.99 -5.44
N GLN A 14 -3.83 -7.00 -4.91
CA GLN A 14 -4.52 -8.17 -4.34
C GLN A 14 -4.32 -8.25 -2.84
N TYR A 15 -5.40 -8.04 -2.07
CA TYR A 15 -5.34 -8.11 -0.63
C TYR A 15 -5.01 -9.52 -0.16
N ASP A 16 -3.95 -9.64 0.65
CA ASP A 16 -3.51 -10.93 1.16
C ASP A 16 -3.84 -11.06 2.64
N GLU A 17 -5.04 -11.56 2.94
CA GLU A 17 -5.48 -11.75 4.33
C GLU A 17 -4.48 -12.61 5.11
N ASP A 18 -3.78 -13.49 4.41
CA ASP A 18 -2.79 -14.38 5.03
C ASP A 18 -1.90 -13.62 6.01
N SER A 19 -1.42 -12.43 5.60
CA SER A 19 -0.56 -11.61 6.45
C SER A 19 -0.80 -10.11 6.24
N GLU A 20 -2.01 -9.75 5.78
CA GLU A 20 -2.36 -8.35 5.53
C GLU A 20 -1.31 -7.64 4.66
N THR A 21 -1.15 -8.14 3.43
CA THR A 21 -0.20 -7.57 2.48
C THR A 21 -0.80 -7.49 1.08
N TYR A 22 -0.31 -6.55 0.26
CA TYR A 22 -0.81 -6.38 -1.11
C TYR A 22 0.28 -6.73 -2.12
N PHE A 23 -0.11 -7.42 -3.19
CA PHE A 23 0.84 -7.83 -4.22
C PHE A 23 0.43 -7.30 -5.59
N TYR A 24 1.42 -7.03 -6.45
CA TYR A 24 1.16 -6.52 -7.80
C TYR A 24 1.87 -7.38 -8.84
N PRO A 25 1.14 -7.79 -9.91
CA PRO A 25 1.70 -8.62 -10.98
C PRO A 25 2.90 -7.96 -11.66
N CYS A 26 4.03 -8.67 -11.68
CA CYS A 26 5.25 -8.18 -12.29
C CYS A 26 5.55 -8.94 -13.59
N PRO A 27 6.12 -8.24 -14.59
CA PRO A 27 6.47 -8.85 -15.89
C PRO A 27 7.39 -10.06 -15.75
N CYS A 28 8.20 -10.09 -14.69
CA CYS A 28 9.12 -11.20 -14.45
C CYS A 28 8.36 -12.45 -13.99
N GLY A 29 7.35 -12.26 -13.14
CA GLY A 29 6.56 -13.38 -12.65
C GLY A 29 6.74 -13.64 -11.16
N ASP A 30 7.21 -12.62 -10.43
CA ASP A 30 7.42 -12.75 -8.99
C ASP A 30 6.32 -12.04 -8.20
N ASN A 31 5.79 -10.95 -8.75
CA ASN A 31 4.72 -10.17 -8.11
C ASN A 31 5.23 -9.34 -6.93
N PHE A 32 5.04 -8.02 -7.01
CA PHE A 32 5.46 -7.10 -5.95
C PHE A 32 4.73 -7.39 -4.64
N SER A 33 5.25 -6.83 -3.54
CA SER A 33 4.65 -7.03 -2.22
C SER A 33 4.74 -5.76 -1.37
N ILE A 34 3.66 -5.47 -0.63
CA ILE A 34 3.60 -4.30 0.25
C ILE A 34 2.65 -4.54 1.42
N THR A 35 3.18 -4.41 2.64
CA THR A 35 2.39 -4.63 3.84
C THR A 35 1.37 -3.50 4.07
N LYS A 36 0.23 -3.83 4.67
CA LYS A 36 -0.81 -2.85 4.94
C LYS A 36 -0.29 -1.73 5.83
N GLU A 37 0.53 -2.09 6.81
CA GLU A 37 1.11 -1.10 7.73
C GLU A 37 1.97 -0.08 6.97
N ASP A 38 2.70 -0.55 5.96
CA ASP A 38 3.55 0.32 5.16
C ASP A 38 2.73 1.45 4.53
N LEU A 39 1.59 1.08 3.94
CA LEU A 39 0.71 2.06 3.32
C LEU A 39 0.12 3.01 4.36
N GLU A 40 -0.16 2.48 5.55
CA GLU A 40 -0.73 3.29 6.64
C GLU A 40 0.29 4.31 7.15
N ASN A 41 1.59 4.03 6.98
CA ASN A 41 2.64 4.93 7.44
C ASN A 41 3.11 5.86 6.32
N GLY A 42 3.14 5.36 5.10
CA GLY A 42 3.57 6.16 3.97
C GLY A 42 4.37 5.36 2.95
N GLU A 43 4.84 4.16 3.36
CA GLU A 43 5.61 3.29 2.49
C GLU A 43 4.72 2.76 1.36
N ASP A 44 4.54 3.57 0.33
CA ASP A 44 3.73 3.20 -0.83
C ASP A 44 4.61 2.66 -1.95
N VAL A 45 5.63 1.90 -1.59
CA VAL A 45 6.55 1.32 -2.57
C VAL A 45 6.64 -0.20 -2.42
N ALA A 46 6.53 -0.91 -3.54
CA ALA A 46 6.61 -2.36 -3.54
C ALA A 46 7.87 -2.84 -4.26
N THR A 47 8.61 -3.74 -3.61
CA THR A 47 9.85 -4.27 -4.18
C THR A 47 9.71 -5.78 -4.45
N CYS A 48 10.13 -6.19 -5.64
CA CYS A 48 10.08 -7.60 -6.03
C CYS A 48 11.25 -8.37 -5.45
N PRO A 49 11.04 -9.64 -5.04
CA PRO A 49 12.09 -10.48 -4.47
C PRO A 49 13.02 -11.09 -5.52
N SER A 50 12.78 -10.77 -6.80
CA SER A 50 13.61 -11.30 -7.88
C SER A 50 14.28 -10.18 -8.67
N CYS A 51 13.48 -9.40 -9.40
CA CYS A 51 14.00 -8.29 -10.19
C CYS A 51 14.37 -7.09 -9.30
N SER A 52 13.74 -7.00 -8.13
CA SER A 52 14.00 -5.91 -7.19
C SER A 52 13.57 -4.57 -7.78
N LEU A 53 12.43 -4.57 -8.46
CA LEU A 53 11.89 -3.36 -9.09
C LEU A 53 11.16 -2.50 -8.05
N ILE A 54 10.61 -1.38 -8.51
CA ILE A 54 9.88 -0.48 -7.62
C ILE A 54 8.57 0.00 -8.27
N ILE A 55 7.54 0.14 -7.44
CA ILE A 55 6.22 0.60 -7.92
C ILE A 55 5.51 1.41 -6.84
N LYS A 56 4.76 2.43 -7.27
CA LYS A 56 4.03 3.28 -6.33
C LYS A 56 2.60 2.78 -6.11
N VAL A 57 2.21 2.73 -4.85
CA VAL A 57 0.88 2.27 -4.47
C VAL A 57 0.01 3.43 -3.99
N ILE A 58 -1.04 3.71 -4.76
CA ILE A 58 -1.96 4.79 -4.43
C ILE A 58 -3.14 4.26 -3.61
N TYR A 59 -3.48 4.98 -2.54
CA TYR A 59 -4.58 4.58 -1.67
C TYR A 59 -5.18 5.81 -0.97
N ASP A 60 -6.22 5.59 -0.15
CA ASP A 60 -6.86 6.70 0.56
C ASP A 60 -6.14 6.97 1.88
N LYS A 61 -5.38 8.07 1.92
CA LYS A 61 -4.65 8.46 3.12
C LYS A 61 -5.58 8.69 4.29
N ASP A 62 -6.82 9.11 4.00
CA ASP A 62 -7.82 9.36 5.04
C ASP A 62 -8.24 8.05 5.71
N GLN A 63 -8.44 7.01 4.91
CA GLN A 63 -8.83 5.71 5.43
C GLN A 63 -7.66 4.99 6.08
N PHE A 64 -6.52 4.96 5.38
CA PHE A 64 -5.33 4.29 5.88
C PHE A 64 -4.72 5.06 7.06
N VAL A 65 -4.80 6.39 7.01
CA VAL A 65 -4.26 7.24 8.07
C VAL A 65 -5.33 8.18 8.61
N SER A 66 -6.01 7.76 9.68
CA SER A 66 -7.05 8.59 10.30
C SER A 66 -6.49 9.39 11.47
N GLY A 67 -5.30 9.95 11.28
CA GLY A 67 -4.67 10.75 12.32
C GLY A 67 -4.07 12.03 11.78
N GLU A 68 -3.14 11.88 10.83
CA GLU A 68 -2.48 13.03 10.21
C GLU A 68 -2.71 13.04 8.69
N THR A 69 -3.93 12.75 8.27
CA THR A 69 -4.27 12.72 6.84
C THR A 69 -4.13 14.11 6.22
N VAL A 70 -3.84 14.15 4.92
CA VAL A 70 -3.67 15.42 4.21
C VAL A 70 -3.81 15.23 2.69
N PRO A 71 -4.53 16.13 2.01
CA PRO A 71 -4.74 16.06 0.56
C PRO A 71 -3.50 16.53 -0.21
N ALA A 72 -3.63 16.61 -1.54
CA ALA A 72 -2.52 17.03 -2.40
C ALA A 72 -3.02 17.60 -3.73
N PRO A 73 -2.26 18.55 -4.32
CA PRO A 73 -2.63 19.16 -5.61
C PRO A 73 -2.47 18.20 -6.78
N SER A 74 -2.77 18.68 -7.98
CA SER A 74 -2.66 17.87 -9.19
C SER A 74 -2.39 18.73 -10.42
N ALA A 75 -1.34 18.40 -11.16
CA ALA A 75 -0.97 19.14 -12.36
C ALA A 75 -1.83 18.70 -13.55
N ASN A 76 -1.74 17.42 -13.92
CA ASN A 76 -2.50 16.88 -15.04
C ASN A 76 -2.55 15.35 -14.98
N LYS A 77 -3.60 14.78 -15.57
CA LYS A 77 -3.78 13.32 -15.57
C LYS A 77 -4.15 12.82 -16.97
N GLU A 78 -3.29 11.99 -17.55
CA GLU A 78 -3.53 11.43 -18.89
C GLU A 78 -2.95 10.03 -19.00
N LEU A 79 -3.82 9.02 -18.94
CA LEU A 79 -3.39 7.62 -19.02
C LEU A 79 -4.60 6.69 -19.03
N VAL A 80 -4.64 5.77 -19.99
CA VAL A 80 -5.73 4.81 -20.11
C VAL A 80 -5.25 3.38 -19.82
N LYS A 81 -6.05 2.63 -19.07
CA LYS A 81 -5.72 1.25 -18.72
C LYS A 81 -6.01 0.31 -19.89
N LEU A 82 -4.95 -0.28 -20.43
CA LEU A 82 -5.09 -1.20 -21.57
C LEU A 82 -5.57 -2.58 -21.11
N GLU A 83 -6.74 -2.98 -21.62
CA GLU A 83 -7.33 -4.27 -21.28
C GLU A 83 -7.92 -4.95 -22.52
N HIS A 84 -7.27 -4.76 -23.67
CA HIS A 84 -7.74 -5.37 -24.93
C HIS A 84 -6.94 -6.63 -25.25
ZN ZN B . 9.32 -8.34 -10.46
N MET A 1 19.46 6.72 -11.23
CA MET A 1 18.92 5.69 -12.15
C MET A 1 17.71 4.97 -11.56
N ALA A 2 17.71 4.76 -10.24
CA ALA A 2 16.61 4.07 -9.57
C ALA A 2 15.36 4.97 -9.51
N VAL A 3 14.49 4.80 -10.50
CA VAL A 3 13.25 5.58 -10.58
C VAL A 3 12.03 4.66 -10.57
N PHE A 4 10.93 5.16 -10.00
CA PHE A 4 9.69 4.40 -9.92
C PHE A 4 9.17 4.06 -11.32
N HIS A 5 8.94 2.77 -11.56
CA HIS A 5 8.46 2.30 -12.86
C HIS A 5 7.11 2.93 -13.21
N ASP A 6 6.08 2.62 -12.41
CA ASP A 6 4.75 3.17 -12.63
C ASP A 6 3.93 3.15 -11.34
N GLU A 7 2.88 3.95 -11.32
CA GLU A 7 2.00 4.02 -10.14
C GLU A 7 0.75 3.19 -10.35
N VAL A 8 0.36 2.43 -9.34
CA VAL A 8 -0.82 1.58 -9.42
C VAL A 8 -1.72 1.77 -8.20
N GLU A 9 -3.03 1.78 -8.44
CA GLU A 9 -4.02 1.95 -7.38
C GLU A 9 -4.12 0.68 -6.53
N ILE A 10 -4.24 0.86 -5.22
CA ILE A 10 -4.36 -0.25 -4.27
C ILE A 10 -5.56 -1.14 -4.61
N GLU A 11 -6.59 -0.56 -5.22
CA GLU A 11 -7.79 -1.33 -5.61
C GLU A 11 -7.41 -2.46 -6.59
N ASP A 12 -6.41 -2.19 -7.43
CA ASP A 12 -5.95 -3.19 -8.41
C ASP A 12 -5.13 -4.28 -7.71
N PHE A 13 -4.45 -3.91 -6.62
CA PHE A 13 -3.63 -4.86 -5.86
C PHE A 13 -4.48 -5.99 -5.27
N GLN A 14 -3.81 -6.99 -4.69
CA GLN A 14 -4.51 -8.13 -4.09
C GLN A 14 -4.28 -8.17 -2.58
N TYR A 15 -5.34 -7.85 -1.82
CA TYR A 15 -5.25 -7.86 -0.36
C TYR A 15 -5.03 -9.29 0.16
N ASP A 16 -4.11 -9.41 1.11
CA ASP A 16 -3.79 -10.71 1.69
C ASP A 16 -4.22 -10.77 3.16
N GLU A 17 -5.39 -11.34 3.41
CA GLU A 17 -5.93 -11.47 4.76
C GLU A 17 -4.98 -12.24 5.68
N ASP A 18 -4.15 -13.10 5.08
CA ASP A 18 -3.18 -13.92 5.83
C ASP A 18 -2.39 -13.07 6.82
N SER A 19 -1.78 -11.99 6.32
CA SER A 19 -0.98 -11.10 7.17
C SER A 19 -1.08 -9.64 6.71
N GLU A 20 -2.21 -9.26 6.12
CA GLU A 20 -2.44 -7.90 5.63
C GLU A 20 -1.31 -7.44 4.71
N THR A 21 -1.27 -8.01 3.51
CA THR A 21 -0.25 -7.66 2.52
C THR A 21 -0.86 -7.53 1.13
N TYR A 22 -0.36 -6.58 0.35
CA TYR A 22 -0.87 -6.35 -1.01
C TYR A 22 0.19 -6.70 -2.06
N PHE A 23 -0.24 -7.35 -3.14
CA PHE A 23 0.68 -7.75 -4.20
C PHE A 23 0.19 -7.29 -5.59
N TYR A 24 1.12 -7.17 -6.53
CA TYR A 24 0.78 -6.75 -7.89
C TYR A 24 1.55 -7.57 -8.93
N PRO A 25 0.87 -8.02 -10.00
CA PRO A 25 1.48 -8.83 -11.06
C PRO A 25 2.65 -8.10 -11.73
N CYS A 26 3.82 -8.75 -11.74
CA CYS A 26 5.01 -8.18 -12.35
C CYS A 26 5.23 -8.74 -13.75
N PRO A 27 5.74 -7.90 -14.68
CA PRO A 27 6.00 -8.32 -16.06
C PRO A 27 7.17 -9.31 -16.17
N CYS A 28 7.99 -9.40 -15.12
CA CYS A 28 9.12 -10.32 -15.10
C CYS A 28 8.67 -11.76 -14.83
N GLY A 29 7.61 -11.91 -14.02
CA GLY A 29 7.11 -13.23 -13.68
C GLY A 29 6.51 -13.29 -12.29
N ASP A 30 7.25 -12.76 -11.31
CA ASP A 30 6.80 -12.75 -9.91
C ASP A 30 5.76 -11.64 -9.68
N ASN A 31 5.52 -11.29 -8.42
CA ASN A 31 4.54 -10.27 -8.07
C ASN A 31 5.06 -9.38 -6.93
N PHE A 32 4.81 -8.08 -7.05
CA PHE A 32 5.24 -7.12 -6.03
C PHE A 32 4.55 -7.39 -4.70
N SER A 33 5.11 -6.83 -3.61
CA SER A 33 4.55 -7.03 -2.28
C SER A 33 4.68 -5.77 -1.42
N ILE A 34 3.63 -5.47 -0.66
CA ILE A 34 3.62 -4.30 0.23
C ILE A 34 2.69 -4.55 1.44
N THR A 35 3.24 -4.41 2.64
CA THR A 35 2.48 -4.61 3.87
C THR A 35 1.48 -3.48 4.09
N LYS A 36 0.35 -3.80 4.72
CA LYS A 36 -0.68 -2.82 5.02
C LYS A 36 -0.14 -1.71 5.92
N GLU A 37 0.70 -2.09 6.88
CA GLU A 37 1.30 -1.13 7.81
C GLU A 37 2.16 -0.10 7.06
N ASP A 38 2.85 -0.55 6.01
CA ASP A 38 3.70 0.33 5.22
C ASP A 38 2.88 1.47 4.62
N LEU A 39 1.74 1.11 4.01
CA LEU A 39 0.85 2.11 3.42
C LEU A 39 0.30 3.06 4.48
N GLU A 40 0.04 2.51 5.67
CA GLU A 40 -0.48 3.32 6.78
C GLU A 40 0.53 4.39 7.21
N ASN A 41 1.82 4.08 7.08
CA ASN A 41 2.89 5.01 7.47
C ASN A 41 3.31 5.93 6.32
N GLY A 42 3.28 5.41 5.09
CA GLY A 42 3.67 6.19 3.93
C GLY A 42 4.46 5.37 2.92
N GLU A 43 4.91 4.17 3.34
CA GLU A 43 5.67 3.28 2.47
C GLU A 43 4.80 2.75 1.33
N ASP A 44 4.61 3.58 0.31
CA ASP A 44 3.81 3.22 -0.84
C ASP A 44 4.71 2.68 -1.96
N VAL A 45 5.72 1.90 -1.59
CA VAL A 45 6.64 1.33 -2.56
C VAL A 45 6.70 -0.19 -2.43
N ALA A 46 6.63 -0.86 -3.57
CA ALA A 46 6.69 -2.32 -3.59
C ALA A 46 7.97 -2.79 -4.26
N THR A 47 8.60 -3.80 -3.66
CA THR A 47 9.85 -4.34 -4.20
C THR A 47 9.68 -5.81 -4.60
N CYS A 48 10.11 -6.14 -5.81
CA CYS A 48 10.03 -7.50 -6.32
C CYS A 48 11.32 -8.27 -6.03
N PRO A 49 11.20 -9.51 -5.52
CA PRO A 49 12.37 -10.34 -5.20
C PRO A 49 13.05 -10.94 -6.45
N SER A 50 12.45 -10.73 -7.62
CA SER A 50 13.00 -11.25 -8.87
C SER A 50 13.73 -10.17 -9.66
N CYS A 51 12.96 -9.17 -10.14
CA CYS A 51 13.54 -8.08 -10.92
C CYS A 51 14.18 -7.02 -10.03
N SER A 52 13.70 -6.91 -8.78
CA SER A 52 14.23 -5.94 -7.82
C SER A 52 13.91 -4.52 -8.27
N LEU A 53 12.68 -4.30 -8.75
CA LEU A 53 12.23 -2.99 -9.19
C LEU A 53 11.40 -2.30 -8.12
N ILE A 54 10.94 -1.08 -8.43
CA ILE A 54 10.13 -0.30 -7.50
C ILE A 54 8.85 0.21 -8.17
N ILE A 55 7.75 0.23 -7.40
CA ILE A 55 6.46 0.69 -7.91
C ILE A 55 5.71 1.49 -6.84
N LYS A 56 4.92 2.47 -7.28
CA LYS A 56 4.15 3.31 -6.35
C LYS A 56 2.75 2.76 -6.16
N VAL A 57 2.33 2.73 -4.90
CA VAL A 57 1.01 2.22 -4.54
C VAL A 57 0.11 3.37 -4.09
N ILE A 58 -0.92 3.65 -4.89
CA ILE A 58 -1.88 4.72 -4.57
C ILE A 58 -3.08 4.18 -3.81
N TYR A 59 -3.45 4.89 -2.74
CA TYR A 59 -4.58 4.49 -1.91
C TYR A 59 -5.19 5.69 -1.19
N ASP A 60 -6.25 5.44 -0.42
CA ASP A 60 -6.91 6.51 0.33
C ASP A 60 -6.32 6.63 1.74
N LYS A 61 -5.34 7.52 1.89
CA LYS A 61 -4.70 7.73 3.19
C LYS A 61 -5.72 8.13 4.25
N ASP A 62 -6.78 8.84 3.83
CA ASP A 62 -7.82 9.28 4.75
C ASP A 62 -8.56 8.08 5.34
N GLN A 63 -8.72 7.03 4.54
CA GLN A 63 -9.39 5.82 5.00
C GLN A 63 -8.42 4.90 5.74
N PHE A 64 -7.18 4.85 5.27
CA PHE A 64 -6.15 4.01 5.88
C PHE A 64 -5.88 4.43 7.34
N VAL A 65 -5.44 5.67 7.52
CA VAL A 65 -5.15 6.19 8.86
C VAL A 65 -6.13 7.29 9.27
N SER A 66 -7.18 6.88 9.98
CA SER A 66 -8.20 7.81 10.43
C SER A 66 -8.64 7.49 11.86
N GLY A 67 -7.71 6.99 12.67
CA GLY A 67 -8.03 6.66 14.05
C GLY A 67 -7.86 7.85 14.98
N GLU A 68 -6.68 7.97 15.57
CA GLU A 68 -6.38 9.06 16.48
C GLU A 68 -5.47 10.09 15.83
N THR A 69 -6.04 10.93 14.99
CA THR A 69 -5.28 11.97 14.31
C THR A 69 -5.39 13.31 15.04
N VAL A 70 -4.40 13.61 15.86
CA VAL A 70 -4.38 14.85 16.64
C VAL A 70 -2.97 15.45 16.69
N PRO A 71 -2.86 16.78 16.54
CA PRO A 71 -1.57 17.49 16.57
C PRO A 71 -0.77 17.20 17.84
N ALA A 72 0.55 17.05 17.68
CA ALA A 72 1.45 16.76 18.80
C ALA A 72 1.27 15.33 19.31
N PRO A 73 2.27 14.77 20.01
CA PRO A 73 2.21 13.41 20.55
C PRO A 73 1.23 13.29 21.72
N SER A 74 0.74 12.07 21.95
CA SER A 74 -0.20 11.81 23.03
C SER A 74 0.48 11.03 24.16
N ALA A 75 1.23 9.99 23.81
CA ALA A 75 1.93 9.17 24.80
C ALA A 75 3.37 9.63 24.99
N ASN A 76 3.84 9.65 26.23
CA ASN A 76 5.20 10.06 26.54
C ASN A 76 6.08 8.85 26.85
N LYS A 77 5.50 7.83 27.48
CA LYS A 77 6.23 6.61 27.84
C LYS A 77 5.28 5.45 28.09
N GLU A 78 5.32 4.44 27.22
CA GLU A 78 4.45 3.27 27.35
C GLU A 78 5.23 1.98 27.10
N LEU A 79 5.58 1.28 28.17
CA LEU A 79 6.33 0.03 28.08
C LEU A 79 6.46 -0.64 29.45
N VAL A 80 6.11 -1.93 29.50
CA VAL A 80 6.18 -2.69 30.75
C VAL A 80 7.63 -2.93 31.16
N LYS A 81 8.02 -2.39 32.31
CA LYS A 81 9.38 -2.54 32.83
C LYS A 81 9.40 -3.39 34.10
N LEU A 82 9.85 -4.64 33.95
CA LEU A 82 9.91 -5.57 35.09
C LEU A 82 11.17 -5.31 35.92
N GLU A 83 11.04 -5.48 37.24
CA GLU A 83 12.16 -5.27 38.16
C GLU A 83 12.26 -6.41 39.18
N HIS A 84 13.39 -7.13 39.14
CA HIS A 84 13.61 -8.26 40.05
C HIS A 84 12.54 -9.34 39.87
ZN ZN B . 9.29 -8.17 -10.70
N MET A 1 16.49 3.89 -13.62
CA MET A 1 16.00 5.30 -13.54
C MET A 1 15.47 5.63 -12.14
N ALA A 2 15.54 6.91 -11.78
CA ALA A 2 15.06 7.36 -10.47
C ALA A 2 13.67 7.99 -10.57
N VAL A 3 12.86 7.49 -11.49
CA VAL A 3 11.50 8.01 -11.69
C VAL A 3 10.46 6.91 -11.48
N PHE A 4 10.80 5.89 -10.69
CA PHE A 4 9.90 4.78 -10.39
C PHE A 4 9.48 4.06 -11.68
N HIS A 5 8.68 3.01 -11.54
CA HIS A 5 8.21 2.24 -12.68
C HIS A 5 6.82 2.71 -13.11
N ASP A 6 5.85 2.56 -12.21
CA ASP A 6 4.47 2.96 -12.48
C ASP A 6 3.64 2.95 -11.20
N GLU A 7 2.71 3.90 -11.09
CA GLU A 7 1.84 3.99 -9.92
C GLU A 7 0.54 3.24 -10.15
N VAL A 8 0.24 2.30 -9.26
CA VAL A 8 -0.98 1.49 -9.37
C VAL A 8 -1.86 1.65 -8.13
N GLU A 9 -3.18 1.69 -8.35
CA GLU A 9 -4.14 1.82 -7.26
C GLU A 9 -4.18 0.56 -6.40
N ILE A 10 -4.29 0.75 -5.10
CA ILE A 10 -4.35 -0.36 -4.14
C ILE A 10 -5.51 -1.31 -4.47
N GLU A 11 -6.59 -0.78 -5.04
CA GLU A 11 -7.75 -1.59 -5.41
C GLU A 11 -7.37 -2.69 -6.39
N ASP A 12 -6.40 -2.39 -7.27
CA ASP A 12 -5.92 -3.34 -8.26
C ASP A 12 -5.08 -4.43 -7.60
N PHE A 13 -4.34 -4.06 -6.55
CA PHE A 13 -3.48 -5.00 -5.82
C PHE A 13 -4.30 -6.16 -5.25
N GLN A 14 -3.60 -7.26 -4.95
CA GLN A 14 -4.24 -8.44 -4.39
C GLN A 14 -4.09 -8.45 -2.86
N TYR A 15 -5.03 -7.81 -2.18
CA TYR A 15 -4.99 -7.74 -0.72
C TYR A 15 -5.34 -9.09 -0.11
N ASP A 16 -4.77 -9.35 1.07
CA ASP A 16 -5.02 -10.60 1.79
C ASP A 16 -5.39 -10.32 3.24
N GLU A 17 -6.42 -11.00 3.73
CA GLU A 17 -6.86 -10.83 5.11
C GLU A 17 -6.03 -11.70 6.06
N ASP A 18 -5.58 -12.84 5.56
CA ASP A 18 -4.76 -13.77 6.34
C ASP A 18 -3.31 -13.29 6.39
N SER A 19 -2.84 -12.69 5.30
CA SER A 19 -1.47 -12.19 5.20
C SER A 19 -1.38 -10.70 5.55
N GLU A 20 -2.46 -9.95 5.29
CA GLU A 20 -2.49 -8.51 5.56
C GLU A 20 -1.42 -7.78 4.74
N THR A 21 -1.24 -8.22 3.49
CA THR A 21 -0.25 -7.62 2.59
C THR A 21 -0.80 -7.54 1.16
N TYR A 22 -0.42 -6.50 0.43
CA TYR A 22 -0.87 -6.32 -0.94
C TYR A 22 0.19 -6.81 -1.94
N PHE A 23 -0.25 -7.45 -3.01
CA PHE A 23 0.66 -7.96 -4.03
C PHE A 23 0.26 -7.50 -5.44
N TYR A 24 1.23 -7.48 -6.35
CA TYR A 24 0.99 -7.05 -7.73
C TYR A 24 1.91 -7.78 -8.70
N PRO A 25 1.36 -8.24 -9.86
CA PRO A 25 2.15 -8.95 -10.87
C PRO A 25 3.23 -8.08 -11.52
N CYS A 26 4.45 -8.59 -11.57
CA CYS A 26 5.57 -7.87 -12.17
C CYS A 26 5.79 -8.31 -13.61
N PRO A 27 6.20 -7.36 -14.48
CA PRO A 27 6.45 -7.65 -15.91
C PRO A 27 7.48 -8.76 -16.12
N CYS A 28 8.38 -8.94 -15.14
CA CYS A 28 9.41 -9.98 -15.24
C CYS A 28 8.83 -11.37 -15.01
N GLY A 29 7.92 -11.49 -14.03
CA GLY A 29 7.31 -12.77 -13.73
C GLY A 29 6.82 -12.86 -12.29
N ASP A 30 7.66 -12.42 -11.36
CA ASP A 30 7.32 -12.44 -9.94
C ASP A 30 6.26 -11.38 -9.62
N ASN A 31 5.87 -11.27 -8.36
CA ASN A 31 4.88 -10.28 -7.94
C ASN A 31 5.38 -9.44 -6.77
N PHE A 32 5.12 -8.14 -6.83
CA PHE A 32 5.53 -7.20 -5.78
C PHE A 32 4.80 -7.52 -4.47
N SER A 33 5.24 -6.89 -3.39
CA SER A 33 4.61 -7.10 -2.08
C SER A 33 4.78 -5.88 -1.18
N ILE A 34 3.71 -5.55 -0.45
CA ILE A 34 3.72 -4.41 0.47
C ILE A 34 2.74 -4.66 1.62
N THR A 35 3.25 -4.58 2.85
CA THR A 35 2.44 -4.81 4.03
C THR A 35 1.45 -3.65 4.27
N LYS A 36 0.30 -3.97 4.85
CA LYS A 36 -0.72 -2.96 5.13
C LYS A 36 -0.15 -1.83 5.99
N GLU A 37 0.74 -2.20 6.92
CA GLU A 37 1.38 -1.23 7.81
C GLU A 37 2.19 -0.21 7.02
N ASP A 38 2.88 -0.68 5.96
CA ASP A 38 3.71 0.20 5.12
C ASP A 38 2.87 1.34 4.55
N LEU A 39 1.71 1.01 4.02
CA LEU A 39 0.82 2.01 3.43
C LEU A 39 0.36 3.02 4.48
N GLU A 40 0.02 2.52 5.67
CA GLU A 40 -0.42 3.37 6.77
C GLU A 40 0.72 4.26 7.28
N ASN A 41 1.96 3.75 7.18
CA ASN A 41 3.13 4.49 7.65
C ASN A 41 3.61 5.49 6.60
N GLY A 42 3.57 5.09 5.32
CA GLY A 42 4.02 5.97 4.25
C GLY A 42 4.76 5.21 3.15
N GLU A 43 5.15 3.96 3.44
CA GLU A 43 5.87 3.13 2.48
C GLU A 43 4.95 2.72 1.33
N ASP A 44 4.77 3.62 0.37
CA ASP A 44 3.92 3.37 -0.79
C ASP A 44 4.76 2.88 -1.98
N VAL A 45 5.74 2.02 -1.68
CA VAL A 45 6.62 1.48 -2.71
C VAL A 45 6.73 -0.05 -2.59
N ALA A 46 6.69 -0.73 -3.74
CA ALA A 46 6.80 -2.19 -3.77
C ALA A 46 8.09 -2.62 -4.44
N THR A 47 8.81 -3.55 -3.80
CA THR A 47 10.08 -4.04 -4.33
C THR A 47 9.97 -5.52 -4.72
N CYS A 48 10.45 -5.84 -5.92
CA CYS A 48 10.42 -7.22 -6.42
C CYS A 48 11.68 -7.97 -6.01
N PRO A 49 11.55 -9.21 -5.51
CA PRO A 49 12.69 -10.03 -5.09
C PRO A 49 13.46 -10.65 -6.26
N SER A 50 13.01 -10.38 -7.49
CA SER A 50 13.66 -10.93 -8.68
C SER A 50 14.45 -9.86 -9.42
N CYS A 51 13.74 -8.87 -9.97
CA CYS A 51 14.38 -7.78 -10.71
C CYS A 51 14.80 -6.62 -9.80
N SER A 52 14.15 -6.52 -8.63
CA SER A 52 14.45 -5.45 -7.68
C SER A 52 13.99 -4.09 -8.22
N LEU A 53 12.80 -4.07 -8.81
CA LEU A 53 12.24 -2.85 -9.36
C LEU A 53 11.43 -2.09 -8.31
N ILE A 54 10.88 -0.95 -8.69
CA ILE A 54 10.09 -0.13 -7.78
C ILE A 54 8.77 0.29 -8.41
N ILE A 55 7.71 0.34 -7.60
CA ILE A 55 6.39 0.75 -8.07
C ILE A 55 5.65 1.56 -7.01
N LYS A 56 4.84 2.51 -7.45
CA LYS A 56 4.07 3.35 -6.53
C LYS A 56 2.71 2.76 -6.25
N VAL A 57 2.33 2.78 -4.98
CA VAL A 57 1.05 2.25 -4.55
C VAL A 57 0.11 3.37 -4.11
N ILE A 58 -0.97 3.55 -4.86
CA ILE A 58 -1.95 4.60 -4.55
C ILE A 58 -3.09 4.04 -3.68
N TYR A 59 -3.46 4.79 -2.65
CA TYR A 59 -4.52 4.35 -1.75
C TYR A 59 -5.14 5.55 -1.00
N ASP A 60 -6.16 5.28 -0.21
CA ASP A 60 -6.83 6.33 0.56
C ASP A 60 -6.16 6.53 1.92
N LYS A 61 -5.23 7.47 1.99
CA LYS A 61 -4.52 7.76 3.24
C LYS A 61 -5.50 8.15 4.34
N ASP A 62 -6.59 8.84 3.96
CA ASP A 62 -7.61 9.26 4.91
C ASP A 62 -8.31 8.06 5.55
N GLN A 63 -8.40 6.96 4.80
CA GLN A 63 -9.03 5.74 5.31
C GLN A 63 -8.01 4.85 6.00
N PHE A 64 -6.77 4.86 5.51
CA PHE A 64 -5.70 4.05 6.08
C PHE A 64 -5.28 4.57 7.46
N VAL A 65 -4.76 5.79 7.49
CA VAL A 65 -4.31 6.40 8.75
C VAL A 65 -5.19 7.60 9.12
N SER A 66 -6.18 7.35 9.98
CA SER A 66 -7.09 8.40 10.43
C SER A 66 -7.74 8.01 11.76
N GLY A 67 -7.04 8.29 12.85
CA GLY A 67 -7.54 7.96 14.18
C GLY A 67 -7.04 8.92 15.22
N GLU A 68 -5.73 8.91 15.46
CA GLU A 68 -5.12 9.78 16.45
C GLU A 68 -4.40 10.95 15.76
N THR A 69 -5.00 11.45 14.68
CA THR A 69 -4.42 12.57 13.93
C THR A 69 -5.47 13.66 13.68
N VAL A 70 -5.19 14.86 14.18
CA VAL A 70 -6.10 16.00 14.02
C VAL A 70 -6.33 16.32 12.54
N PRO A 71 -7.58 16.67 12.16
CA PRO A 71 -7.93 17.02 10.77
C PRO A 71 -7.10 18.16 10.20
N ALA A 72 -7.23 18.41 8.90
CA ALA A 72 -6.49 19.47 8.24
C ALA A 72 -7.37 20.32 7.33
N PRO A 73 -7.03 21.62 7.16
CA PRO A 73 -7.79 22.55 6.31
C PRO A 73 -7.65 22.23 4.82
N SER A 74 -8.49 22.87 4.00
CA SER A 74 -8.47 22.65 2.55
C SER A 74 -7.64 23.72 1.84
N ALA A 75 -6.92 23.30 0.80
CA ALA A 75 -6.06 24.20 0.02
C ALA A 75 -4.84 24.62 0.82
N ASN A 76 -5.03 25.45 1.85
CA ASN A 76 -3.93 25.90 2.70
C ASN A 76 -4.43 26.26 4.10
N LYS A 77 -3.50 26.41 5.04
CA LYS A 77 -3.86 26.74 6.43
C LYS A 77 -4.37 28.17 6.52
N GLU A 78 -5.55 28.36 7.12
CA GLU A 78 -6.14 29.68 7.26
C GLU A 78 -6.34 30.03 8.73
N LEU A 79 -5.68 31.11 9.16
CA LEU A 79 -5.79 31.57 10.55
C LEU A 79 -5.57 33.08 10.65
N VAL A 80 -5.98 33.82 9.61
CA VAL A 80 -5.83 35.27 9.59
C VAL A 80 -7.19 35.96 9.55
N LYS A 81 -7.38 36.93 10.46
CA LYS A 81 -8.64 37.67 10.54
C LYS A 81 -8.45 39.10 10.03
N LEU A 82 -8.33 39.25 8.72
CA LEU A 82 -8.14 40.56 8.10
C LEU A 82 -8.76 40.61 6.70
N GLU A 83 -8.89 41.82 6.15
CA GLU A 83 -9.46 42.00 4.82
C GLU A 83 -8.43 41.63 3.75
N HIS A 84 -7.25 42.23 3.83
CA HIS A 84 -6.18 41.98 2.86
C HIS A 84 -4.83 41.82 3.57
ZN ZN B . 9.93 -7.99 -10.88
N MET A 1 16.93 12.87 -8.05
CA MET A 1 16.58 11.58 -7.39
C MET A 1 16.16 10.52 -8.41
N ALA A 2 15.88 9.31 -7.93
CA ALA A 2 15.47 8.21 -8.80
C ALA A 2 13.98 8.26 -9.09
N VAL A 3 13.58 7.71 -10.24
CA VAL A 3 12.18 7.69 -10.65
C VAL A 3 11.56 6.31 -10.48
N PHE A 4 10.26 6.27 -10.19
CA PHE A 4 9.53 5.01 -10.00
C PHE A 4 9.16 4.39 -11.35
N HIS A 5 8.73 3.13 -11.31
CA HIS A 5 8.33 2.41 -12.53
C HIS A 5 6.94 2.84 -12.98
N ASP A 6 5.95 2.62 -12.12
CA ASP A 6 4.57 2.98 -12.43
C ASP A 6 3.73 3.08 -11.16
N GLU A 7 2.59 3.76 -11.26
CA GLU A 7 1.69 3.95 -10.13
C GLU A 7 0.39 3.16 -10.34
N VAL A 8 -0.03 2.42 -9.31
CA VAL A 8 -1.25 1.63 -9.41
C VAL A 8 -2.05 1.72 -8.11
N GLU A 9 -3.38 1.78 -8.25
CA GLU A 9 -4.27 1.87 -7.10
C GLU A 9 -4.24 0.58 -6.28
N ILE A 10 -4.25 0.74 -4.96
CA ILE A 10 -4.22 -0.39 -4.04
C ILE A 10 -5.37 -1.37 -4.30
N GLU A 11 -6.50 -0.86 -4.79
CA GLU A 11 -7.66 -1.71 -5.08
C GLU A 11 -7.31 -2.78 -6.13
N ASP A 12 -6.38 -2.44 -7.02
CA ASP A 12 -5.94 -3.37 -8.06
C ASP A 12 -5.09 -4.49 -7.48
N PHE A 13 -4.36 -4.19 -6.40
CA PHE A 13 -3.50 -5.17 -5.75
C PHE A 13 -4.32 -6.34 -5.20
N GLN A 14 -3.68 -7.48 -5.02
CA GLN A 14 -4.34 -8.67 -4.49
C GLN A 14 -4.19 -8.74 -2.98
N TYR A 15 -5.07 -8.04 -2.27
CA TYR A 15 -5.02 -8.02 -0.81
C TYR A 15 -5.38 -9.38 -0.24
N ASP A 16 -4.87 -9.66 0.96
CA ASP A 16 -5.13 -10.91 1.64
C ASP A 16 -5.11 -10.71 3.15
N GLU A 17 -6.29 -10.59 3.75
CA GLU A 17 -6.40 -10.38 5.20
C GLU A 17 -5.60 -11.44 5.96
N ASP A 18 -5.50 -12.64 5.39
CA ASP A 18 -4.75 -13.75 5.99
C ASP A 18 -3.33 -13.32 6.34
N SER A 19 -2.69 -12.60 5.42
CA SER A 19 -1.32 -12.14 5.61
C SER A 19 -1.25 -10.63 5.87
N GLU A 20 -2.30 -9.89 5.53
CA GLU A 20 -2.34 -8.45 5.72
C GLU A 20 -1.27 -7.76 4.86
N THR A 21 -1.15 -8.22 3.61
CA THR A 21 -0.16 -7.67 2.68
C THR A 21 -0.73 -7.62 1.25
N TYR A 22 -0.32 -6.60 0.50
CA TYR A 22 -0.78 -6.44 -0.88
C TYR A 22 0.29 -6.91 -1.86
N PHE A 23 -0.13 -7.56 -2.94
CA PHE A 23 0.79 -8.05 -3.95
C PHE A 23 0.38 -7.58 -5.35
N TYR A 24 1.39 -7.40 -6.22
CA TYR A 24 1.14 -6.95 -7.59
C TYR A 24 1.89 -7.82 -8.60
N PRO A 25 1.24 -8.20 -9.72
CA PRO A 25 1.85 -9.03 -10.75
C PRO A 25 2.91 -8.27 -11.56
N CYS A 26 4.11 -8.84 -11.59
CA CYS A 26 5.22 -8.23 -12.33
C CYS A 26 5.37 -8.87 -13.71
N PRO A 27 5.76 -8.08 -14.73
CA PRO A 27 5.95 -8.58 -16.09
C PRO A 27 7.12 -9.55 -16.22
N CYS A 28 8.03 -9.53 -15.24
CA CYS A 28 9.20 -10.40 -15.24
C CYS A 28 8.82 -11.83 -14.83
N GLY A 29 7.85 -11.95 -13.93
CA GLY A 29 7.40 -13.26 -13.46
C GLY A 29 6.97 -13.25 -12.00
N ASP A 30 7.78 -12.61 -11.16
CA ASP A 30 7.48 -12.53 -9.72
C ASP A 30 6.35 -11.53 -9.46
N ASN A 31 6.08 -11.25 -8.19
CA ASN A 31 5.02 -10.32 -7.82
C ASN A 31 5.44 -9.42 -6.65
N PHE A 32 5.19 -8.12 -6.80
CA PHE A 32 5.52 -7.14 -5.76
C PHE A 32 4.77 -7.45 -4.46
N SER A 33 5.30 -6.93 -3.35
CA SER A 33 4.66 -7.15 -2.04
C SER A 33 4.83 -5.94 -1.12
N ILE A 34 3.76 -5.61 -0.39
CA ILE A 34 3.77 -4.48 0.54
C ILE A 34 2.79 -4.73 1.68
N THR A 35 3.27 -4.64 2.92
CA THR A 35 2.42 -4.86 4.09
C THR A 35 1.44 -3.71 4.30
N LYS A 36 0.30 -4.01 4.91
CA LYS A 36 -0.72 -3.00 5.17
C LYS A 36 -0.16 -1.87 6.01
N GLU A 37 0.73 -2.21 6.96
CA GLU A 37 1.35 -1.22 7.82
C GLU A 37 2.16 -0.20 7.01
N ASP A 38 2.83 -0.68 5.96
CA ASP A 38 3.64 0.19 5.09
C ASP A 38 2.78 1.30 4.49
N LEU A 39 1.63 0.93 3.95
CA LEU A 39 0.72 1.90 3.34
C LEU A 39 0.19 2.88 4.38
N GLU A 40 -0.15 2.38 5.57
CA GLU A 40 -0.66 3.22 6.64
C GLU A 40 0.43 4.16 7.18
N ASN A 41 1.69 3.73 7.10
CA ASN A 41 2.81 4.54 7.57
C ASN A 41 3.28 5.53 6.51
N GLY A 42 3.32 5.09 5.25
CA GLY A 42 3.76 5.95 4.17
C GLY A 42 4.57 5.20 3.11
N GLU A 43 5.00 3.96 3.44
CA GLU A 43 5.77 3.14 2.51
C GLU A 43 4.91 2.67 1.34
N ASP A 44 4.72 3.57 0.38
CA ASP A 44 3.91 3.26 -0.81
C ASP A 44 4.81 2.77 -1.95
N VAL A 45 5.80 1.96 -1.60
CA VAL A 45 6.73 1.42 -2.59
C VAL A 45 6.87 -0.09 -2.45
N ALA A 46 6.77 -0.80 -3.58
CA ALA A 46 6.89 -2.25 -3.58
C ALA A 46 8.15 -2.67 -4.33
N THR A 47 8.85 -3.66 -3.78
CA THR A 47 10.07 -4.17 -4.38
C THR A 47 9.92 -5.63 -4.78
N CYS A 48 10.31 -5.97 -6.01
CA CYS A 48 10.23 -7.33 -6.52
C CYS A 48 11.51 -8.10 -6.21
N PRO A 49 11.38 -9.34 -5.70
CA PRO A 49 12.54 -10.18 -5.37
C PRO A 49 13.25 -10.75 -6.61
N SER A 50 12.71 -10.50 -7.80
CA SER A 50 13.30 -11.00 -9.04
C SER A 50 14.01 -9.87 -9.80
N CYS A 51 13.23 -8.90 -10.30
CA CYS A 51 13.80 -7.78 -11.04
C CYS A 51 14.37 -6.70 -10.10
N SER A 52 13.83 -6.61 -8.88
CA SER A 52 14.28 -5.63 -7.89
C SER A 52 13.91 -4.22 -8.35
N LEU A 53 12.72 -4.06 -8.91
CA LEU A 53 12.24 -2.76 -9.38
C LEU A 53 11.41 -2.07 -8.30
N ILE A 54 10.92 -0.87 -8.62
CA ILE A 54 10.11 -0.11 -7.67
C ILE A 54 8.77 0.30 -8.28
N ILE A 55 7.72 0.30 -7.46
CA ILE A 55 6.38 0.67 -7.92
C ILE A 55 5.64 1.48 -6.86
N LYS A 56 4.84 2.44 -7.31
CA LYS A 56 4.07 3.29 -6.39
C LYS A 56 2.69 2.72 -6.14
N VAL A 57 2.31 2.69 -4.87
CA VAL A 57 1.01 2.17 -4.47
C VAL A 57 0.09 3.30 -4.02
N ILE A 58 -0.97 3.53 -4.80
CA ILE A 58 -1.94 4.58 -4.48
C ILE A 58 -3.07 4.05 -3.62
N TYR A 59 -3.42 4.78 -2.58
CA TYR A 59 -4.49 4.39 -1.67
C TYR A 59 -5.08 5.61 -0.98
N ASP A 60 -6.12 5.39 -0.17
CA ASP A 60 -6.78 6.47 0.55
C ASP A 60 -6.13 6.70 1.91
N LYS A 61 -5.25 7.70 2.00
CA LYS A 61 -4.57 8.02 3.25
C LYS A 61 -5.56 8.40 4.34
N ASP A 62 -6.70 8.96 3.95
CA ASP A 62 -7.74 9.36 4.89
C ASP A 62 -8.33 8.13 5.60
N GLN A 63 -8.45 7.03 4.85
CA GLN A 63 -8.99 5.78 5.40
C GLN A 63 -7.92 5.00 6.14
N PHE A 64 -6.73 4.91 5.56
CA PHE A 64 -5.62 4.19 6.16
C PHE A 64 -5.17 4.86 7.46
N VAL A 65 -5.19 6.20 7.47
CA VAL A 65 -4.79 6.96 8.65
C VAL A 65 -5.99 7.69 9.27
N SER A 66 -6.73 6.99 10.11
CA SER A 66 -7.91 7.55 10.77
C SER A 66 -7.64 7.77 12.27
N GLY A 67 -6.43 8.25 12.59
CA GLY A 67 -6.07 8.49 13.99
C GLY A 67 -6.72 9.75 14.56
N GLU A 68 -6.30 10.91 14.05
CA GLU A 68 -6.83 12.19 14.52
C GLU A 68 -7.57 12.92 13.41
N THR A 69 -8.83 12.51 13.18
CA THR A 69 -9.66 13.13 12.15
C THR A 69 -11.15 12.98 12.48
N VAL A 70 -11.87 14.10 12.50
CA VAL A 70 -13.30 14.10 12.80
C VAL A 70 -14.12 14.35 11.54
N PRO A 71 -15.26 13.63 11.38
CA PRO A 71 -16.15 13.77 10.21
C PRO A 71 -16.71 15.19 10.06
N ALA A 72 -17.55 15.39 9.04
CA ALA A 72 -18.17 16.69 8.79
C ALA A 72 -19.45 16.56 7.98
N PRO A 73 -20.45 17.42 8.27
CA PRO A 73 -21.73 17.41 7.55
C PRO A 73 -21.64 18.15 6.21
N SER A 74 -20.65 17.78 5.39
CA SER A 74 -20.45 18.39 4.08
C SER A 74 -20.06 19.86 4.20
N ALA A 75 -21.02 20.72 4.56
CA ALA A 75 -20.78 22.15 4.73
C ALA A 75 -22.04 22.86 5.24
N ASN A 76 -21.94 24.17 5.45
CA ASN A 76 -23.07 24.95 5.94
C ASN A 76 -23.77 25.68 4.79
N LYS A 77 -22.98 26.25 3.88
CA LYS A 77 -23.53 26.98 2.73
C LYS A 77 -22.41 27.43 1.78
N GLU A 78 -22.50 26.97 0.53
CA GLU A 78 -21.51 27.32 -0.48
C GLU A 78 -22.07 27.17 -1.89
N LEU A 79 -22.56 28.28 -2.44
CA LEU A 79 -23.13 28.28 -3.79
C LEU A 79 -22.31 29.16 -4.73
N VAL A 80 -20.99 29.21 -4.51
CA VAL A 80 -20.10 30.00 -5.34
C VAL A 80 -19.27 29.12 -6.28
N LYS A 81 -19.80 27.93 -6.58
CA LYS A 81 -19.12 26.99 -7.46
C LYS A 81 -20.10 26.00 -8.08
N LEU A 82 -20.64 26.36 -9.25
CA LEU A 82 -21.59 25.51 -9.97
C LEU A 82 -22.90 25.35 -9.20
N GLU A 83 -23.95 26.03 -9.67
CA GLU A 83 -25.26 25.96 -9.02
C GLU A 83 -26.33 25.45 -9.99
N HIS A 84 -27.14 24.50 -9.51
CA HIS A 84 -28.21 23.92 -10.33
C HIS A 84 -29.36 23.44 -9.45
ZN ZN B . 9.51 -7.97 -10.92
N MET A 1 15.14 12.14 -3.94
CA MET A 1 15.02 11.75 -5.38
C MET A 1 13.66 11.10 -5.67
N ALA A 2 13.32 11.02 -6.95
CA ALA A 2 12.06 10.41 -7.37
C ALA A 2 12.20 9.72 -8.71
N VAL A 3 12.46 8.41 -8.69
CA VAL A 3 12.62 7.63 -9.92
C VAL A 3 11.94 6.27 -9.81
N PHE A 4 10.62 6.25 -9.96
CA PHE A 4 9.84 5.02 -9.88
C PHE A 4 9.47 4.49 -11.28
N HIS A 5 8.84 3.31 -11.31
CA HIS A 5 8.43 2.70 -12.58
C HIS A 5 7.03 3.19 -12.99
N ASP A 6 6.03 2.87 -12.15
CA ASP A 6 4.65 3.27 -12.42
C ASP A 6 3.81 3.24 -11.13
N GLU A 7 2.73 4.04 -11.12
CA GLU A 7 1.84 4.09 -9.96
C GLU A 7 0.56 3.29 -10.22
N VAL A 8 0.15 2.50 -9.23
CA VAL A 8 -1.06 1.68 -9.36
C VAL A 8 -1.91 1.77 -8.09
N GLU A 9 -3.22 1.85 -8.28
CA GLU A 9 -4.16 1.94 -7.17
C GLU A 9 -4.17 0.65 -6.35
N ILE A 10 -4.24 0.80 -5.03
CA ILE A 10 -4.26 -0.35 -4.11
C ILE A 10 -5.41 -1.30 -4.43
N GLU A 11 -6.51 -0.76 -4.98
CA GLU A 11 -7.66 -1.58 -5.34
C GLU A 11 -7.27 -2.65 -6.36
N ASP A 12 -6.31 -2.32 -7.23
CA ASP A 12 -5.84 -3.24 -8.25
C ASP A 12 -5.01 -4.38 -7.63
N PHE A 13 -4.36 -4.09 -6.51
CA PHE A 13 -3.54 -5.08 -5.80
C PHE A 13 -4.40 -6.20 -5.23
N GLN A 14 -3.74 -7.24 -4.71
CA GLN A 14 -4.45 -8.38 -4.11
C GLN A 14 -4.33 -8.35 -2.59
N TYR A 15 -5.45 -8.07 -1.91
CA TYR A 15 -5.46 -8.03 -0.45
C TYR A 15 -5.20 -9.41 0.14
N ASP A 16 -4.06 -9.58 0.77
CA ASP A 16 -3.68 -10.86 1.38
C ASP A 16 -4.08 -10.88 2.85
N GLU A 17 -5.32 -11.28 3.12
CA GLU A 17 -5.83 -11.35 4.49
C GLU A 17 -4.94 -12.24 5.38
N ASP A 18 -4.27 -13.22 4.75
CA ASP A 18 -3.39 -14.14 5.47
C ASP A 18 -2.44 -13.39 6.41
N SER A 19 -1.87 -12.29 5.92
CA SER A 19 -0.94 -11.50 6.73
C SER A 19 -1.09 -9.99 6.45
N GLU A 20 -2.29 -9.57 6.03
CA GLU A 20 -2.58 -8.16 5.73
C GLU A 20 -1.48 -7.54 4.85
N THR A 21 -1.32 -8.08 3.65
CA THR A 21 -0.32 -7.58 2.71
C THR A 21 -0.89 -7.49 1.28
N TYR A 22 -0.36 -6.57 0.49
CA TYR A 22 -0.81 -6.40 -0.90
C TYR A 22 0.28 -6.79 -1.89
N PHE A 23 -0.11 -7.47 -2.97
CA PHE A 23 0.84 -7.92 -3.98
C PHE A 23 0.40 -7.50 -5.38
N TYR A 24 1.38 -7.35 -6.29
CA TYR A 24 1.09 -6.96 -7.67
C TYR A 24 1.87 -7.83 -8.66
N PRO A 25 1.23 -8.27 -9.75
CA PRO A 25 1.87 -9.11 -10.78
C PRO A 25 2.93 -8.36 -11.59
N CYS A 26 4.13 -8.91 -11.64
CA CYS A 26 5.24 -8.32 -12.37
C CYS A 26 5.40 -8.97 -13.75
N PRO A 27 5.72 -8.18 -14.78
CA PRO A 27 5.91 -8.69 -16.14
C PRO A 27 7.10 -9.64 -16.27
N CYS A 28 8.01 -9.60 -15.29
CA CYS A 28 9.19 -10.46 -15.32
C CYS A 28 8.83 -11.90 -14.91
N GLY A 29 7.98 -12.04 -13.89
CA GLY A 29 7.59 -13.36 -13.44
C GLY A 29 7.02 -13.36 -12.03
N ASP A 30 7.80 -12.83 -11.08
CA ASP A 30 7.38 -12.76 -9.69
C ASP A 30 6.36 -11.64 -9.47
N ASN A 31 5.95 -11.43 -8.21
CA ASN A 31 4.97 -10.39 -7.90
C ASN A 31 5.46 -9.49 -6.76
N PHE A 32 5.12 -8.20 -6.85
CA PHE A 32 5.49 -7.22 -5.84
C PHE A 32 4.79 -7.51 -4.52
N SER A 33 5.21 -6.84 -3.44
CA SER A 33 4.61 -7.03 -2.13
C SER A 33 4.74 -5.78 -1.25
N ILE A 34 3.67 -5.46 -0.52
CA ILE A 34 3.64 -4.30 0.37
C ILE A 34 2.68 -4.53 1.54
N THR A 35 3.19 -4.42 2.76
CA THR A 35 2.36 -4.63 3.96
C THR A 35 1.39 -3.47 4.18
N LYS A 36 0.25 -3.77 4.81
CA LYS A 36 -0.77 -2.76 5.09
C LYS A 36 -0.21 -1.65 5.96
N GLU A 37 0.63 -2.02 6.94
CA GLU A 37 1.25 -1.06 7.84
C GLU A 37 2.11 -0.05 7.08
N ASP A 38 2.81 -0.52 6.04
CA ASP A 38 3.66 0.34 5.23
C ASP A 38 2.85 1.49 4.64
N LEU A 39 1.71 1.16 4.05
CA LEU A 39 0.83 2.16 3.45
C LEU A 39 0.34 3.16 4.50
N GLU A 40 -0.11 2.65 5.65
CA GLU A 40 -0.59 3.51 6.73
C GLU A 40 0.50 4.47 7.22
N ASN A 41 1.77 4.07 7.08
CA ASN A 41 2.89 4.90 7.51
C ASN A 41 3.37 5.85 6.41
N GLY A 42 3.38 5.35 5.17
CA GLY A 42 3.84 6.16 4.05
C GLY A 42 4.69 5.37 3.06
N GLU A 43 4.98 4.11 3.40
CA GLU A 43 5.77 3.24 2.51
C GLU A 43 4.91 2.76 1.36
N ASP A 44 4.74 3.62 0.36
CA ASP A 44 3.93 3.31 -0.82
C ASP A 44 4.81 2.70 -1.93
N VAL A 45 5.80 1.90 -1.54
CA VAL A 45 6.71 1.28 -2.51
C VAL A 45 6.76 -0.25 -2.38
N ALA A 46 6.63 -0.94 -3.51
CA ALA A 46 6.66 -2.40 -3.54
C ALA A 46 7.88 -2.92 -4.31
N THR A 47 8.62 -3.83 -3.68
CA THR A 47 9.81 -4.41 -4.31
C THR A 47 9.57 -5.86 -4.73
N CYS A 48 9.94 -6.17 -5.98
CA CYS A 48 9.76 -7.52 -6.52
C CYS A 48 10.95 -8.40 -6.15
N PRO A 49 10.70 -9.65 -5.69
CA PRO A 49 11.76 -10.59 -5.31
C PRO A 49 12.35 -11.35 -6.50
N SER A 50 12.55 -10.64 -7.61
CA SER A 50 13.12 -11.24 -8.82
C SER A 50 13.90 -10.19 -9.61
N CYS A 51 13.21 -9.12 -10.01
CA CYS A 51 13.84 -8.05 -10.78
C CYS A 51 14.34 -6.91 -9.87
N SER A 52 13.79 -6.84 -8.66
CA SER A 52 14.17 -5.79 -7.70
C SER A 52 13.73 -4.40 -8.19
N LEU A 53 12.55 -4.36 -8.80
CA LEU A 53 11.99 -3.11 -9.33
C LEU A 53 11.16 -2.39 -8.26
N ILE A 54 10.95 -1.09 -8.46
CA ILE A 54 10.17 -0.29 -7.52
C ILE A 54 8.88 0.20 -8.17
N ILE A 55 7.80 0.25 -7.39
CA ILE A 55 6.50 0.71 -7.88
C ILE A 55 5.75 1.50 -6.80
N LYS A 56 4.97 2.48 -7.23
CA LYS A 56 4.20 3.32 -6.30
C LYS A 56 2.80 2.77 -6.10
N VAL A 57 2.39 2.72 -4.83
CA VAL A 57 1.08 2.21 -4.48
C VAL A 57 0.16 3.34 -4.03
N ILE A 58 -0.88 3.60 -4.82
CA ILE A 58 -1.84 4.66 -4.52
C ILE A 58 -3.01 4.11 -3.71
N TYR A 59 -3.39 4.84 -2.66
CA TYR A 59 -4.49 4.41 -1.79
C TYR A 59 -5.19 5.63 -1.17
N ASP A 60 -6.20 5.37 -0.33
CA ASP A 60 -6.93 6.45 0.34
C ASP A 60 -6.28 6.79 1.67
N LYS A 61 -5.49 7.87 1.69
CA LYS A 61 -4.81 8.30 2.91
C LYS A 61 -5.82 8.66 4.00
N ASP A 62 -7.00 9.14 3.59
CA ASP A 62 -8.05 9.50 4.55
C ASP A 62 -8.55 8.26 5.28
N GLN A 63 -8.58 7.13 4.58
CA GLN A 63 -9.04 5.87 5.17
C GLN A 63 -7.92 5.15 5.89
N PHE A 64 -6.74 5.07 5.25
CA PHE A 64 -5.58 4.40 5.84
C PHE A 64 -5.08 5.13 7.09
N VAL A 65 -4.85 6.44 6.96
CA VAL A 65 -4.35 7.24 8.09
C VAL A 65 -5.48 7.56 9.07
N SER A 66 -5.84 6.56 9.89
CA SER A 66 -6.90 6.73 10.88
C SER A 66 -6.97 5.51 11.80
N GLY A 67 -6.28 5.59 12.92
CA GLY A 67 -6.26 4.49 13.87
C GLY A 67 -4.90 4.27 14.49
N GLU A 68 -3.92 3.96 13.66
CA GLU A 68 -2.55 3.73 14.11
C GLU A 68 -1.68 4.99 13.97
N THR A 69 -2.31 6.16 14.10
CA THR A 69 -1.60 7.43 13.98
C THR A 69 -2.10 8.43 15.04
N VAL A 70 -1.20 8.86 15.91
CA VAL A 70 -1.54 9.81 16.97
C VAL A 70 -1.00 11.21 16.66
N PRO A 71 -1.79 12.27 16.94
CA PRO A 71 -1.39 13.66 16.70
C PRO A 71 -0.08 14.03 17.41
N ALA A 72 0.62 15.04 16.89
CA ALA A 72 1.89 15.51 17.46
C ALA A 72 3.03 14.53 17.14
N PRO A 73 4.29 15.01 17.19
CA PRO A 73 5.47 14.17 16.89
C PRO A 73 5.72 13.13 17.97
N SER A 74 6.07 11.91 17.56
CA SER A 74 6.33 10.83 18.49
C SER A 74 7.84 10.61 18.66
N ALA A 75 8.34 10.86 19.87
CA ALA A 75 9.76 10.69 20.17
C ALA A 75 10.05 9.31 20.74
N ASN A 76 11.34 8.95 20.79
CA ASN A 76 11.75 7.65 21.31
C ASN A 76 12.17 7.73 22.78
N LYS A 77 12.84 8.83 23.15
CA LYS A 77 13.30 9.06 24.52
C LYS A 77 14.39 8.06 24.92
N GLU A 78 15.63 8.53 24.96
CA GLU A 78 16.77 7.68 25.33
C GLU A 78 17.73 8.41 26.27
N LEU A 79 17.67 8.07 27.57
CA LEU A 79 18.54 8.69 28.56
C LEU A 79 18.76 7.76 29.77
N VAL A 80 19.00 6.48 29.48
CA VAL A 80 19.22 5.49 30.53
C VAL A 80 20.67 4.98 30.53
N LYS A 81 21.14 4.56 31.70
CA LYS A 81 22.51 4.05 31.88
C LYS A 81 23.54 5.16 31.62
N LEU A 82 23.72 6.03 32.62
CA LEU A 82 24.67 7.14 32.51
C LEU A 82 25.29 7.44 33.89
N GLU A 83 26.07 6.48 34.40
CA GLU A 83 26.75 6.61 35.70
C GLU A 83 25.75 6.75 36.85
N HIS A 84 26.26 6.64 38.07
CA HIS A 84 25.44 6.75 39.28
C HIS A 84 26.29 6.65 40.54
ZN ZN B . 9.53 -8.14 -11.01
N MET A 1 20.73 7.15 -8.27
CA MET A 1 19.44 7.40 -8.98
C MET A 1 18.51 6.19 -8.89
N ALA A 2 17.21 6.46 -8.82
CA ALA A 2 16.21 5.40 -8.75
C ALA A 2 14.80 5.95 -8.94
N VAL A 3 14.32 5.91 -10.19
CA VAL A 3 12.98 6.41 -10.50
C VAL A 3 11.94 5.29 -10.41
N PHE A 4 10.75 5.64 -9.95
CA PHE A 4 9.66 4.67 -9.83
C PHE A 4 9.20 4.18 -11.19
N HIS A 5 8.89 2.89 -11.28
CA HIS A 5 8.43 2.29 -12.54
C HIS A 5 7.04 2.81 -12.91
N ASP A 6 6.05 2.50 -12.08
CA ASP A 6 4.67 2.94 -12.32
C ASP A 6 3.87 2.96 -11.02
N GLU A 7 2.73 3.67 -11.03
CA GLU A 7 1.88 3.78 -9.86
C GLU A 7 0.55 3.05 -10.09
N VAL A 8 0.11 2.28 -9.11
CA VAL A 8 -1.15 1.54 -9.21
C VAL A 8 -1.96 1.66 -7.92
N GLU A 9 -3.28 1.79 -8.07
CA GLU A 9 -4.18 1.89 -6.92
C GLU A 9 -4.24 0.59 -6.13
N ILE A 10 -4.26 0.71 -4.81
CA ILE A 10 -4.32 -0.46 -3.94
C ILE A 10 -5.51 -1.37 -4.28
N GLU A 11 -6.58 -0.76 -4.81
CA GLU A 11 -7.77 -1.53 -5.19
C GLU A 11 -7.43 -2.59 -6.23
N ASP A 12 -6.45 -2.29 -7.09
CA ASP A 12 -6.01 -3.22 -8.13
C ASP A 12 -5.21 -4.38 -7.52
N PHE A 13 -4.50 -4.10 -6.42
CA PHE A 13 -3.69 -5.11 -5.74
C PHE A 13 -4.56 -6.24 -5.18
N GLN A 14 -3.92 -7.31 -4.73
CA GLN A 14 -4.62 -8.45 -4.16
C GLN A 14 -4.44 -8.50 -2.64
N TYR A 15 -5.54 -8.29 -1.91
CA TYR A 15 -5.50 -8.31 -0.46
C TYR A 15 -5.17 -9.70 0.06
N ASP A 16 -4.02 -9.83 0.72
CA ASP A 16 -3.58 -11.11 1.26
C ASP A 16 -4.01 -11.24 2.73
N GLU A 17 -5.21 -11.77 2.95
CA GLU A 17 -5.73 -11.96 4.30
C GLU A 17 -4.77 -12.79 5.16
N ASP A 18 -4.01 -13.66 4.50
CA ASP A 18 -3.04 -14.52 5.18
C ASP A 18 -2.23 -13.73 6.23
N SER A 19 -1.73 -12.56 5.83
CA SER A 19 -0.95 -11.72 6.75
C SER A 19 -1.15 -10.23 6.45
N GLU A 20 -2.34 -9.87 5.94
CA GLU A 20 -2.66 -8.48 5.61
C GLU A 20 -1.55 -7.83 4.78
N THR A 21 -1.41 -8.29 3.54
CA THR A 21 -0.39 -7.76 2.63
C THR A 21 -0.96 -7.60 1.22
N TYR A 22 -0.32 -6.74 0.43
CA TYR A 22 -0.75 -6.50 -0.95
C TYR A 22 0.38 -6.79 -1.93
N PHE A 23 0.05 -7.42 -3.05
CA PHE A 23 1.05 -7.76 -4.07
C PHE A 23 0.54 -7.45 -5.47
N TYR A 24 1.48 -7.16 -6.39
CA TYR A 24 1.13 -6.86 -7.77
C TYR A 24 1.93 -7.72 -8.75
N PRO A 25 1.29 -8.21 -9.82
CA PRO A 25 1.95 -9.04 -10.83
C PRO A 25 3.04 -8.29 -11.61
N CYS A 26 4.26 -8.84 -11.59
CA CYS A 26 5.38 -8.23 -12.29
C CYS A 26 5.59 -8.89 -13.65
N PRO A 27 6.00 -8.11 -14.67
CA PRO A 27 6.25 -8.62 -16.02
C PRO A 27 7.46 -9.56 -16.09
N CYS A 28 8.31 -9.51 -15.07
CA CYS A 28 9.50 -10.36 -15.03
C CYS A 28 9.13 -11.80 -14.66
N GLY A 29 8.22 -11.97 -13.71
CA GLY A 29 7.80 -13.29 -13.27
C GLY A 29 7.14 -13.28 -11.91
N ASP A 30 7.86 -12.82 -10.89
CA ASP A 30 7.34 -12.76 -9.53
C ASP A 30 6.33 -11.62 -9.38
N ASN A 31 5.88 -11.38 -8.16
CA ASN A 31 4.91 -10.33 -7.88
C ASN A 31 5.41 -9.43 -6.75
N PHE A 32 5.14 -8.13 -6.87
CA PHE A 32 5.54 -7.15 -5.86
C PHE A 32 4.85 -7.46 -4.52
N SER A 33 5.26 -6.75 -3.46
CA SER A 33 4.67 -6.97 -2.14
C SER A 33 4.78 -5.72 -1.26
N ILE A 34 3.70 -5.43 -0.52
CA ILE A 34 3.65 -4.27 0.36
C ILE A 34 2.71 -4.54 1.54
N THR A 35 3.21 -4.39 2.76
CA THR A 35 2.41 -4.61 3.96
C THR A 35 1.38 -3.50 4.17
N LYS A 36 0.24 -3.86 4.77
CA LYS A 36 -0.83 -2.90 5.04
C LYS A 36 -0.33 -1.76 5.94
N GLU A 37 0.48 -2.13 6.93
CA GLU A 37 1.04 -1.14 7.87
C GLU A 37 1.90 -0.12 7.13
N ASP A 38 2.65 -0.58 6.13
CA ASP A 38 3.51 0.31 5.34
C ASP A 38 2.69 1.42 4.71
N LEU A 39 1.58 1.07 4.09
CA LEU A 39 0.70 2.04 3.45
C LEU A 39 0.12 3.02 4.47
N GLU A 40 -0.31 2.49 5.62
CA GLU A 40 -0.89 3.32 6.67
C GLU A 40 0.13 4.33 7.22
N ASN A 41 1.42 3.98 7.14
CA ASN A 41 2.48 4.86 7.62
C ASN A 41 2.94 5.82 6.53
N GLY A 42 3.00 5.33 5.29
CA GLY A 42 3.43 6.15 4.16
C GLY A 42 4.27 5.36 3.16
N GLU A 43 4.74 4.18 3.57
CA GLU A 43 5.55 3.33 2.69
C GLU A 43 4.69 2.78 1.54
N ASP A 44 4.50 3.61 0.52
CA ASP A 44 3.71 3.23 -0.64
C ASP A 44 4.63 2.74 -1.77
N VAL A 45 5.65 1.97 -1.40
CA VAL A 45 6.59 1.44 -2.38
C VAL A 45 6.71 -0.08 -2.26
N ALA A 46 6.59 -0.77 -3.39
CA ALA A 46 6.71 -2.22 -3.41
C ALA A 46 7.97 -2.65 -4.15
N THR A 47 8.69 -3.61 -3.58
CA THR A 47 9.93 -4.09 -4.18
C THR A 47 9.80 -5.56 -4.56
N CYS A 48 10.20 -5.89 -5.79
CA CYS A 48 10.12 -7.26 -6.29
C CYS A 48 11.40 -8.03 -5.95
N PRO A 49 11.27 -9.26 -5.43
CA PRO A 49 12.42 -10.10 -5.07
C PRO A 49 13.07 -10.78 -6.28
N SER A 50 12.55 -10.50 -7.48
CA SER A 50 13.07 -11.09 -8.70
C SER A 50 13.86 -10.05 -9.52
N CYS A 51 13.20 -8.93 -9.82
CA CYS A 51 13.84 -7.86 -10.60
C CYS A 51 14.39 -6.75 -9.71
N SER A 52 13.88 -6.65 -8.47
CA SER A 52 14.32 -5.62 -7.53
C SER A 52 13.95 -4.23 -8.03
N LEU A 53 12.72 -4.10 -8.54
CA LEU A 53 12.23 -2.82 -9.05
C LEU A 53 11.41 -2.09 -7.98
N ILE A 54 10.90 -0.90 -8.35
CA ILE A 54 10.10 -0.10 -7.42
C ILE A 54 8.78 0.32 -8.07
N ILE A 55 7.71 0.36 -7.26
CA ILE A 55 6.40 0.76 -7.74
C ILE A 55 5.64 1.53 -6.67
N LYS A 56 4.84 2.51 -7.09
CA LYS A 56 4.06 3.33 -6.17
C LYS A 56 2.67 2.76 -5.97
N VAL A 57 2.25 2.71 -4.71
CA VAL A 57 0.94 2.19 -4.35
C VAL A 57 0.03 3.32 -3.90
N ILE A 58 -1.02 3.58 -4.68
CA ILE A 58 -1.98 4.64 -4.36
C ILE A 58 -3.13 4.10 -3.54
N TYR A 59 -3.50 4.82 -2.49
CA TYR A 59 -4.60 4.41 -1.60
C TYR A 59 -5.27 5.62 -0.95
N ASP A 60 -6.29 5.35 -0.14
CA ASP A 60 -7.02 6.40 0.57
C ASP A 60 -6.25 6.82 1.83
N LYS A 61 -5.52 7.93 1.73
CA LYS A 61 -4.75 8.43 2.86
C LYS A 61 -5.67 8.78 4.03
N ASP A 62 -6.90 9.20 3.75
CA ASP A 62 -7.86 9.53 4.80
C ASP A 62 -8.23 8.30 5.63
N GLN A 63 -8.21 7.12 4.98
CA GLN A 63 -8.55 5.88 5.66
C GLN A 63 -7.29 5.16 6.14
N PHE A 64 -6.20 5.30 5.39
CA PHE A 64 -4.93 4.65 5.73
C PHE A 64 -4.16 5.43 6.80
N VAL A 65 -3.79 6.67 6.48
CA VAL A 65 -3.04 7.52 7.41
C VAL A 65 -3.85 8.73 7.86
N SER A 66 -4.64 8.55 8.92
CA SER A 66 -5.46 9.63 9.46
C SER A 66 -5.74 9.42 10.95
N GLY A 67 -4.72 8.95 11.68
CA GLY A 67 -4.88 8.72 13.11
C GLY A 67 -3.81 9.42 13.91
N GLU A 68 -2.66 8.77 14.05
CA GLU A 68 -1.54 9.34 14.80
C GLU A 68 -0.51 9.96 13.85
N THR A 69 -0.99 10.60 12.78
CA THR A 69 -0.12 11.23 11.81
C THR A 69 0.26 12.64 12.25
N VAL A 70 1.51 12.82 12.67
CA VAL A 70 1.98 14.12 13.14
C VAL A 70 3.46 14.34 12.76
N PRO A 71 3.80 15.53 12.26
CA PRO A 71 5.17 15.86 11.85
C PRO A 71 6.09 16.14 13.05
N ALA A 72 7.19 15.40 13.13
CA ALA A 72 8.16 15.57 14.21
C ALA A 72 9.44 14.76 13.96
N PRO A 73 10.59 15.23 14.46
CA PRO A 73 11.87 14.55 14.30
C PRO A 73 11.95 13.26 15.12
N SER A 74 11.96 12.12 14.42
CA SER A 74 12.02 10.81 15.07
C SER A 74 10.86 10.63 16.05
N ALA A 75 9.67 11.06 15.66
CA ALA A 75 8.49 10.95 16.51
C ALA A 75 7.63 9.75 16.11
N ASN A 76 7.11 9.05 17.11
CA ASN A 76 6.26 7.88 16.88
C ASN A 76 4.79 8.21 17.15
N LYS A 77 4.54 9.06 18.15
CA LYS A 77 3.18 9.45 18.51
C LYS A 77 3.19 10.57 19.55
N GLU A 78 2.20 11.46 19.49
CA GLU A 78 2.10 12.57 20.43
C GLU A 78 0.80 12.50 21.22
N LEU A 79 0.85 11.83 22.37
CA LEU A 79 -0.33 11.68 23.24
C LEU A 79 0.04 11.02 24.57
N VAL A 80 -0.37 11.66 25.67
CA VAL A 80 -0.11 11.13 27.00
C VAL A 80 -1.39 10.57 27.63
N LYS A 81 -2.22 9.94 26.81
CA LYS A 81 -3.48 9.36 27.29
C LYS A 81 -3.31 7.89 27.66
N LEU A 82 -3.32 7.60 28.96
CA LEU A 82 -3.16 6.24 29.45
C LEU A 82 -4.35 5.82 30.34
N GLU A 83 -5.52 6.37 30.04
CA GLU A 83 -6.73 6.06 30.80
C GLU A 83 -7.91 5.78 29.86
N HIS A 84 -7.98 4.55 29.36
CA HIS A 84 -9.05 4.14 28.44
C HIS A 84 -9.06 5.01 27.18
ZN ZN B . 9.58 -7.97 -10.71
N MET A 1 16.01 4.09 -3.07
CA MET A 1 14.85 4.08 -3.99
C MET A 1 14.70 5.43 -4.70
N ALA A 2 14.92 5.44 -6.01
CA ALA A 2 14.82 6.65 -6.81
C ALA A 2 14.29 6.34 -8.21
N VAL A 3 13.47 7.25 -8.76
CA VAL A 3 12.90 7.08 -10.08
C VAL A 3 12.04 5.82 -10.16
N PHE A 4 10.80 5.93 -9.70
CA PHE A 4 9.86 4.81 -9.70
C PHE A 4 9.51 4.37 -11.13
N HIS A 5 9.00 3.15 -11.27
CA HIS A 5 8.62 2.62 -12.57
C HIS A 5 7.22 3.09 -12.96
N ASP A 6 6.22 2.77 -12.14
CA ASP A 6 4.84 3.16 -12.39
C ASP A 6 4.01 3.17 -11.10
N GLU A 7 2.87 3.84 -11.15
CA GLU A 7 1.97 3.93 -9.99
C GLU A 7 0.69 3.12 -10.24
N VAL A 8 0.28 2.35 -9.25
CA VAL A 8 -0.93 1.53 -9.37
C VAL A 8 -1.79 1.64 -8.11
N GLU A 9 -3.11 1.70 -8.30
CA GLU A 9 -4.05 1.80 -7.19
C GLU A 9 -4.06 0.53 -6.36
N ILE A 10 -4.14 0.69 -5.05
CA ILE A 10 -4.16 -0.44 -4.11
C ILE A 10 -5.31 -1.40 -4.42
N GLU A 11 -6.42 -0.85 -4.97
CA GLU A 11 -7.57 -1.67 -5.32
C GLU A 11 -7.20 -2.72 -6.35
N ASP A 12 -6.24 -2.39 -7.22
CA ASP A 12 -5.77 -3.32 -8.25
C ASP A 12 -4.96 -4.46 -7.63
N PHE A 13 -4.30 -4.19 -6.50
CA PHE A 13 -3.48 -5.18 -5.81
C PHE A 13 -4.35 -6.31 -5.27
N GLN A 14 -3.71 -7.38 -4.79
CA GLN A 14 -4.41 -8.53 -4.23
C GLN A 14 -4.28 -8.55 -2.70
N TYR A 15 -5.39 -8.28 -2.00
CA TYR A 15 -5.39 -8.28 -0.55
C TYR A 15 -5.14 -9.69 -0.02
N ASP A 16 -4.04 -9.84 0.73
CA ASP A 16 -3.68 -11.14 1.30
C ASP A 16 -4.05 -11.20 2.78
N GLU A 17 -5.26 -11.68 3.07
CA GLU A 17 -5.75 -11.79 4.45
C GLU A 17 -4.82 -12.63 5.32
N ASP A 18 -4.11 -13.59 4.72
CA ASP A 18 -3.19 -14.46 5.44
C ASP A 18 -2.26 -13.66 6.37
N SER A 19 -1.82 -12.49 5.91
CA SER A 19 -0.94 -11.63 6.70
C SER A 19 -1.12 -10.14 6.36
N GLU A 20 -2.34 -9.77 5.92
CA GLU A 20 -2.66 -8.37 5.58
C GLU A 20 -1.56 -7.74 4.72
N THR A 21 -1.44 -8.23 3.47
CA THR A 21 -0.44 -7.72 2.55
C THR A 21 -1.02 -7.55 1.14
N TYR A 22 -0.44 -6.65 0.35
CA TYR A 22 -0.90 -6.40 -1.02
C TYR A 22 0.17 -6.75 -2.03
N PHE A 23 -0.24 -7.36 -3.15
CA PHE A 23 0.70 -7.77 -4.20
C PHE A 23 0.22 -7.32 -5.57
N TYR A 24 1.16 -7.12 -6.50
CA TYR A 24 0.83 -6.69 -7.86
C TYR A 24 1.58 -7.53 -8.89
N PRO A 25 0.87 -8.00 -9.94
CA PRO A 25 1.48 -8.81 -11.00
C PRO A 25 2.64 -8.10 -11.70
N CYS A 26 3.81 -8.74 -11.71
CA CYS A 26 5.00 -8.18 -12.34
C CYS A 26 5.20 -8.78 -13.73
N PRO A 27 5.68 -7.96 -14.70
CA PRO A 27 5.93 -8.42 -16.07
C PRO A 27 7.09 -9.41 -16.18
N CYS A 28 7.92 -9.47 -15.13
CA CYS A 28 9.07 -10.38 -15.12
C CYS A 28 8.63 -11.82 -14.82
N GLY A 29 7.58 -11.97 -14.01
CA GLY A 29 7.08 -13.29 -13.66
C GLY A 29 6.47 -13.34 -12.27
N ASP A 30 7.19 -12.78 -11.30
CA ASP A 30 6.73 -12.73 -9.91
C ASP A 30 5.74 -11.60 -9.71
N ASN A 31 5.42 -11.31 -8.45
CA ASN A 31 4.48 -10.24 -8.12
C ASN A 31 5.01 -9.39 -6.97
N PHE A 32 4.78 -8.07 -7.06
CA PHE A 32 5.23 -7.13 -6.02
C PHE A 32 4.55 -7.44 -4.68
N SER A 33 5.04 -6.81 -3.61
CA SER A 33 4.48 -7.04 -2.28
C SER A 33 4.63 -5.80 -1.39
N ILE A 34 3.58 -5.51 -0.62
CA ILE A 34 3.57 -4.36 0.29
C ILE A 34 2.63 -4.62 1.48
N THR A 35 3.17 -4.51 2.69
CA THR A 35 2.38 -4.74 3.90
C THR A 35 1.40 -3.59 4.16
N LYS A 36 0.24 -3.91 4.76
CA LYS A 36 -0.78 -2.92 5.06
C LYS A 36 -0.22 -1.82 5.99
N GLU A 37 0.62 -2.23 6.94
CA GLU A 37 1.23 -1.29 7.88
C GLU A 37 2.07 -0.24 7.15
N ASP A 38 2.78 -0.67 6.10
CA ASP A 38 3.63 0.22 5.32
C ASP A 38 2.80 1.38 4.76
N LEU A 39 1.65 1.05 4.18
CA LEU A 39 0.76 2.05 3.60
C LEU A 39 0.31 3.04 4.67
N GLU A 40 -0.12 2.53 5.83
CA GLU A 40 -0.58 3.39 6.93
C GLU A 40 0.53 4.34 7.39
N ASN A 41 1.78 3.93 7.22
CA ASN A 41 2.92 4.75 7.63
C ASN A 41 3.37 5.72 6.53
N GLY A 42 3.30 5.24 5.28
CA GLY A 42 3.72 6.04 4.15
C GLY A 42 4.57 5.28 3.14
N GLU A 43 4.89 4.02 3.45
CA GLU A 43 5.68 3.17 2.56
C GLU A 43 4.81 2.69 1.41
N ASP A 44 4.61 3.56 0.44
CA ASP A 44 3.79 3.26 -0.74
C ASP A 44 4.67 2.72 -1.88
N VAL A 45 5.68 1.93 -1.51
CA VAL A 45 6.60 1.36 -2.50
C VAL A 45 6.68 -0.16 -2.39
N ALA A 46 6.55 -0.84 -3.53
CA ALA A 46 6.62 -2.30 -3.57
C ALA A 46 7.85 -2.75 -4.33
N THR A 47 8.59 -3.69 -3.73
CA THR A 47 9.81 -4.20 -4.35
C THR A 47 9.65 -5.69 -4.68
N CYS A 48 9.99 -6.04 -5.92
CA CYS A 48 9.91 -7.41 -6.39
C CYS A 48 11.25 -8.12 -6.18
N PRO A 49 11.27 -9.20 -5.36
CA PRO A 49 12.48 -9.97 -5.08
C PRO A 49 13.17 -10.50 -6.34
N SER A 50 12.44 -10.57 -7.45
CA SER A 50 12.98 -11.07 -8.71
C SER A 50 13.76 -9.98 -9.46
N CYS A 51 13.04 -9.02 -10.05
CA CYS A 51 13.68 -7.93 -10.80
C CYS A 51 14.27 -6.88 -9.86
N SER A 52 13.73 -6.78 -8.64
CA SER A 52 14.19 -5.81 -7.66
C SER A 52 13.88 -4.37 -8.12
N LEU A 53 12.69 -4.20 -8.68
CA LEU A 53 12.24 -2.90 -9.16
C LEU A 53 11.41 -2.19 -8.10
N ILE A 54 10.91 -1.00 -8.44
CA ILE A 54 10.10 -0.22 -7.51
C ILE A 54 8.81 0.26 -8.17
N ILE A 55 7.73 0.27 -7.38
CA ILE A 55 6.42 0.71 -7.87
C ILE A 55 5.67 1.48 -6.79
N LYS A 56 4.87 2.47 -7.21
CA LYS A 56 4.10 3.28 -6.27
C LYS A 56 2.70 2.72 -6.07
N VAL A 57 2.28 2.69 -4.81
CA VAL A 57 0.97 2.17 -4.45
C VAL A 57 0.04 3.31 -4.00
N ILE A 58 -1.00 3.55 -4.80
CA ILE A 58 -1.96 4.61 -4.50
C ILE A 58 -3.13 4.06 -3.70
N TYR A 59 -3.51 4.77 -2.64
CA TYR A 59 -4.61 4.36 -1.78
C TYR A 59 -5.26 5.57 -1.11
N ASP A 60 -6.26 5.31 -0.27
CA ASP A 60 -6.95 6.38 0.44
C ASP A 60 -6.27 6.69 1.77
N LYS A 61 -5.48 7.77 1.80
CA LYS A 61 -4.77 8.17 3.01
C LYS A 61 -5.75 8.49 4.14
N ASP A 62 -6.95 8.96 3.77
CA ASP A 62 -7.98 9.29 4.77
C ASP A 62 -8.45 8.03 5.50
N GLN A 63 -8.48 6.91 4.78
CA GLN A 63 -8.91 5.63 5.37
C GLN A 63 -7.76 4.97 6.13
N PHE A 64 -6.56 5.01 5.54
CA PHE A 64 -5.38 4.40 6.16
C PHE A 64 -4.91 5.22 7.36
N VAL A 65 -4.30 6.39 7.09
CA VAL A 65 -3.80 7.27 8.15
C VAL A 65 -4.55 8.60 8.18
N SER A 66 -5.59 8.67 9.00
CA SER A 66 -6.40 9.88 9.12
C SER A 66 -6.02 10.68 10.39
N GLY A 67 -4.73 10.70 10.71
CA GLY A 67 -4.27 11.42 11.90
C GLY A 67 -4.74 10.77 13.18
N GLU A 68 -5.99 11.04 13.56
CA GLU A 68 -6.59 10.46 14.77
C GLU A 68 -7.54 9.32 14.41
N THR A 69 -7.19 8.55 13.38
CA THR A 69 -8.01 7.42 12.93
C THR A 69 -8.06 6.33 13.99
N VAL A 70 -9.20 6.20 14.67
CA VAL A 70 -9.38 5.20 15.72
C VAL A 70 -10.83 4.73 15.79
N PRO A 71 -11.04 3.41 16.02
CA PRO A 71 -12.40 2.83 16.11
C PRO A 71 -13.25 3.47 17.21
N ALA A 72 -14.51 3.03 17.30
CA ALA A 72 -15.44 3.56 18.30
C ALA A 72 -14.98 3.24 19.72
N PRO A 73 -15.45 4.03 20.70
CA PRO A 73 -15.09 3.84 22.12
C PRO A 73 -15.67 2.56 22.72
N SER A 74 -14.81 1.78 23.37
CA SER A 74 -15.24 0.54 24.02
C SER A 74 -14.21 0.04 25.03
N ALA A 75 -13.63 0.99 25.79
CA ALA A 75 -12.63 0.64 26.81
C ALA A 75 -12.93 1.33 28.13
N ASN A 76 -12.70 2.65 28.18
CA ASN A 76 -12.95 3.45 29.39
C ASN A 76 -12.08 2.99 30.55
N LYS A 77 -11.04 3.76 30.85
CA LYS A 77 -10.13 3.44 31.94
C LYS A 77 -9.95 4.62 32.90
N GLU A 78 -9.86 4.33 34.19
CA GLU A 78 -9.69 5.35 35.21
C GLU A 78 -8.53 5.01 36.16
N LEU A 79 -7.53 5.88 36.19
CA LEU A 79 -6.36 5.68 37.05
C LEU A 79 -5.50 6.94 37.11
N VAL A 80 -5.19 7.40 38.31
CA VAL A 80 -4.36 8.58 38.51
C VAL A 80 -3.01 8.22 39.10
N LYS A 81 -1.95 8.36 38.31
CA LYS A 81 -0.60 8.05 38.75
C LYS A 81 0.12 9.31 39.22
N LEU A 82 0.43 9.36 40.52
CA LEU A 82 1.11 10.52 41.10
C LEU A 82 2.51 10.14 41.58
N GLU A 83 3.51 10.84 41.05
CA GLU A 83 4.90 10.59 41.42
C GLU A 83 5.67 11.90 41.61
N HIS A 84 5.85 12.29 42.88
CA HIS A 84 6.57 13.53 43.20
C HIS A 84 7.91 13.22 43.87
ZN ZN B . 9.28 -8.18 -10.74
N MET A 1 13.89 8.14 -18.57
CA MET A 1 14.56 7.73 -17.29
C MET A 1 13.92 8.45 -16.09
N ALA A 2 12.60 8.36 -15.99
CA ALA A 2 11.86 8.99 -14.90
C ALA A 2 12.05 8.23 -13.59
N VAL A 3 11.42 8.74 -12.52
CA VAL A 3 11.53 8.11 -11.20
C VAL A 3 10.46 7.04 -11.01
N PHE A 4 10.83 5.96 -10.29
CA PHE A 4 9.92 4.85 -10.02
C PHE A 4 9.48 4.16 -11.32
N HIS A 5 8.74 3.06 -11.18
CA HIS A 5 8.25 2.31 -12.34
C HIS A 5 6.90 2.83 -12.79
N ASP A 6 5.91 2.74 -11.91
CA ASP A 6 4.56 3.21 -12.21
C ASP A 6 3.71 3.28 -10.95
N GLU A 7 2.61 4.02 -11.02
CA GLU A 7 1.69 4.18 -9.89
C GLU A 7 0.39 3.45 -10.17
N VAL A 8 0.02 2.54 -9.28
CA VAL A 8 -1.21 1.77 -9.42
C VAL A 8 -2.05 1.83 -8.15
N GLU A 9 -3.37 1.90 -8.31
CA GLU A 9 -4.30 1.98 -7.19
C GLU A 9 -4.31 0.65 -6.41
N ILE A 10 -4.37 0.76 -5.09
CA ILE A 10 -4.40 -0.41 -4.21
C ILE A 10 -5.55 -1.35 -4.57
N GLU A 11 -6.64 -0.80 -5.10
CA GLU A 11 -7.80 -1.60 -5.49
C GLU A 11 -7.40 -2.65 -6.54
N ASP A 12 -6.42 -2.30 -7.37
CA ASP A 12 -5.93 -3.21 -8.41
C ASP A 12 -5.07 -4.32 -7.81
N PHE A 13 -4.40 -4.02 -6.69
CA PHE A 13 -3.54 -4.98 -6.01
C PHE A 13 -4.35 -6.16 -5.48
N GLN A 14 -3.65 -7.18 -4.96
CA GLN A 14 -4.30 -8.36 -4.40
C GLN A 14 -4.25 -8.33 -2.88
N TYR A 15 -5.40 -8.06 -2.25
CA TYR A 15 -5.48 -8.02 -0.80
C TYR A 15 -5.22 -9.40 -0.21
N ASP A 16 -4.34 -9.45 0.79
CA ASP A 16 -3.98 -10.71 1.45
C ASP A 16 -4.46 -10.71 2.90
N GLU A 17 -5.69 -11.18 3.10
CA GLU A 17 -6.27 -11.24 4.44
C GLU A 17 -5.42 -12.08 5.40
N ASP A 18 -4.66 -13.02 4.84
CA ASP A 18 -3.80 -13.90 5.64
C ASP A 18 -2.94 -13.10 6.63
N SER A 19 -2.25 -12.08 6.12
CA SER A 19 -1.39 -11.24 6.97
C SER A 19 -1.46 -9.77 6.56
N GLU A 20 -2.60 -9.36 6.00
CA GLU A 20 -2.80 -7.98 5.57
C GLU A 20 -1.64 -7.48 4.69
N THR A 21 -1.56 -8.01 3.48
CA THR A 21 -0.50 -7.63 2.54
C THR A 21 -1.07 -7.50 1.12
N TYR A 22 -0.42 -6.68 0.29
CA TYR A 22 -0.87 -6.47 -1.09
C TYR A 22 0.24 -6.82 -2.07
N PHE A 23 -0.12 -7.47 -3.17
CA PHE A 23 0.86 -7.87 -4.18
C PHE A 23 0.44 -7.41 -5.59
N TYR A 24 1.43 -7.19 -6.45
CA TYR A 24 1.17 -6.75 -7.82
C TYR A 24 1.90 -7.63 -8.83
N PRO A 25 1.22 -8.02 -9.93
CA PRO A 25 1.82 -8.87 -10.97
C PRO A 25 2.95 -8.16 -11.74
N CYS A 26 4.13 -8.78 -11.75
CA CYS A 26 5.28 -8.22 -12.44
C CYS A 26 5.49 -8.89 -13.79
N PRO A 27 5.95 -8.13 -14.80
CA PRO A 27 6.19 -8.66 -16.15
C PRO A 27 7.39 -9.61 -16.21
N CYS A 28 8.23 -9.59 -15.17
CA CYS A 28 9.41 -10.44 -15.12
C CYS A 28 9.02 -11.88 -14.76
N GLY A 29 8.09 -12.03 -13.82
CA GLY A 29 7.65 -13.35 -13.40
C GLY A 29 7.01 -13.34 -12.02
N ASP A 30 7.75 -12.83 -11.03
CA ASP A 30 7.25 -12.76 -9.66
C ASP A 30 6.26 -11.61 -9.50
N ASN A 31 5.82 -11.37 -8.25
CA ASN A 31 4.86 -10.31 -7.98
C ASN A 31 5.34 -9.43 -6.83
N PHE A 32 5.09 -8.13 -6.95
CA PHE A 32 5.47 -7.16 -5.92
C PHE A 32 4.75 -7.46 -4.60
N SER A 33 5.22 -6.87 -3.51
CA SER A 33 4.61 -7.08 -2.19
C SER A 33 4.71 -5.84 -1.31
N ILE A 34 3.63 -5.55 -0.59
CA ILE A 34 3.58 -4.40 0.31
C ILE A 34 2.60 -4.65 1.46
N THR A 35 3.07 -4.51 2.69
CA THR A 35 2.24 -4.73 3.87
C THR A 35 1.23 -3.60 4.05
N LYS A 36 0.07 -3.93 4.62
CA LYS A 36 -0.99 -2.94 4.85
C LYS A 36 -0.49 -1.83 5.76
N GLU A 37 0.31 -2.19 6.77
CA GLU A 37 0.86 -1.22 7.70
C GLU A 37 1.74 -0.19 6.99
N ASP A 38 2.53 -0.66 6.02
CA ASP A 38 3.41 0.21 5.25
C ASP A 38 2.61 1.34 4.59
N LEU A 39 1.50 0.97 3.94
CA LEU A 39 0.65 1.95 3.29
C LEU A 39 0.03 2.90 4.29
N GLU A 40 -0.39 2.38 5.44
CA GLU A 40 -0.98 3.20 6.49
C GLU A 40 0.00 4.22 7.05
N ASN A 41 1.30 3.88 6.98
CA ASN A 41 2.34 4.78 7.49
C ASN A 41 2.84 5.74 6.42
N GLY A 42 2.94 5.24 5.18
CA GLY A 42 3.43 6.06 4.08
C GLY A 42 4.23 5.25 3.08
N GLU A 43 4.71 4.07 3.50
CA GLU A 43 5.50 3.20 2.63
C GLU A 43 4.66 2.67 1.47
N ASP A 44 4.48 3.50 0.45
CA ASP A 44 3.71 3.13 -0.73
C ASP A 44 4.63 2.63 -1.84
N VAL A 45 5.65 1.86 -1.46
CA VAL A 45 6.59 1.31 -2.42
C VAL A 45 6.70 -0.20 -2.30
N ALA A 46 6.59 -0.88 -3.43
CA ALA A 46 6.69 -2.34 -3.45
C ALA A 46 7.94 -2.77 -4.21
N THR A 47 8.69 -3.69 -3.62
CA THR A 47 9.91 -4.19 -4.23
C THR A 47 9.76 -5.66 -4.63
N CYS A 48 10.14 -5.97 -5.87
CA CYS A 48 10.04 -7.33 -6.38
C CYS A 48 11.36 -8.08 -6.15
N PRO A 49 11.33 -9.15 -5.33
CA PRO A 49 12.53 -9.95 -5.03
C PRO A 49 13.23 -10.49 -6.28
N SER A 50 12.51 -10.53 -7.40
CA SER A 50 13.07 -11.03 -8.65
C SER A 50 13.86 -9.95 -9.39
N CYS A 51 13.16 -9.00 -10.00
CA CYS A 51 13.82 -7.92 -10.75
C CYS A 51 14.39 -6.86 -9.81
N SER A 52 13.80 -6.73 -8.62
CA SER A 52 14.26 -5.74 -7.64
C SER A 52 13.93 -4.33 -8.10
N LEU A 53 12.73 -4.15 -8.65
CA LEU A 53 12.27 -2.85 -9.13
C LEU A 53 11.44 -2.15 -8.06
N ILE A 54 10.96 -0.95 -8.38
CA ILE A 54 10.15 -0.17 -7.45
C ILE A 54 8.83 0.25 -8.09
N ILE A 55 7.76 0.27 -7.30
CA ILE A 55 6.44 0.67 -7.79
C ILE A 55 5.66 1.44 -6.73
N LYS A 56 4.89 2.44 -7.16
CA LYS A 56 4.11 3.27 -6.25
C LYS A 56 2.71 2.71 -6.08
N VAL A 57 2.29 2.64 -4.81
CA VAL A 57 0.97 2.13 -4.47
C VAL A 57 0.04 3.26 -4.02
N ILE A 58 -0.99 3.53 -4.81
CA ILE A 58 -1.95 4.58 -4.50
C ILE A 58 -3.12 4.04 -3.68
N TYR A 59 -3.49 4.76 -2.63
CA TYR A 59 -4.60 4.34 -1.77
C TYR A 59 -5.21 5.55 -1.06
N ASP A 60 -6.24 5.29 -0.23
CA ASP A 60 -6.90 6.36 0.51
C ASP A 60 -6.16 6.66 1.80
N LYS A 61 -5.35 7.72 1.79
CA LYS A 61 -4.58 8.10 2.97
C LYS A 61 -5.51 8.44 4.14
N ASP A 62 -6.71 8.93 3.83
CA ASP A 62 -7.69 9.28 4.87
C ASP A 62 -8.14 8.04 5.64
N GLN A 63 -8.20 6.89 4.94
CA GLN A 63 -8.61 5.64 5.56
C GLN A 63 -7.40 4.84 6.05
N PHE A 64 -6.33 4.83 5.25
CA PHE A 64 -5.11 4.09 5.60
C PHE A 64 -4.33 4.82 6.70
N VAL A 65 -3.95 6.06 6.42
CA VAL A 65 -3.19 6.87 7.38
C VAL A 65 -4.11 7.44 8.46
N SER A 66 -4.41 6.63 9.47
CA SER A 66 -5.28 7.06 10.56
C SER A 66 -4.45 7.62 11.73
N GLY A 67 -4.24 8.94 11.72
CA GLY A 67 -3.47 9.59 12.77
C GLY A 67 -4.25 9.70 14.07
N GLU A 68 -4.87 10.86 14.28
CA GLU A 68 -5.66 11.10 15.48
C GLU A 68 -7.16 10.93 15.20
N THR A 69 -7.49 10.01 14.30
CA THR A 69 -8.89 9.74 13.94
C THR A 69 -9.12 8.24 13.77
N VAL A 70 -10.14 7.73 14.46
CA VAL A 70 -10.48 6.31 14.40
C VAL A 70 -11.64 6.05 13.42
N PRO A 71 -11.57 4.95 12.64
CA PRO A 71 -12.61 4.60 11.66
C PRO A 71 -13.99 4.44 12.30
N ALA A 72 -15.01 4.21 11.46
CA ALA A 72 -16.38 4.06 11.95
C ALA A 72 -17.15 3.01 11.14
N PRO A 73 -18.14 2.35 11.78
CA PRO A 73 -18.97 1.32 11.12
C PRO A 73 -19.93 1.91 10.09
N SER A 74 -20.25 1.12 9.07
CA SER A 74 -21.16 1.56 8.01
C SER A 74 -21.92 0.39 7.40
N ALA A 75 -23.07 0.68 6.78
CA ALA A 75 -23.89 -0.35 6.14
C ALA A 75 -23.78 -0.27 4.63
N ASN A 76 -23.84 -1.44 3.98
CA ASN A 76 -23.76 -1.51 2.53
C ASN A 76 -24.94 -2.30 1.95
N LYS A 77 -26.12 -2.14 2.56
CA LYS A 77 -27.32 -2.85 2.10
C LYS A 77 -28.44 -1.86 1.78
N GLU A 78 -28.07 -0.71 1.22
CA GLU A 78 -29.05 0.32 0.86
C GLU A 78 -29.61 0.08 -0.53
N LEU A 79 -30.76 -0.58 -0.61
CA LEU A 79 -31.41 -0.86 -1.89
C LEU A 79 -32.88 -0.45 -1.87
N VAL A 80 -33.17 0.66 -1.18
CA VAL A 80 -34.54 1.16 -1.08
C VAL A 80 -34.82 2.17 -2.20
N LYS A 81 -35.64 1.75 -3.17
CA LYS A 81 -36.02 2.60 -4.30
C LYS A 81 -34.80 2.99 -5.14
N LEU A 82 -34.45 2.15 -6.13
CA LEU A 82 -33.31 2.40 -6.99
C LEU A 82 -33.68 3.37 -8.12
N GLU A 83 -32.72 4.22 -8.49
CA GLU A 83 -32.95 5.21 -9.56
C GLU A 83 -31.65 5.46 -10.34
N HIS A 84 -31.78 6.17 -11.46
CA HIS A 84 -30.62 6.47 -12.31
C HIS A 84 -30.60 7.96 -12.67
ZN ZN B . 9.50 -8.04 -10.81
N MET A 1 13.29 3.95 -17.22
CA MET A 1 14.00 5.16 -16.70
C MET A 1 13.79 5.32 -15.20
N ALA A 2 14.53 6.26 -14.61
CA ALA A 2 14.43 6.52 -13.17
C ALA A 2 13.07 7.12 -12.81
N VAL A 3 12.94 7.56 -11.56
CA VAL A 3 11.69 8.15 -11.07
C VAL A 3 10.60 7.08 -10.96
N PHE A 4 10.89 6.03 -10.17
CA PHE A 4 9.96 4.92 -9.98
C PHE A 4 9.58 4.27 -11.31
N HIS A 5 8.68 3.29 -11.26
CA HIS A 5 8.23 2.60 -12.47
C HIS A 5 6.86 3.08 -12.91
N ASP A 6 5.88 2.94 -12.03
CA ASP A 6 4.51 3.35 -12.31
C ASP A 6 3.66 3.35 -11.04
N GLU A 7 2.57 4.11 -11.06
CA GLU A 7 1.66 4.20 -9.91
C GLU A 7 0.45 3.31 -10.13
N VAL A 8 0.07 2.55 -9.10
CA VAL A 8 -1.08 1.66 -9.18
C VAL A 8 -1.94 1.75 -7.92
N GLU A 9 -3.27 1.73 -8.12
CA GLU A 9 -4.21 1.81 -7.00
C GLU A 9 -4.23 0.50 -6.22
N ILE A 10 -4.31 0.62 -4.89
CA ILE A 10 -4.34 -0.54 -4.01
C ILE A 10 -5.51 -1.48 -4.34
N GLU A 11 -6.61 -0.90 -4.86
CA GLU A 11 -7.78 -1.68 -5.23
C GLU A 11 -7.42 -2.76 -6.27
N ASP A 12 -6.45 -2.43 -7.13
CA ASP A 12 -6.01 -3.36 -8.17
C ASP A 12 -5.19 -4.51 -7.57
N PHE A 13 -4.48 -4.23 -6.47
CA PHE A 13 -3.65 -5.23 -5.80
C PHE A 13 -4.51 -6.37 -5.25
N GLN A 14 -3.89 -7.53 -5.04
CA GLN A 14 -4.59 -8.69 -4.51
C GLN A 14 -4.38 -8.80 -3.00
N TYR A 15 -5.24 -8.14 -2.24
CA TYR A 15 -5.15 -8.15 -0.78
C TYR A 15 -5.43 -9.54 -0.22
N ASP A 16 -4.84 -9.83 0.93
CA ASP A 16 -5.02 -11.12 1.58
C ASP A 16 -4.98 -10.96 3.10
N GLU A 17 -6.16 -10.97 3.73
CA GLU A 17 -6.25 -10.83 5.19
C GLU A 17 -5.35 -11.84 5.91
N ASP A 18 -5.13 -12.99 5.27
CA ASP A 18 -4.29 -14.05 5.83
C ASP A 18 -2.91 -13.51 6.23
N SER A 19 -2.30 -12.74 5.33
CA SER A 19 -0.98 -12.16 5.59
C SER A 19 -1.05 -10.64 5.80
N GLU A 20 -2.16 -10.02 5.39
CA GLU A 20 -2.33 -8.57 5.53
C GLU A 20 -1.30 -7.82 4.68
N THR A 21 -1.12 -8.27 3.45
CA THR A 21 -0.16 -7.66 2.52
C THR A 21 -0.74 -7.61 1.11
N TYR A 22 -0.34 -6.60 0.33
CA TYR A 22 -0.81 -6.43 -1.04
C TYR A 22 0.28 -6.82 -2.03
N PHE A 23 -0.12 -7.48 -3.13
CA PHE A 23 0.83 -7.91 -4.16
C PHE A 23 0.38 -7.47 -5.55
N TYR A 24 1.35 -7.39 -6.48
CA TYR A 24 1.06 -6.98 -7.85
C TYR A 24 1.85 -7.83 -8.85
N PRO A 25 1.21 -8.24 -9.96
CA PRO A 25 1.87 -9.06 -10.99
C PRO A 25 2.98 -8.30 -11.71
N CYS A 26 4.19 -8.88 -11.70
CA CYS A 26 5.34 -8.27 -12.35
C CYS A 26 5.56 -8.87 -13.73
N PRO A 27 6.01 -8.05 -14.69
CA PRO A 27 6.28 -8.51 -16.06
C PRO A 27 7.47 -9.47 -16.15
N CYS A 28 8.31 -9.49 -15.11
CA CYS A 28 9.48 -10.37 -15.09
C CYS A 28 9.08 -11.81 -14.79
N GLY A 29 8.09 -11.99 -13.89
CA GLY A 29 7.65 -13.32 -13.53
C GLY A 29 7.03 -13.36 -12.14
N ASP A 30 7.74 -12.81 -11.16
CA ASP A 30 7.26 -12.77 -9.78
C ASP A 30 6.23 -11.67 -9.58
N ASN A 31 5.85 -11.42 -8.33
CA ASN A 31 4.87 -10.37 -8.02
C ASN A 31 5.35 -9.49 -6.87
N PHE A 32 5.07 -8.19 -6.98
CA PHE A 32 5.46 -7.22 -5.95
C PHE A 32 4.76 -7.52 -4.62
N SER A 33 5.21 -6.86 -3.55
CA SER A 33 4.61 -7.07 -2.23
C SER A 33 4.75 -5.82 -1.36
N ILE A 34 3.69 -5.50 -0.62
CA ILE A 34 3.67 -4.34 0.28
C ILE A 34 2.71 -4.59 1.46
N THR A 35 3.24 -4.47 2.67
CA THR A 35 2.43 -4.69 3.88
C THR A 35 1.44 -3.55 4.10
N LYS A 36 0.29 -3.89 4.69
CA LYS A 36 -0.76 -2.90 4.97
C LYS A 36 -0.23 -1.79 5.88
N GLU A 37 0.59 -2.17 6.86
CA GLU A 37 1.16 -1.20 7.79
C GLU A 37 2.02 -0.17 7.07
N ASP A 38 2.75 -0.61 6.05
CA ASP A 38 3.61 0.27 5.26
C ASP A 38 2.79 1.41 4.64
N LEU A 39 1.67 1.05 4.02
CA LEU A 39 0.81 2.04 3.39
C LEU A 39 0.26 3.02 4.43
N GLU A 40 -0.18 2.50 5.57
CA GLU A 40 -0.72 3.35 6.65
C GLU A 40 0.35 4.31 7.17
N ASN A 41 1.61 3.89 7.14
CA ASN A 41 2.71 4.72 7.62
C ASN A 41 3.20 5.70 6.54
N GLY A 42 3.22 5.25 5.29
CA GLY A 42 3.67 6.09 4.19
C GLY A 42 4.46 5.31 3.15
N GLU A 43 4.91 4.10 3.51
CA GLU A 43 5.68 3.25 2.60
C GLU A 43 4.79 2.74 1.46
N ASP A 44 4.61 3.59 0.45
CA ASP A 44 3.80 3.25 -0.72
C ASP A 44 4.70 2.76 -1.85
N VAL A 45 5.69 1.95 -1.51
CA VAL A 45 6.62 1.41 -2.50
C VAL A 45 6.73 -0.11 -2.39
N ALA A 46 6.63 -0.79 -3.53
CA ALA A 46 6.73 -2.24 -3.57
C ALA A 46 8.00 -2.66 -4.30
N THR A 47 8.72 -3.61 -3.73
CA THR A 47 9.96 -4.10 -4.33
C THR A 47 9.84 -5.58 -4.67
N CYS A 48 10.24 -5.93 -5.89
CA CYS A 48 10.18 -7.32 -6.35
C CYS A 48 11.47 -8.06 -6.00
N PRO A 49 11.37 -9.27 -5.46
CA PRO A 49 12.53 -10.08 -5.08
C PRO A 49 13.31 -10.63 -6.28
N SER A 50 12.74 -10.47 -7.49
CA SER A 50 13.39 -10.95 -8.70
C SER A 50 14.13 -9.83 -9.43
N CYS A 51 13.36 -8.92 -10.05
CA CYS A 51 13.95 -7.79 -10.78
C CYS A 51 14.50 -6.72 -9.84
N SER A 52 13.92 -6.62 -8.64
CA SER A 52 14.34 -5.63 -7.65
C SER A 52 14.01 -4.21 -8.13
N LEU A 53 12.81 -4.04 -8.68
CA LEU A 53 12.35 -2.75 -9.17
C LEU A 53 11.53 -2.03 -8.11
N ILE A 54 10.97 -0.88 -8.48
CA ILE A 54 10.15 -0.08 -7.56
C ILE A 54 8.83 0.33 -8.19
N ILE A 55 7.77 0.35 -7.39
CA ILE A 55 6.44 0.74 -7.87
C ILE A 55 5.67 1.50 -6.79
N LYS A 56 4.88 2.50 -7.21
CA LYS A 56 4.10 3.30 -6.27
C LYS A 56 2.71 2.71 -6.05
N VAL A 57 2.31 2.66 -4.79
CA VAL A 57 1.02 2.13 -4.41
C VAL A 57 0.09 3.25 -3.95
N ILE A 58 -0.97 3.48 -4.72
CA ILE A 58 -1.94 4.52 -4.39
C ILE A 58 -3.09 3.95 -3.55
N TYR A 59 -3.47 4.67 -2.51
CA TYR A 59 -4.54 4.23 -1.62
C TYR A 59 -5.24 5.42 -0.96
N ASP A 60 -6.25 5.13 -0.13
CA ASP A 60 -6.99 6.17 0.56
C ASP A 60 -6.29 6.55 1.86
N LYS A 61 -5.50 7.62 1.81
CA LYS A 61 -4.77 8.08 3.00
C LYS A 61 -5.73 8.45 4.12
N ASP A 62 -6.90 8.98 3.76
CA ASP A 62 -7.90 9.36 4.75
C ASP A 62 -8.41 8.13 5.51
N GLN A 63 -8.48 7.00 4.81
CA GLN A 63 -8.94 5.76 5.43
C GLN A 63 -7.79 5.03 6.13
N PHE A 64 -6.60 5.09 5.53
CA PHE A 64 -5.42 4.44 6.09
C PHE A 64 -4.89 5.20 7.31
N VAL A 65 -4.39 6.41 7.07
CA VAL A 65 -3.84 7.25 8.15
C VAL A 65 -4.71 8.48 8.40
N SER A 66 -5.63 8.37 9.36
CA SER A 66 -6.52 9.48 9.71
C SER A 66 -6.14 10.09 11.05
N GLY A 67 -4.84 10.11 11.35
CA GLY A 67 -4.38 10.68 12.61
C GLY A 67 -4.23 12.19 12.53
N GLU A 68 -3.55 12.67 11.49
CA GLU A 68 -3.35 14.10 11.29
C GLU A 68 -4.24 14.63 10.16
N THR A 69 -5.42 14.04 10.02
CA THR A 69 -6.37 14.45 8.97
C THR A 69 -7.77 14.61 9.55
N VAL A 70 -8.50 15.60 9.05
CA VAL A 70 -9.87 15.85 9.52
C VAL A 70 -10.88 14.97 8.76
N PRO A 71 -11.54 14.03 9.48
CA PRO A 71 -12.52 13.12 8.87
C PRO A 71 -13.64 13.86 8.15
N ALA A 72 -13.87 13.50 6.88
CA ALA A 72 -14.91 14.13 6.08
C ALA A 72 -15.84 13.10 5.44
N PRO A 73 -17.11 13.47 5.22
CA PRO A 73 -18.11 12.58 4.62
C PRO A 73 -17.85 12.35 3.12
N SER A 74 -18.57 11.38 2.54
CA SER A 74 -18.43 11.06 1.12
C SER A 74 -19.58 10.20 0.64
N ALA A 75 -20.46 10.80 -0.17
CA ALA A 75 -21.63 10.10 -0.70
C ALA A 75 -21.79 10.38 -2.20
N ASN A 76 -21.53 9.37 -3.03
CA ASN A 76 -21.64 9.50 -4.48
C ASN A 76 -23.11 9.60 -4.90
N LYS A 77 -23.47 10.75 -5.49
CA LYS A 77 -24.85 10.97 -5.94
C LYS A 77 -24.88 11.78 -7.24
N GLU A 78 -25.77 11.36 -8.15
CA GLU A 78 -25.93 12.03 -9.46
C GLU A 78 -24.66 11.92 -10.29
N LEU A 79 -24.32 10.70 -10.69
CA LEU A 79 -23.14 10.44 -11.51
C LEU A 79 -23.19 9.06 -12.16
N VAL A 80 -24.39 8.61 -12.52
CA VAL A 80 -24.56 7.30 -13.14
C VAL A 80 -24.11 7.31 -14.60
N LYS A 81 -23.18 6.42 -14.93
CA LYS A 81 -22.66 6.31 -16.30
C LYS A 81 -22.89 4.91 -16.86
N LEU A 82 -23.82 4.80 -17.81
CA LEU A 82 -24.15 3.53 -18.44
C LEU A 82 -22.99 3.02 -19.30
N GLU A 83 -23.02 1.73 -19.64
CA GLU A 83 -21.98 1.11 -20.44
C GLU A 83 -22.51 -0.06 -21.26
N HIS A 84 -21.67 -0.63 -22.12
CA HIS A 84 -22.05 -1.76 -22.96
C HIS A 84 -21.61 -3.08 -22.33
ZN ZN B . 9.59 -8.10 -10.74
#